data_6IK7
#
_entry.id   6IK7
#
_cell.length_a   93.608
_cell.length_b   97.954
_cell.length_c   161.252
_cell.angle_alpha   90.00
_cell.angle_beta   90.00
_cell.angle_gamma   90.00
#
_symmetry.space_group_name_H-M   'P 21 21 21'
#
loop_
_entity.id
_entity.type
_entity.pdbx_description
1 polymer Beta-galactosidase
2 branched 2-acetamido-2-deoxy-beta-D-glucopyranose-(1-4)-2-acetamido-2-deoxy-beta-D-glucopyranose
3 branched beta-D-galactopyranose-(1-3)-beta-D-galactopyranose
4 non-polymer 2-acetamido-2-deoxy-beta-D-glucopyranose
5 water water
#
_entity_poly.entity_id   1
_entity_poly.type   'polypeptide(L)'
_entity_poly.pdbx_seq_one_letter_code
;EAEAEFSVSYDDRAIIINGKRKILISGSIHYPRSTPQMWPDLIQKAKDGGLDVIETYVFWNGHEPSPGKYNFEGRYDLVR
FIKMVQRAGLYVNLRIGPYVCAEWNFGGFPVWLKYVPGMEFRTNNQPFKVAMQGFVQKIVNMMKSENLFESQGGPIIMAQ
IENAYGPVEWEIGAPGKAYTKWAAQMAVGLKTGVPWIMCKQEDAPDPVIDTCNGFYCEGFRPNKPYKPKMWTEVWTGWYT
KFGGPIPQRPAEDIAFSVARFVQNNGSFFNYYMYHGGTNFGRTSSGLFIATSYDYDAPLDEYGLLNEPKYGHLRDLHKAI
KLSEPALVSSYAAVTSLGSNQEAHVYRSKSGACAAFLSNYDSRYSVKVTFQNRPYNLPPWSISILPDCKTAVYNTAQVNS
QSSSIKMTPAGGGLSWQSYNEETPTADDSDTLTANGLWEQKNVTRDSSDYLWYMTNVNIASNEGFLKNGKDPYLTVMSAG
HVLHVFVNGKLSGTVYGTLDNPKLTYSGNVKLRAGINKISLLSVSVGLPNVGVHYDTWNAGVLGPVTLSGLNEGSRNLAK
QKWSYKVGLKGESLSLHSLSGSSSVEWVRGSLMAQKQPLTWYKATFNAPGGNDPLALDMASMGKGQIWINGEGVGRHWPG
YIAQGDCSKCSYAGTFNEKKCQTNCGQPSQRWYHVPRSWLKPSGNLLVVFEEWGGNPTGISLVRRSRSAAAASFLEQK
;
_entity_poly.pdbx_strand_id   B,A
#
loop_
_chem_comp.id
_chem_comp.type
_chem_comp.name
_chem_comp.formula
GAL D-saccharide, beta linking beta-D-galactopyranose 'C6 H12 O6'
NAG D-saccharide, beta linking 2-acetamido-2-deoxy-beta-D-glucopyranose 'C8 H15 N O6'
#
# COMPACT_ATOMS: atom_id res chain seq x y z
N GLU A 5 19.17 32.41 40.60
CA GLU A 5 20.25 31.40 40.84
C GLU A 5 20.01 30.12 40.03
N PHE A 6 18.78 29.60 40.06
CA PHE A 6 18.39 28.34 39.36
C PHE A 6 17.09 28.61 38.62
N SER A 7 17.15 28.60 37.30
CA SER A 7 16.02 28.98 36.42
C SER A 7 16.25 28.46 35.00
N VAL A 8 15.19 27.99 34.36
CA VAL A 8 15.18 27.72 32.90
C VAL A 8 14.02 28.49 32.29
N SER A 9 14.34 29.53 31.54
CA SER A 9 13.36 30.23 30.67
C SER A 9 13.90 30.17 29.24
N TYR A 10 13.26 30.86 28.32
CA TYR A 10 13.65 30.80 26.89
C TYR A 10 13.30 32.13 26.22
N ASP A 11 13.96 32.40 25.11
CA ASP A 11 13.64 33.56 24.25
C ASP A 11 13.64 33.06 22.81
N ASP A 12 13.46 34.00 21.88
CA ASP A 12 13.34 33.71 20.42
C ASP A 12 14.63 33.05 19.92
N ARG A 13 15.74 33.25 20.62
CA ARG A 13 17.07 32.77 20.22
C ARG A 13 17.25 31.32 20.70
N ALA A 14 17.28 31.07 22.01
CA ALA A 14 17.65 29.73 22.54
C ALA A 14 17.02 29.48 23.91
N ILE A 15 17.39 28.36 24.52
CA ILE A 15 17.06 28.05 25.93
C ILE A 15 17.95 28.90 26.84
N ILE A 16 17.37 29.43 27.93
CA ILE A 16 18.14 30.21 28.95
C ILE A 16 18.25 29.36 30.21
N ILE A 17 19.41 28.74 30.39
CA ILE A 17 19.75 27.97 31.61
C ILE A 17 20.64 28.87 32.46
N ASN A 18 20.04 29.42 33.52
CA ASN A 18 20.75 30.18 34.59
C ASN A 18 21.06 31.57 34.05
N GLY A 19 20.06 32.23 33.46
CA GLY A 19 20.17 33.58 32.86
C GLY A 19 21.08 33.63 31.65
N LYS A 20 21.56 32.48 31.17
CA LYS A 20 22.48 32.40 30.01
C LYS A 20 21.84 31.54 28.91
N ARG A 21 21.75 32.07 27.68
CA ARG A 21 21.33 31.28 26.50
C ARG A 21 22.36 30.19 26.24
N LYS A 22 21.92 29.09 25.66
CA LYS A 22 22.84 27.98 25.29
C LYS A 22 22.35 27.33 24.00
N ILE A 23 23.31 26.93 23.17
CA ILE A 23 23.09 25.97 22.05
C ILE A 23 23.35 24.57 22.59
N LEU A 24 22.29 23.76 22.61
CA LEU A 24 22.27 22.48 23.36
C LEU A 24 22.38 21.33 22.36
N ILE A 25 23.49 20.62 22.46
CA ILE A 25 23.71 19.31 21.81
C ILE A 25 23.25 18.20 22.76
N SER A 26 22.42 17.28 22.28
CA SER A 26 21.68 16.29 23.11
C SER A 26 21.68 14.92 22.44
N GLY A 27 21.46 13.88 23.24
CA GLY A 27 21.41 12.48 22.76
C GLY A 27 20.36 11.66 23.46
N SER A 28 19.58 10.88 22.71
CA SER A 28 18.57 9.96 23.28
C SER A 28 19.28 8.70 23.78
N ILE A 29 19.10 8.37 25.05
CA ILE A 29 19.52 7.05 25.61
C ILE A 29 18.35 6.48 26.40
N HIS A 30 17.60 5.57 25.80
CA HIS A 30 16.41 4.97 26.46
C HIS A 30 16.88 4.02 27.57
N TYR A 31 16.60 4.34 28.85
CA TYR A 31 17.17 3.61 30.01
C TYR A 31 16.81 2.12 29.94
N PRO A 32 15.56 1.72 29.63
CA PRO A 32 15.19 0.31 29.71
C PRO A 32 15.85 -0.54 28.62
N ARG A 33 16.57 0.08 27.69
CA ARG A 33 17.22 -0.67 26.58
C ARG A 33 18.70 -0.85 26.91
N SER A 34 19.11 -0.59 28.15
CA SER A 34 20.50 -0.77 28.67
C SER A 34 20.40 -1.46 30.03
N THR A 35 21.51 -1.93 30.59
CA THR A 35 21.54 -2.41 32.00
C THR A 35 22.05 -1.28 32.88
N PRO A 36 21.56 -1.18 34.14
CA PRO A 36 22.00 -0.11 35.03
C PRO A 36 23.54 -0.04 35.05
N GLN A 37 24.17 -1.20 35.01
CA GLN A 37 25.65 -1.33 35.02
C GLN A 37 26.27 -0.65 33.77
N MET A 38 25.61 -0.69 32.62
CA MET A 38 26.15 -0.04 31.40
C MET A 38 25.96 1.48 31.48
N TRP A 39 24.94 1.94 32.21
CA TRP A 39 24.45 3.34 32.18
C TRP A 39 25.60 4.34 32.28
N PRO A 40 26.46 4.32 33.32
CA PRO A 40 27.46 5.37 33.50
C PRO A 40 28.49 5.43 32.37
N ASP A 41 28.87 4.27 31.80
CA ASP A 41 29.86 4.20 30.70
C ASP A 41 29.23 4.81 29.45
N LEU A 42 27.97 4.46 29.17
CA LEU A 42 27.20 5.03 28.03
C LEU A 42 27.10 6.55 28.21
N ILE A 43 26.70 7.01 29.40
CA ILE A 43 26.58 8.45 29.73
C ILE A 43 27.96 9.13 29.58
N GLN A 44 29.02 8.48 30.04
CA GLN A 44 30.39 9.01 29.88
C GLN A 44 30.73 9.07 28.39
N LYS A 45 30.42 8.03 27.62
CA LYS A 45 30.69 8.01 26.16
C LYS A 45 29.98 9.22 25.51
N ALA A 46 28.76 9.51 25.96
CA ALA A 46 27.96 10.68 25.52
C ALA A 46 28.71 11.96 25.87
N LYS A 47 29.12 12.10 27.13
CA LYS A 47 29.84 13.32 27.60
C LYS A 47 31.06 13.54 26.70
N ASP A 48 31.87 12.49 26.47
CA ASP A 48 33.09 12.56 25.62
C ASP A 48 32.71 12.95 24.19
N GLY A 49 31.47 12.68 23.76
CA GLY A 49 31.02 12.90 22.39
C GLY A 49 30.55 14.32 22.12
N GLY A 50 30.50 15.17 23.15
CA GLY A 50 30.14 16.60 23.02
C GLY A 50 28.69 16.90 23.35
N LEU A 51 28.02 16.04 24.12
CA LEU A 51 26.59 16.21 24.44
C LEU A 51 26.44 17.03 25.72
N ASP A 52 25.54 18.01 25.72
CA ASP A 52 25.20 18.81 26.92
C ASP A 52 24.04 18.12 27.64
N VAL A 53 23.18 17.44 26.89
CA VAL A 53 21.85 16.97 27.39
C VAL A 53 21.69 15.50 27.04
N ILE A 54 20.97 14.76 27.88
CA ILE A 54 20.53 13.36 27.62
C ILE A 54 19.02 13.32 27.68
N GLU A 55 18.43 12.88 26.59
CA GLU A 55 16.96 12.85 26.39
C GLU A 55 16.50 11.42 26.59
N THR A 56 15.33 11.23 27.18
CA THR A 56 14.70 9.90 27.23
C THR A 56 13.19 10.03 27.38
N TYR A 57 12.49 8.97 27.01
CA TYR A 57 11.06 8.78 27.29
C TYR A 57 10.90 8.19 28.69
N VAL A 58 9.68 8.26 29.21
CA VAL A 58 9.29 7.48 30.41
C VAL A 58 8.48 6.31 29.88
N PHE A 59 8.67 5.11 30.43
CA PHE A 59 7.98 3.91 29.88
C PHE A 59 6.80 3.54 30.77
N TRP A 60 5.67 4.17 30.48
CA TRP A 60 4.35 3.99 31.12
C TRP A 60 4.10 2.52 31.43
N ASN A 61 4.26 1.63 30.44
CA ASN A 61 3.81 0.21 30.59
C ASN A 61 4.91 -0.63 31.24
N GLY A 62 6.17 -0.25 31.09
CA GLY A 62 7.27 -0.79 31.92
C GLY A 62 7.02 -0.50 33.40
N HIS A 63 6.46 0.68 33.72
CA HIS A 63 6.44 1.19 35.11
C HIS A 63 5.19 0.73 35.86
N GLU A 64 4.10 0.47 35.14
CA GLU A 64 2.82 -0.02 35.76
C GLU A 64 2.43 -1.31 35.05
N PRO A 65 3.00 -2.47 35.44
CA PRO A 65 2.56 -3.76 34.90
C PRO A 65 1.06 -4.06 35.09
N SER A 66 0.47 -3.53 36.16
CA SER A 66 -0.98 -3.60 36.49
C SER A 66 -1.34 -2.35 37.27
N PRO A 67 -2.61 -1.88 37.25
CA PRO A 67 -2.95 -0.59 37.83
C PRO A 67 -2.48 -0.51 39.30
N GLY A 68 -1.91 0.63 39.69
CA GLY A 68 -1.57 0.93 41.09
C GLY A 68 -0.33 0.18 41.55
N LYS A 69 0.11 -0.84 40.81
CA LYS A 69 1.35 -1.59 41.15
C LYS A 69 2.48 -1.12 40.23
N TYR A 70 3.48 -0.43 40.79
CA TYR A 70 4.55 0.22 40.00
C TYR A 70 5.87 -0.53 40.13
N ASN A 71 6.77 -0.28 39.18
CA ASN A 71 8.11 -0.92 39.09
C ASN A 71 9.11 0.13 38.63
N PHE A 72 9.98 0.59 39.53
CA PHE A 72 11.15 1.44 39.18
C PHE A 72 12.42 0.74 39.67
N GLU A 73 12.52 -0.56 39.40
CA GLU A 73 13.70 -1.38 39.76
C GLU A 73 14.52 -1.68 38.50
N GLY A 74 15.78 -2.07 38.69
CA GLY A 74 16.68 -2.54 37.63
C GLY A 74 16.76 -1.55 36.49
N ARG A 75 16.54 -2.01 35.26
CA ARG A 75 16.50 -1.18 34.04
C ARG A 75 15.45 -0.08 34.16
N TYR A 76 14.53 -0.18 35.12
CA TYR A 76 13.40 0.79 35.22
C TYR A 76 13.61 1.71 36.43
N ASP A 77 14.79 1.69 37.07
CA ASP A 77 15.17 2.73 38.08
C ASP A 77 15.46 4.04 37.31
N LEU A 78 14.39 4.76 36.99
CA LEU A 78 14.42 6.00 36.17
C LEU A 78 15.11 7.10 36.97
N VAL A 79 14.76 7.24 38.25
CA VAL A 79 15.34 8.27 39.17
C VAL A 79 16.84 8.05 39.27
N ARG A 80 17.28 6.78 39.37
CA ARG A 80 18.72 6.42 39.37
C ARG A 80 19.34 6.91 38.07
N PHE A 81 18.68 6.66 36.94
CA PHE A 81 19.23 6.94 35.59
C PHE A 81 19.39 8.46 35.44
N ILE A 82 18.37 9.23 35.79
CA ILE A 82 18.44 10.71 35.70
C ILE A 82 19.57 11.20 36.63
N LYS A 83 19.65 10.67 37.84
CA LYS A 83 20.69 11.04 38.84
C LYS A 83 22.06 10.77 38.24
N MET A 84 22.23 9.64 37.56
CA MET A 84 23.53 9.27 36.94
C MET A 84 23.91 10.31 35.88
N VAL A 85 22.93 10.82 35.14
CA VAL A 85 23.21 11.85 34.11
C VAL A 85 23.67 13.13 34.82
N GLN A 86 22.95 13.51 35.88
CA GLN A 86 23.30 14.70 36.69
C GLN A 86 24.73 14.53 37.19
N ARG A 87 25.07 13.32 37.64
CA ARG A 87 26.42 12.97 38.13
C ARG A 87 27.45 13.24 37.03
N ALA A 88 27.05 13.32 35.78
CA ALA A 88 28.00 13.45 34.66
C ALA A 88 28.10 14.90 34.15
N GLY A 89 27.45 15.86 34.80
CA GLY A 89 27.46 17.28 34.39
C GLY A 89 26.59 17.52 33.16
N LEU A 90 25.76 16.56 32.76
CA LEU A 90 24.85 16.72 31.60
C LEU A 90 23.42 17.00 32.08
N TYR A 91 22.64 17.67 31.27
CA TYR A 91 21.21 17.98 31.52
C TYR A 91 20.35 16.82 31.05
N VAL A 92 19.03 16.97 31.16
CA VAL A 92 18.07 15.88 30.86
C VAL A 92 16.82 16.48 30.24
N ASN A 93 16.38 15.97 29.08
CA ASN A 93 15.06 16.28 28.48
C ASN A 93 14.15 15.11 28.80
N LEU A 94 13.18 15.28 29.68
CA LEU A 94 12.33 14.14 30.11
C LEU A 94 11.05 14.16 29.29
N ARG A 95 10.96 13.28 28.30
CA ARG A 95 9.76 13.21 27.44
C ARG A 95 8.81 12.23 28.09
N ILE A 96 7.96 12.72 28.97
CA ILE A 96 7.17 11.85 29.89
C ILE A 96 6.22 10.98 29.05
N GLY A 97 5.71 11.55 27.96
CA GLY A 97 4.71 10.87 27.11
C GLY A 97 3.32 11.22 27.62
N PRO A 98 2.52 10.26 28.16
CA PRO A 98 2.91 8.86 28.35
C PRO A 98 2.94 8.01 27.06
N TYR A 99 2.15 8.38 26.04
CA TYR A 99 2.35 7.84 24.66
C TYR A 99 3.74 8.26 24.19
N VAL A 100 4.57 7.32 23.72
CA VAL A 100 5.99 7.65 23.39
C VAL A 100 6.37 7.12 22.01
N CYS A 101 5.51 6.34 21.37
CA CYS A 101 5.85 5.66 20.10
C CYS A 101 7.13 4.87 20.32
N ALA A 102 8.26 5.34 19.79
CA ALA A 102 9.62 4.84 20.09
C ALA A 102 9.76 3.36 19.68
N GLU A 103 8.92 2.86 18.79
CA GLU A 103 8.94 1.43 18.40
C GLU A 103 8.77 0.61 19.67
N TRP A 104 8.08 1.14 20.66
CA TRP A 104 7.95 0.47 21.97
C TRP A 104 6.56 -0.15 22.07
N ASN A 105 6.51 -1.39 22.53
CA ASN A 105 5.28 -2.21 22.69
C ASN A 105 4.08 -1.34 23.08
N PHE A 106 3.11 -1.20 22.17
CA PHE A 106 1.82 -0.48 22.38
C PHE A 106 2.05 1.01 22.63
N GLY A 107 3.15 1.53 22.10
CA GLY A 107 3.48 2.96 22.22
C GLY A 107 3.80 3.35 23.64
N GLY A 108 3.82 2.40 24.56
CA GLY A 108 4.11 2.65 25.97
C GLY A 108 2.88 2.51 26.86
N PHE A 109 1.67 2.58 26.32
CA PHE A 109 0.46 2.34 27.15
C PHE A 109 0.50 0.94 27.70
N PRO A 110 0.09 0.74 28.97
CA PRO A 110 -0.15 -0.60 29.50
C PRO A 110 -1.37 -1.19 28.79
N VAL A 111 -1.36 -2.50 28.55
CA VAL A 111 -2.46 -3.17 27.80
C VAL A 111 -3.75 -3.09 28.63
N TRP A 112 -3.64 -3.21 29.96
CA TRP A 112 -4.81 -3.21 30.87
C TRP A 112 -5.59 -1.91 30.69
N LEU A 113 -4.90 -0.81 30.37
CA LEU A 113 -5.56 0.51 30.20
C LEU A 113 -6.58 0.41 29.07
N LYS A 114 -6.30 -0.40 28.05
CA LYS A 114 -7.17 -0.51 26.86
C LYS A 114 -8.59 -0.88 27.31
N TYR A 115 -8.70 -1.61 28.41
CA TYR A 115 -9.95 -2.33 28.77
C TYR A 115 -10.65 -1.63 29.93
N VAL A 116 -10.20 -0.45 30.32
CA VAL A 116 -10.94 0.37 31.32
C VAL A 116 -12.27 0.78 30.68
N PRO A 117 -13.40 0.79 31.43
CA PRO A 117 -14.67 1.26 30.89
C PRO A 117 -14.64 2.69 30.34
N GLY A 118 -15.31 2.90 29.22
CA GLY A 118 -15.47 4.21 28.54
C GLY A 118 -14.15 4.75 28.00
N MET A 119 -13.15 3.89 27.81
CA MET A 119 -11.77 4.31 27.50
C MET A 119 -11.60 4.51 25.99
N GLU A 120 -10.92 5.58 25.61
CA GLU A 120 -10.41 5.81 24.23
C GLU A 120 -9.03 6.42 24.35
N PHE A 121 -8.12 6.05 23.46
CA PHE A 121 -6.70 6.45 23.56
C PHE A 121 -6.49 7.75 22.78
N ARG A 122 -5.81 8.71 23.43
CA ARG A 122 -5.31 9.96 22.81
C ARG A 122 -6.50 10.67 22.19
N THR A 123 -7.37 11.23 23.03
CA THR A 123 -8.52 12.08 22.62
C THR A 123 -9.19 12.62 23.88
N ASN A 124 -10.18 13.50 23.73
CA ASN A 124 -10.75 14.29 24.87
C ASN A 124 -11.68 13.37 25.66
N ASN A 125 -11.11 12.38 26.36
CA ASN A 125 -11.84 11.19 26.88
C ASN A 125 -11.62 11.14 28.39
N GLN A 126 -12.67 10.83 29.16
CA GLN A 126 -12.61 11.02 30.64
C GLN A 126 -11.71 9.97 31.25
N PRO A 127 -11.96 8.65 31.05
CA PRO A 127 -11.08 7.65 31.65
C PRO A 127 -9.61 7.88 31.28
N PHE A 128 -9.34 8.19 30.00
CA PHE A 128 -7.96 8.33 29.49
C PHE A 128 -7.29 9.51 30.16
N LYS A 129 -7.94 10.68 30.12
CA LYS A 129 -7.40 11.93 30.70
C LYS A 129 -7.04 11.69 32.18
N VAL A 130 -7.87 10.96 32.91
CA VAL A 130 -7.67 10.76 34.37
C VAL A 130 -6.39 9.94 34.56
N ALA A 131 -6.29 8.79 33.90
CA ALA A 131 -5.15 7.85 34.02
C ALA A 131 -3.87 8.56 33.56
N MET A 132 -3.96 9.37 32.50
CA MET A 132 -2.80 10.11 31.96
C MET A 132 -2.36 11.21 32.93
N GLN A 133 -3.27 12.06 33.40
CA GLN A 133 -2.96 13.09 34.43
C GLN A 133 -2.33 12.38 35.63
N GLY A 134 -2.84 11.18 35.95
CA GLY A 134 -2.34 10.35 37.07
C GLY A 134 -0.86 10.05 36.91
N PHE A 135 -0.47 9.38 35.82
CA PHE A 135 0.92 8.92 35.62
C PHE A 135 1.85 10.12 35.53
N VAL A 136 1.54 11.09 34.66
CA VAL A 136 2.39 12.29 34.44
C VAL A 136 2.66 12.94 35.80
N GLN A 137 1.65 13.01 36.68
CA GLN A 137 1.80 13.71 37.98
C GLN A 137 2.68 12.87 38.91
N LYS A 138 2.53 11.54 38.90
CA LYS A 138 3.36 10.64 39.73
C LYS A 138 4.83 10.83 39.35
N ILE A 139 5.12 10.88 38.06
CA ILE A 139 6.54 10.98 37.58
C ILE A 139 7.09 12.33 38.04
N VAL A 140 6.35 13.41 37.78
CA VAL A 140 6.80 14.80 38.08
C VAL A 140 6.98 14.92 39.59
N ASN A 141 6.11 14.31 40.36
CA ASN A 141 6.19 14.37 41.85
C ASN A 141 7.41 13.57 42.31
N MET A 142 7.73 12.46 41.64
CA MET A 142 8.97 11.69 41.94
C MET A 142 10.18 12.57 41.62
N MET A 143 10.11 13.29 40.49
CA MET A 143 11.22 14.16 40.01
C MET A 143 11.38 15.36 40.95
N LYS A 144 10.29 16.09 41.17
CA LYS A 144 10.29 17.23 42.12
C LYS A 144 10.85 16.75 43.46
N SER A 145 10.46 15.56 43.92
CA SER A 145 10.74 15.07 45.30
C SER A 145 12.23 15.23 45.62
N GLU A 146 13.10 14.94 44.66
CA GLU A 146 14.58 15.01 44.87
C GLU A 146 15.17 16.18 44.06
N ASN A 147 14.37 17.20 43.74
CA ASN A 147 14.87 18.44 43.12
C ASN A 147 15.65 18.09 41.86
N LEU A 148 15.05 17.32 40.97
CA LEU A 148 15.72 16.85 39.74
C LEU A 148 15.40 17.80 38.58
N PHE A 149 14.44 18.69 38.74
CA PHE A 149 14.26 19.80 37.78
C PHE A 149 15.33 20.86 38.06
N GLU A 150 15.85 21.46 37.00
CA GLU A 150 17.03 22.35 37.04
C GLU A 150 16.72 23.62 37.85
N SER A 151 15.47 24.10 37.82
CA SER A 151 14.98 25.19 38.70
C SER A 151 15.25 24.86 40.17
N GLN A 152 15.28 23.58 40.54
CA GLN A 152 15.56 23.12 41.92
C GLN A 152 17.05 22.71 42.05
N GLY A 153 17.86 22.94 41.02
CA GLY A 153 19.28 22.52 41.00
C GLY A 153 19.49 21.12 40.43
N GLY A 154 18.50 20.54 39.76
CA GLY A 154 18.58 19.18 39.18
C GLY A 154 18.96 19.19 37.70
N PRO A 155 19.00 18.01 37.05
CA PRO A 155 19.31 17.95 35.62
C PRO A 155 18.18 18.23 34.61
N ILE A 156 16.91 17.98 34.95
CA ILE A 156 15.80 18.10 33.97
C ILE A 156 15.61 19.59 33.61
N ILE A 157 15.94 19.96 32.38
CA ILE A 157 15.80 21.36 31.85
C ILE A 157 14.55 21.49 30.95
N MET A 158 13.90 20.38 30.60
CA MET A 158 12.77 20.33 29.62
C MET A 158 11.98 19.04 29.84
N ALA A 159 10.69 19.06 29.53
CA ALA A 159 9.83 17.85 29.50
C ALA A 159 8.93 17.87 28.26
N GLN A 160 8.52 16.68 27.80
CA GLN A 160 7.64 16.50 26.61
C GLN A 160 6.29 15.97 27.07
N ILE A 161 5.22 16.48 26.49
CA ILE A 161 3.85 15.97 26.80
C ILE A 161 3.23 15.42 25.52
N GLU A 162 2.75 14.17 25.59
CA GLU A 162 2.39 13.38 24.39
C GLU A 162 3.66 13.14 23.56
N ASN A 163 3.50 12.63 22.35
CA ASN A 163 4.61 12.48 21.38
C ASN A 163 4.00 12.47 19.98
N ALA A 164 4.42 13.42 19.15
CA ALA A 164 4.05 13.49 17.72
C ALA A 164 2.54 13.33 17.58
N TYR A 165 1.76 14.22 18.18
CA TYR A 165 0.28 14.13 18.08
C TYR A 165 -0.26 14.87 16.85
N GLY A 166 0.48 15.84 16.32
CA GLY A 166 -0.02 16.73 15.26
C GLY A 166 -0.77 15.97 14.17
N PRO A 167 -0.11 14.99 13.50
CA PRO A 167 -0.79 14.16 12.50
C PRO A 167 -2.07 13.47 13.00
N VAL A 168 -2.02 12.84 14.17
CA VAL A 168 -3.17 12.09 14.76
C VAL A 168 -4.32 13.09 15.00
N GLU A 169 -4.01 14.29 15.47
CA GLU A 169 -5.00 15.34 15.78
C GLU A 169 -5.66 15.80 14.49
N TRP A 170 -4.90 15.99 13.41
CA TRP A 170 -5.44 16.46 12.10
C TRP A 170 -6.53 15.51 11.58
N GLU A 171 -6.66 14.29 12.12
CA GLU A 171 -7.62 13.27 11.62
C GLU A 171 -8.78 13.09 12.60
N ILE A 172 -8.52 13.09 13.91
CA ILE A 172 -9.56 12.93 14.96
C ILE A 172 -10.40 14.20 15.03
N GLY A 173 -9.84 15.36 14.62
CA GLY A 173 -10.53 16.66 14.59
C GLY A 173 -10.76 17.24 15.99
N ALA A 174 -12.01 17.59 16.30
CA ALA A 174 -12.37 18.46 17.43
C ALA A 174 -11.98 17.81 18.75
N PRO A 175 -12.29 16.52 19.04
CA PRO A 175 -11.83 15.90 20.29
C PRO A 175 -10.31 16.08 20.41
N GLY A 176 -9.57 15.80 19.33
CA GLY A 176 -8.11 15.88 19.26
C GLY A 176 -7.62 17.24 19.71
N LYS A 177 -8.14 18.30 19.10
CA LYS A 177 -7.72 19.69 19.45
C LYS A 177 -8.12 19.97 20.90
N ALA A 178 -9.26 19.46 21.36
CA ALA A 178 -9.75 19.75 22.71
C ALA A 178 -8.87 18.99 23.71
N TYR A 179 -8.09 18.02 23.25
CA TYR A 179 -7.19 17.18 24.08
C TYR A 179 -5.78 17.77 24.02
N THR A 180 -5.36 18.27 22.86
CA THR A 180 -4.07 18.99 22.72
C THR A 180 -4.06 20.18 23.69
N LYS A 181 -5.06 21.07 23.62
CA LYS A 181 -5.32 22.11 24.66
C LYS A 181 -5.17 21.48 26.05
N TRP A 182 -5.93 20.43 26.32
CA TRP A 182 -6.00 19.82 27.66
C TRP A 182 -4.61 19.40 28.10
N ALA A 183 -3.91 18.60 27.29
CA ALA A 183 -2.60 18.00 27.62
C ALA A 183 -1.61 19.12 28.00
N ALA A 184 -1.60 20.20 27.22
CA ALA A 184 -0.62 21.30 27.42
C ALA A 184 -0.91 21.97 28.77
N GLN A 185 -2.15 22.40 29.00
CA GLN A 185 -2.54 23.21 30.18
C GLN A 185 -2.34 22.37 31.44
N MET A 186 -2.63 21.07 31.38
CA MET A 186 -2.65 20.18 32.58
C MET A 186 -1.37 19.36 32.62
N ALA A 187 -0.28 20.00 32.16
CA ALA A 187 1.12 19.55 32.29
C ALA A 187 1.95 20.75 32.74
N VAL A 188 1.84 21.87 32.02
CA VAL A 188 2.33 23.19 32.49
C VAL A 188 1.81 23.39 33.92
N GLY A 189 0.53 23.08 34.15
CA GLY A 189 -0.14 23.13 35.45
C GLY A 189 0.58 22.38 36.56
N LEU A 190 1.51 21.48 36.27
CA LEU A 190 2.20 20.73 37.35
C LEU A 190 3.29 21.59 37.99
N LYS A 191 3.50 22.81 37.49
CA LYS A 191 4.52 23.79 37.97
C LYS A 191 5.88 23.11 38.20
N THR A 192 6.56 22.69 37.13
CA THR A 192 7.91 22.07 37.19
C THR A 192 8.97 23.17 37.20
N GLY A 193 8.60 24.39 36.83
CA GLY A 193 9.52 25.55 36.78
C GLY A 193 10.53 25.43 35.65
N VAL A 194 10.29 24.57 34.67
CA VAL A 194 11.10 24.51 33.43
C VAL A 194 10.13 24.34 32.26
N PRO A 195 10.57 24.61 31.01
CA PRO A 195 9.67 24.61 29.86
C PRO A 195 9.10 23.24 29.51
N TRP A 196 7.97 23.24 28.80
CA TRP A 196 7.29 22.02 28.29
C TRP A 196 7.35 22.03 26.76
N ILE A 197 7.79 20.93 26.16
CA ILE A 197 7.80 20.82 24.68
C ILE A 197 6.76 19.82 24.19
N MET A 198 6.37 20.01 22.94
CA MET A 198 5.54 19.03 22.17
C MET A 198 6.15 18.94 20.77
N CYS A 199 6.40 17.73 20.29
CA CYS A 199 6.99 17.55 18.93
C CYS A 199 5.86 17.25 17.93
N LYS A 200 6.00 17.80 16.73
CA LYS A 200 4.97 17.77 15.68
C LYS A 200 3.67 18.29 16.29
N GLN A 201 3.69 19.48 16.88
CA GLN A 201 2.46 20.26 17.18
C GLN A 201 2.58 21.62 16.49
N GLU A 202 2.17 21.70 15.23
CA GLU A 202 2.03 23.02 14.55
C GLU A 202 1.14 23.92 15.40
N ASP A 203 0.44 23.40 16.41
CA ASP A 203 -0.63 24.14 17.11
C ASP A 203 -0.46 24.14 18.63
N ALA A 204 0.75 23.93 19.16
CA ALA A 204 0.96 23.78 20.61
C ALA A 204 0.60 25.09 21.30
N PRO A 205 -0.19 25.05 22.39
CA PRO A 205 -0.53 26.26 23.13
C PRO A 205 0.69 26.90 23.80
N ASP A 206 0.66 28.23 23.89
CA ASP A 206 1.57 28.97 24.81
C ASP A 206 1.32 28.45 26.22
N PRO A 207 2.35 28.25 27.07
CA PRO A 207 3.76 28.47 26.73
C PRO A 207 4.57 27.24 26.28
N VAL A 208 3.95 26.31 25.54
CA VAL A 208 4.61 25.03 25.17
C VAL A 208 5.35 25.21 23.84
N ILE A 209 6.59 24.74 23.79
CA ILE A 209 7.45 24.91 22.58
C ILE A 209 7.23 23.70 21.68
N ASP A 210 6.77 23.96 20.46
CA ASP A 210 6.67 22.90 19.43
C ASP A 210 8.06 22.70 18.83
N THR A 211 8.43 21.43 18.72
CA THR A 211 9.72 20.98 18.16
C THR A 211 9.43 20.14 16.92
N CYS A 212 10.44 19.66 16.20
CA CYS A 212 10.20 18.69 15.11
C CYS A 212 11.05 17.43 15.27
N ASN A 213 10.66 16.43 14.50
CA ASN A 213 11.38 15.15 14.34
C ASN A 213 11.61 14.99 12.83
N GLY A 214 12.65 14.27 12.42
CA GLY A 214 12.92 14.01 11.00
C GLY A 214 14.37 13.71 10.70
N PHE A 215 14.72 13.64 9.43
CA PHE A 215 16.13 13.50 8.99
C PHE A 215 16.71 14.90 8.82
N TYR A 216 15.90 15.81 8.30
CA TYR A 216 16.27 17.23 8.07
C TYR A 216 15.17 18.12 8.63
N CYS A 217 15.51 19.17 9.36
CA CYS A 217 14.49 20.13 9.86
C CYS A 217 15.13 21.49 10.02
N GLU A 218 15.90 21.89 9.00
CA GLU A 218 16.43 23.27 8.87
C GLU A 218 15.31 24.21 8.42
N GLY A 219 14.20 23.70 7.87
CA GLY A 219 13.11 24.53 7.31
C GLY A 219 12.16 25.01 8.39
N PHE A 220 12.05 24.20 9.44
CA PHE A 220 11.08 24.30 10.55
C PHE A 220 11.14 25.67 11.22
N ARG A 221 10.05 26.05 11.90
CA ARG A 221 10.04 27.22 12.80
C ARG A 221 8.96 27.04 13.84
N PRO A 222 9.24 27.46 15.10
CA PRO A 222 8.27 27.38 16.18
C PRO A 222 6.95 28.08 15.81
N ASN A 223 5.88 27.78 16.53
CA ASN A 223 4.52 28.30 16.20
C ASN A 223 4.34 29.71 16.73
N LYS A 224 5.33 30.30 17.39
CA LYS A 224 5.31 31.75 17.75
C LYS A 224 6.77 32.21 17.82
N PRO A 225 7.05 33.48 17.48
CA PRO A 225 8.43 33.92 17.24
C PRO A 225 9.30 33.96 18.52
N TYR A 226 8.70 34.09 19.71
CA TYR A 226 9.45 34.18 21.00
C TYR A 226 9.77 32.79 21.55
N LYS A 227 9.50 31.74 20.79
CA LYS A 227 9.92 30.34 21.08
C LYS A 227 11.17 30.02 20.26
N PRO A 228 12.11 29.25 20.82
CA PRO A 228 13.34 28.95 20.09
C PRO A 228 13.17 27.76 19.15
N LYS A 229 14.16 27.56 18.29
CA LYS A 229 14.08 26.54 17.23
C LYS A 229 14.68 25.24 17.74
N MET A 230 13.88 24.20 17.88
CA MET A 230 14.30 22.99 18.63
C MET A 230 14.03 21.73 17.82
N TRP A 231 15.00 20.83 17.80
CA TRP A 231 15.09 19.62 16.95
C TRP A 231 15.22 18.43 17.90
N THR A 232 14.10 17.78 18.22
CA THR A 232 14.00 16.77 19.30
C THR A 232 14.40 15.37 18.80
N GLU A 233 14.37 15.09 17.50
CA GLU A 233 14.81 13.76 17.00
C GLU A 233 15.59 13.95 15.70
N VAL A 234 16.90 14.14 15.80
CA VAL A 234 17.84 13.89 14.66
C VAL A 234 17.96 12.36 14.50
N TRP A 235 17.22 11.77 13.56
CA TRP A 235 17.28 10.30 13.37
C TRP A 235 18.70 9.95 12.91
N THR A 236 19.38 9.04 13.62
CA THR A 236 20.78 8.66 13.31
C THR A 236 20.81 7.42 12.43
N GLY A 237 19.64 6.96 12.00
CA GLY A 237 19.48 5.80 11.13
C GLY A 237 18.02 5.47 11.05
N TRP A 238 17.68 4.25 11.44
CA TRP A 238 16.27 3.81 11.50
C TRP A 238 16.22 2.55 12.36
N TYR A 239 15.03 2.12 12.72
CA TYR A 239 14.85 0.87 13.49
C TYR A 239 14.96 -0.32 12.53
N THR A 240 15.46 -1.41 13.05
CA THR A 240 15.54 -2.69 12.33
C THR A 240 14.25 -3.45 12.60
N LYS A 241 13.42 -3.65 11.58
CA LYS A 241 12.21 -4.50 11.71
C LYS A 241 12.61 -5.93 11.36
N PHE A 242 11.97 -6.88 12.04
CA PHE A 242 12.12 -8.33 11.77
C PHE A 242 11.82 -8.57 10.29
N GLY A 243 12.76 -9.24 9.63
CA GLY A 243 12.69 -9.53 8.18
C GLY A 243 13.00 -8.31 7.34
N GLY A 244 13.51 -7.25 7.96
CA GLY A 244 13.98 -6.06 7.27
C GLY A 244 15.50 -6.04 7.24
N PRO A 245 16.10 -5.16 6.41
CA PRO A 245 17.54 -4.94 6.42
C PRO A 245 17.98 -4.12 7.63
N ILE A 246 19.28 -3.89 7.74
CA ILE A 246 19.83 -3.04 8.84
C ILE A 246 20.01 -1.64 8.30
N PRO A 247 19.09 -0.70 8.62
CA PRO A 247 19.15 0.65 8.05
C PRO A 247 20.30 1.46 8.64
N GLN A 248 21.17 1.96 7.78
CA GLN A 248 22.25 2.88 8.17
C GLN A 248 21.88 4.28 7.70
N ARG A 249 22.38 5.28 8.40
CA ARG A 249 22.44 6.67 7.89
C ARG A 249 23.89 7.14 7.95
N PRO A 250 24.45 7.66 6.85
CA PRO A 250 25.84 8.11 6.84
C PRO A 250 26.07 9.39 7.66
N ALA A 251 27.24 9.44 8.30
CA ALA A 251 27.69 10.47 9.25
C ALA A 251 28.02 11.78 8.55
N GLU A 252 28.43 11.75 7.29
CA GLU A 252 28.68 13.03 6.58
C GLU A 252 27.34 13.75 6.38
N ASP A 253 26.24 13.01 6.35
CA ASP A 253 24.90 13.59 6.06
C ASP A 253 24.21 13.95 7.37
N ILE A 254 24.50 13.23 8.45
CA ILE A 254 23.97 13.61 9.80
C ILE A 254 24.60 14.94 10.18
N ALA A 255 25.93 15.00 10.11
CA ALA A 255 26.67 16.28 10.32
C ALA A 255 25.94 17.34 9.51
N PHE A 256 25.91 17.14 8.19
CA PHE A 256 25.31 18.07 7.21
C PHE A 256 23.92 18.50 7.69
N SER A 257 23.09 17.58 8.16
CA SER A 257 21.72 17.93 8.59
C SER A 257 21.77 18.83 9.83
N VAL A 258 22.60 18.48 10.81
CA VAL A 258 22.67 19.22 12.09
C VAL A 258 23.16 20.63 11.84
N ALA A 259 24.27 20.78 11.11
CA ALA A 259 24.86 22.08 10.71
C ALA A 259 23.85 22.91 9.91
N ARG A 260 23.01 22.28 9.09
CA ARG A 260 21.99 23.02 8.30
C ARG A 260 21.00 23.65 9.29
N PHE A 261 20.79 23.00 10.43
CA PHE A 261 19.79 23.46 11.43
C PHE A 261 20.40 24.58 12.26
N VAL A 262 21.61 24.34 12.76
CA VAL A 262 22.28 25.29 13.70
C VAL A 262 22.62 26.56 12.92
N GLN A 263 22.92 26.46 11.63
CA GLN A 263 23.29 27.65 10.82
C GLN A 263 22.06 28.54 10.66
N ASN A 264 20.87 27.97 10.88
CA ASN A 264 19.59 28.69 10.66
C ASN A 264 18.88 28.81 12.00
N ASN A 265 19.51 29.48 12.95
CA ASN A 265 18.90 29.79 14.26
C ASN A 265 18.60 28.52 15.06
N GLY A 266 19.09 27.36 14.66
CA GLY A 266 19.01 26.13 15.49
C GLY A 266 19.65 26.31 16.85
N SER A 267 19.02 25.84 17.92
CA SER A 267 19.51 26.07 19.29
C SER A 267 19.48 24.79 20.12
N PHE A 268 18.52 23.89 19.87
CA PHE A 268 18.50 22.56 20.53
C PHE A 268 18.42 21.48 19.44
N PHE A 269 19.33 20.52 19.42
CA PHE A 269 19.18 19.33 18.56
C PHE A 269 19.53 18.07 19.33
N ASN A 270 18.73 17.02 19.14
CA ASN A 270 18.89 15.74 19.86
C ASN A 270 18.93 14.55 18.90
N TYR A 271 20.02 13.79 18.97
CA TYR A 271 20.21 12.56 18.16
C TYR A 271 19.26 11.48 18.69
N TYR A 272 18.45 10.93 17.80
CA TYR A 272 17.60 9.74 18.06
C TYR A 272 18.01 8.67 17.06
N MET A 273 18.87 7.74 17.50
CA MET A 273 19.31 7.61 18.87
C MET A 273 20.78 8.06 19.04
N TYR A 274 21.22 8.31 20.27
CA TYR A 274 22.66 8.38 20.57
C TYR A 274 23.16 6.99 21.00
N HIS A 275 22.49 6.38 21.96
CA HIS A 275 22.61 4.93 22.25
C HIS A 275 21.24 4.27 21.97
N GLY A 276 21.24 3.29 21.06
CA GLY A 276 20.04 2.53 20.67
C GLY A 276 19.67 1.49 21.72
N GLY A 277 20.54 0.50 21.88
CA GLY A 277 20.33 -0.56 22.88
C GLY A 277 19.42 -1.69 22.39
N THR A 278 18.92 -2.47 23.34
CA THR A 278 18.24 -3.75 23.08
C THR A 278 16.81 -3.69 23.58
N ASN A 279 15.89 -4.33 22.86
CA ASN A 279 14.51 -4.57 23.36
C ASN A 279 14.58 -5.88 24.14
N PHE A 280 14.82 -5.80 25.45
CA PHE A 280 14.87 -7.02 26.27
C PHE A 280 13.44 -7.51 26.52
N GLY A 281 13.25 -8.83 26.51
CA GLY A 281 11.99 -9.51 26.85
C GLY A 281 10.90 -9.29 25.82
N ARG A 282 9.67 -9.62 26.21
CA ARG A 282 8.46 -9.58 25.34
C ARG A 282 7.64 -8.32 25.69
N THR A 283 8.25 -7.36 26.36
CA THR A 283 7.56 -6.17 26.90
C THR A 283 8.10 -4.90 26.25
N SER A 284 9.03 -5.02 25.29
CA SER A 284 9.87 -3.90 24.81
C SER A 284 9.60 -3.67 23.32
N SER A 285 9.94 -4.64 22.50
CA SER A 285 9.62 -4.70 21.04
C SER A 285 8.24 -4.08 20.78
N GLY A 286 8.19 -2.94 20.09
CA GLY A 286 7.00 -2.56 19.32
C GLY A 286 6.70 -3.62 18.25
N LEU A 287 5.57 -3.48 17.58
CA LEU A 287 5.14 -4.44 16.54
C LEU A 287 6.26 -4.68 15.52
N PHE A 288 6.67 -5.93 15.35
CA PHE A 288 7.65 -6.38 14.34
C PHE A 288 9.01 -5.72 14.54
N ILE A 289 9.26 -5.03 15.65
CA ILE A 289 10.60 -4.40 15.84
C ILE A 289 11.58 -5.45 16.34
N ALA A 290 12.70 -5.62 15.65
CA ALA A 290 13.72 -6.64 15.98
C ALA A 290 14.29 -6.37 17.36
N THR A 291 14.99 -7.34 17.93
CA THR A 291 15.48 -7.24 19.32
C THR A 291 16.55 -6.15 19.40
N SER A 292 17.24 -5.89 18.30
CA SER A 292 18.30 -4.86 18.25
C SER A 292 17.69 -3.51 17.91
N TYR A 293 17.93 -2.52 18.76
CA TYR A 293 17.54 -1.12 18.49
C TYR A 293 18.82 -0.33 18.18
N ASP A 294 19.79 -0.95 17.52
CA ASP A 294 21.17 -0.41 17.32
C ASP A 294 21.06 0.96 16.65
N TYR A 295 20.16 1.10 15.68
CA TYR A 295 19.75 2.39 15.09
C TYR A 295 20.93 3.09 14.38
N ASP A 296 21.96 2.32 14.04
CA ASP A 296 23.24 2.86 13.51
C ASP A 296 23.72 4.05 14.35
N ALA A 297 23.30 4.10 15.62
CA ALA A 297 23.58 5.20 16.56
C ALA A 297 25.10 5.33 16.78
N PRO A 298 25.54 6.51 17.25
CA PRO A 298 26.93 6.74 17.62
C PRO A 298 27.52 5.87 18.73
N LEU A 299 26.68 5.27 19.57
CA LEU A 299 27.09 4.09 20.37
C LEU A 299 26.24 2.95 19.85
N ASP A 300 26.84 1.81 19.51
CA ASP A 300 26.04 0.67 18.99
C ASP A 300 25.32 0.01 20.17
N GLU A 301 24.39 -0.88 19.83
CA GLU A 301 23.60 -1.66 20.81
C GLU A 301 24.48 -2.10 21.99
N TYR A 302 25.74 -2.41 21.74
CA TYR A 302 26.65 -3.03 22.76
C TYR A 302 27.40 -1.94 23.54
N GLY A 303 27.08 -0.66 23.28
CA GLY A 303 27.75 0.50 23.91
C GLY A 303 29.10 0.83 23.32
N LEU A 304 29.60 0.06 22.34
CA LEU A 304 30.89 0.42 21.74
C LEU A 304 30.70 1.59 20.76
N LEU A 305 31.78 2.33 20.53
CA LEU A 305 31.76 3.54 19.67
C LEU A 305 31.54 3.07 18.23
N ASN A 306 30.55 3.62 17.56
CA ASN A 306 30.33 3.45 16.10
C ASN A 306 31.18 4.50 15.37
N GLU A 307 32.38 4.12 14.93
CA GLU A 307 33.30 5.04 14.22
C GLU A 307 33.09 4.88 12.71
N PRO A 308 33.35 5.94 11.91
CA PRO A 308 33.78 7.24 12.44
C PRO A 308 32.63 8.18 12.84
N LYS A 309 31.39 7.70 12.82
CA LYS A 309 30.20 8.55 13.10
C LYS A 309 30.38 9.25 14.45
N TYR A 310 30.70 8.49 15.49
CA TYR A 310 30.90 9.01 16.86
C TYR A 310 31.96 10.12 16.82
N GLY A 311 33.16 9.80 16.34
CA GLY A 311 34.26 10.78 16.28
C GLY A 311 33.85 12.00 15.46
N HIS A 312 33.14 11.78 14.38
CA HIS A 312 32.84 12.84 13.39
C HIS A 312 31.83 13.83 14.00
N LEU A 313 30.87 13.32 14.77
CA LEU A 313 29.89 14.18 15.49
C LEU A 313 30.59 14.87 16.66
N ARG A 314 31.46 14.15 17.37
CA ARG A 314 32.23 14.73 18.49
C ARG A 314 32.91 16.01 17.98
N ASP A 315 33.58 15.93 16.84
CA ASP A 315 34.31 17.08 16.23
C ASP A 315 33.31 18.19 15.90
N LEU A 316 32.18 17.88 15.28
CA LEU A 316 31.12 18.86 14.91
C LEU A 316 30.67 19.64 16.17
N HIS A 317 30.50 18.95 17.29
CA HIS A 317 30.07 19.60 18.56
C HIS A 317 31.14 20.62 18.93
N LYS A 318 32.39 20.16 19.05
CA LYS A 318 33.58 21.01 19.27
C LYS A 318 33.50 22.23 18.35
N ALA A 319 33.31 22.04 17.06
CA ALA A 319 33.21 23.16 16.09
C ALA A 319 32.00 24.04 16.47
N ILE A 320 30.94 23.46 17.02
CA ILE A 320 29.75 24.27 17.42
C ILE A 320 30.12 25.07 18.67
N LYS A 321 30.85 24.48 19.60
CA LYS A 321 31.14 25.10 20.91
C LYS A 321 32.14 26.24 20.73
N LEU A 322 33.08 26.12 19.78
CA LEU A 322 33.96 27.25 19.41
C LEU A 322 33.11 28.36 18.81
N SER A 323 31.98 28.02 18.19
CA SER A 323 31.11 29.01 17.50
C SER A 323 30.11 29.61 18.48
N GLU A 324 29.94 29.00 19.66
CA GLU A 324 28.73 29.21 20.50
C GLU A 324 28.63 30.66 20.93
N PRO A 325 29.70 31.30 21.44
CA PRO A 325 29.61 32.69 21.89
C PRO A 325 29.01 33.65 20.85
N ALA A 326 29.35 33.47 19.58
CA ALA A 326 28.73 34.23 18.46
C ALA A 326 27.26 33.81 18.34
N LEU A 327 26.99 32.50 18.35
CA LEU A 327 25.65 31.92 18.03
C LEU A 327 24.61 32.45 19.01
N VAL A 328 25.01 32.76 20.25
CA VAL A 328 24.05 33.13 21.32
C VAL A 328 23.87 34.66 21.38
N SER A 329 24.65 35.45 20.66
CA SER A 329 24.58 36.93 20.78
C SER A 329 24.20 37.61 19.46
N SER A 330 23.89 36.85 18.41
CA SER A 330 23.36 37.40 17.12
C SER A 330 22.35 36.42 16.54
N TYR A 331 21.84 36.70 15.34
CA TYR A 331 20.92 35.78 14.63
C TYR A 331 21.56 35.35 13.31
N ALA A 332 21.02 34.31 12.71
CA ALA A 332 21.52 33.76 11.43
C ALA A 332 21.17 34.72 10.28
N ALA A 333 22.18 35.33 9.68
CA ALA A 333 22.04 36.22 8.53
C ALA A 333 22.64 35.53 7.31
N VAL A 334 21.98 35.63 6.16
CA VAL A 334 22.31 34.81 4.96
C VAL A 334 22.90 35.69 3.85
N THR A 335 23.78 35.10 3.06
CA THR A 335 24.38 35.73 1.87
C THR A 335 24.65 34.62 0.87
N SER A 336 23.97 34.67 -0.29
CA SER A 336 24.22 33.74 -1.44
C SER A 336 25.72 33.72 -1.73
N LEU A 337 26.26 32.56 -2.06
CA LEU A 337 27.68 32.50 -2.49
C LEU A 337 27.79 31.95 -3.91
N GLY A 338 26.66 31.80 -4.61
CA GLY A 338 26.58 31.16 -5.94
C GLY A 338 25.27 30.42 -6.13
N SER A 339 25.17 29.64 -7.21
CA SER A 339 23.95 28.93 -7.65
C SER A 339 23.32 28.18 -6.47
N ASN A 340 24.09 27.32 -5.82
CA ASN A 340 23.56 26.35 -4.82
C ASN A 340 24.41 26.43 -3.56
N GLN A 341 25.09 27.57 -3.32
CA GLN A 341 26.02 27.71 -2.16
C GLN A 341 25.60 28.94 -1.37
N GLU A 342 25.68 28.88 -0.04
CA GLU A 342 25.10 29.92 0.84
C GLU A 342 26.06 30.22 1.98
N ALA A 343 25.81 31.30 2.71
CA ALA A 343 26.62 31.70 3.88
C ALA A 343 25.70 32.18 4.99
N HIS A 344 25.78 31.53 6.14
CA HIS A 344 25.01 31.89 7.36
C HIS A 344 25.99 32.46 8.37
N VAL A 345 25.83 33.74 8.71
CA VAL A 345 26.87 34.48 9.49
C VAL A 345 26.23 35.00 10.78
N TYR A 346 26.80 34.58 11.90
CA TYR A 346 26.44 35.05 13.25
C TYR A 346 27.47 36.07 13.68
N ARG A 347 27.12 37.35 13.62
CA ARG A 347 28.05 38.48 13.88
C ARG A 347 27.48 39.32 15.02
N SER A 348 28.14 39.27 16.16
CA SER A 348 27.68 39.89 17.43
C SER A 348 28.12 41.35 17.48
N LYS A 349 27.28 42.23 18.03
CA LYS A 349 27.56 43.68 18.20
C LYS A 349 28.93 43.85 18.88
N SER A 350 29.33 42.89 19.72
CA SER A 350 30.60 42.94 20.48
C SER A 350 31.77 42.64 19.56
N GLY A 351 31.64 41.61 18.69
CA GLY A 351 32.72 41.29 17.74
C GLY A 351 32.93 39.81 17.48
N ALA A 352 32.25 38.92 18.21
CA ALA A 352 32.29 37.47 17.92
C ALA A 352 31.74 37.23 16.51
N CYS A 353 32.29 36.26 15.80
CA CYS A 353 31.84 35.96 14.42
C CYS A 353 31.95 34.46 14.15
N ALA A 354 30.81 33.81 13.91
CA ALA A 354 30.73 32.41 13.44
C ALA A 354 30.11 32.41 12.03
N ALA A 355 30.68 31.63 11.11
CA ALA A 355 30.20 31.59 9.72
C ALA A 355 30.06 30.15 9.26
N PHE A 356 28.90 29.83 8.73
CA PHE A 356 28.60 28.52 8.11
C PHE A 356 28.57 28.70 6.59
N LEU A 357 29.55 28.11 5.90
CA LEU A 357 29.57 28.08 4.43
C LEU A 357 28.95 26.78 3.93
N SER A 358 27.90 26.88 3.13
CA SER A 358 27.06 25.75 2.70
C SER A 358 27.21 25.53 1.19
N ASN A 359 27.02 24.28 0.77
CA ASN A 359 27.07 23.85 -0.65
C ASN A 359 26.06 22.72 -0.82
N TYR A 360 24.92 23.03 -1.42
CA TYR A 360 23.72 22.16 -1.47
C TYR A 360 23.76 21.29 -2.73
N ASP A 361 24.80 21.43 -3.54
CA ASP A 361 24.92 20.57 -4.75
C ASP A 361 25.30 19.16 -4.28
N SER A 362 24.55 18.16 -4.72
CA SER A 362 24.70 16.75 -4.26
C SER A 362 25.73 16.00 -5.12
N ARG A 363 26.34 16.66 -6.11
CA ARG A 363 27.16 16.01 -7.16
C ARG A 363 28.57 16.60 -7.21
N TYR A 364 28.73 17.92 -7.10
CA TYR A 364 30.00 18.58 -7.48
C TYR A 364 30.51 19.47 -6.36
N SER A 365 31.76 19.21 -5.95
CA SER A 365 32.56 20.09 -5.07
C SER A 365 32.66 21.47 -5.71
N VAL A 366 32.51 22.52 -4.92
CA VAL A 366 32.47 23.93 -5.43
C VAL A 366 33.38 24.80 -4.57
N LYS A 367 34.06 25.75 -5.20
CA LYS A 367 35.00 26.67 -4.50
C LYS A 367 34.34 28.03 -4.42
N VAL A 368 34.25 28.61 -3.23
CA VAL A 368 33.59 29.93 -3.01
C VAL A 368 34.59 30.92 -2.43
N THR A 369 34.29 32.21 -2.59
CA THR A 369 35.07 33.34 -2.05
C THR A 369 34.29 33.98 -0.90
N PHE A 370 34.79 33.89 0.32
CA PHE A 370 34.13 34.47 1.51
C PHE A 370 35.12 35.35 2.26
N GLN A 371 34.79 36.63 2.38
CA GLN A 371 35.59 37.59 3.19
C GLN A 371 37.06 37.45 2.76
N ASN A 372 37.28 37.31 1.45
CA ASN A 372 38.58 37.46 0.75
C ASN A 372 39.39 36.17 0.72
N ARG A 373 39.02 35.13 1.48
CA ARG A 373 39.79 33.84 1.47
C ARG A 373 39.01 32.82 0.64
N PRO A 374 39.69 31.94 -0.14
CA PRO A 374 39.02 30.87 -0.87
C PRO A 374 38.51 29.75 0.06
N TYR A 375 37.46 29.05 -0.35
CA TYR A 375 36.94 27.89 0.39
C TYR A 375 36.42 26.85 -0.61
N ASN A 376 36.93 25.64 -0.50
CA ASN A 376 36.44 24.47 -1.27
C ASN A 376 35.40 23.74 -0.42
N LEU A 377 34.18 23.61 -0.94
CA LEU A 377 33.09 22.92 -0.22
C LEU A 377 32.76 21.62 -0.93
N PRO A 378 33.20 20.46 -0.40
CA PRO A 378 32.80 19.17 -0.98
C PRO A 378 31.28 19.09 -1.07
N PRO A 379 30.72 18.38 -2.07
CA PRO A 379 29.29 18.46 -2.34
C PRO A 379 28.50 18.03 -1.10
N TRP A 380 27.32 18.62 -0.93
CA TRP A 380 26.38 18.26 0.17
C TRP A 380 27.14 18.38 1.50
N SER A 381 27.75 19.55 1.73
CA SER A 381 28.54 19.79 2.96
C SER A 381 28.39 21.24 3.42
N ILE A 382 28.83 21.47 4.65
CA ILE A 382 28.97 22.83 5.25
C ILE A 382 30.33 22.89 5.95
N SER A 383 31.03 24.01 5.79
CA SER A 383 32.31 24.31 6.50
C SER A 383 32.01 25.25 7.67
N ILE A 384 32.42 24.86 8.87
CA ILE A 384 32.19 25.68 10.09
C ILE A 384 33.43 26.53 10.36
N LEU A 385 33.24 27.84 10.38
CA LEU A 385 34.30 28.85 10.66
C LEU A 385 33.94 29.52 11.98
N PRO A 386 34.41 29.01 13.13
CA PRO A 386 34.01 29.60 14.42
C PRO A 386 34.52 31.03 14.61
N ASP A 387 35.53 31.46 13.85
CA ASP A 387 36.16 32.82 13.90
C ASP A 387 35.77 33.65 12.67
N CYS A 388 35.00 33.07 11.74
CA CYS A 388 34.65 33.65 10.42
C CYS A 388 35.84 33.61 9.46
N LYS A 389 36.87 32.81 9.76
CA LYS A 389 38.14 32.84 8.97
C LYS A 389 38.66 31.43 8.71
N THR A 390 38.92 30.66 9.75
CA THR A 390 39.48 29.30 9.62
C THR A 390 38.33 28.29 9.65
N ALA A 391 38.18 27.52 8.57
CA ALA A 391 37.26 26.38 8.51
C ALA A 391 37.85 25.24 9.34
N VAL A 392 37.42 25.12 10.60
CA VAL A 392 37.99 24.12 11.55
C VAL A 392 37.29 22.78 11.37
N TYR A 393 36.13 22.75 10.71
CA TYR A 393 35.31 21.53 10.47
C TYR A 393 34.54 21.63 9.15
N ASN A 394 34.36 20.49 8.49
CA ASN A 394 33.50 20.39 7.29
C ASN A 394 32.75 19.07 7.33
N THR A 395 31.44 19.11 7.07
CA THR A 395 30.55 17.97 7.37
C THR A 395 30.82 16.84 6.37
N ALA A 396 31.74 16.99 5.43
CA ALA A 396 32.13 15.91 4.49
C ALA A 396 33.52 15.37 4.83
N GLN A 397 34.39 16.21 5.40
CA GLN A 397 35.78 15.81 5.71
C GLN A 397 35.75 15.05 7.02
N VAL A 398 36.00 13.75 6.99
CA VAL A 398 35.85 12.86 8.18
C VAL A 398 37.25 12.52 8.71
N ASN A 399 37.57 12.95 9.92
CA ASN A 399 38.94 12.86 10.48
C ASN A 399 38.99 11.83 11.62
N SER A 400 38.06 10.89 11.66
CA SER A 400 38.08 9.80 12.65
C SER A 400 38.31 8.49 11.90
N GLN A 401 39.14 7.62 12.46
CA GLN A 401 39.42 6.33 11.76
C GLN A 401 38.16 5.49 11.90
N SER A 402 37.82 4.76 10.86
CA SER A 402 36.68 3.82 10.90
C SER A 402 36.97 2.71 11.91
N SER A 403 35.94 1.94 12.22
CA SER A 403 36.02 0.69 13.01
C SER A 403 34.91 -0.24 12.54
N SER A 404 35.26 -1.47 12.19
CA SER A 404 34.30 -2.46 11.64
C SER A 404 34.01 -3.55 12.69
N ILE A 405 32.81 -4.12 12.62
CA ILE A 405 32.26 -5.04 13.65
C ILE A 405 32.89 -6.43 13.45
N LYS A 406 33.42 -7.02 14.52
CA LYS A 406 33.93 -8.41 14.47
C LYS A 406 33.43 -9.20 15.70
N MET A 407 32.79 -10.33 15.43
CA MET A 407 32.24 -11.25 16.45
C MET A 407 33.10 -12.51 16.45
N THR A 408 33.67 -12.90 17.58
CA THR A 408 34.66 -13.99 17.59
C THR A 408 34.37 -14.89 18.79
N PRO A 409 33.94 -16.15 18.54
CA PRO A 409 33.43 -17.00 19.62
C PRO A 409 34.38 -17.20 20.81
N ALA A 410 33.80 -17.51 21.97
CA ALA A 410 34.51 -17.94 23.20
C ALA A 410 33.52 -18.63 24.13
N GLY A 411 33.94 -19.70 24.81
CA GLY A 411 33.08 -20.51 25.71
C GLY A 411 32.86 -21.93 25.21
N GLY A 412 32.91 -22.13 23.89
CA GLY A 412 32.79 -23.46 23.24
C GLY A 412 31.35 -23.96 23.24
N GLY A 413 30.95 -24.70 22.19
CA GLY A 413 29.57 -25.21 22.00
C GLY A 413 29.08 -26.00 23.20
N LEU A 414 27.97 -25.59 23.81
CA LEU A 414 27.53 -26.10 25.13
C LEU A 414 26.76 -27.41 24.95
N SER A 415 26.62 -28.19 26.03
CA SER A 415 25.82 -29.43 26.04
C SER A 415 24.37 -29.10 26.39
N TRP A 416 23.47 -29.46 25.49
CA TRP A 416 22.04 -29.03 25.51
C TRP A 416 21.13 -30.11 26.10
N GLN A 417 20.00 -29.67 26.65
CA GLN A 417 18.85 -30.52 27.03
C GLN A 417 17.62 -29.93 26.33
N SER A 418 16.60 -30.76 26.13
CA SER A 418 15.38 -30.37 25.38
C SER A 418 14.14 -30.69 26.21
N TYR A 419 13.04 -30.08 25.82
CA TYR A 419 11.70 -30.31 26.38
C TYR A 419 10.71 -29.83 25.34
N ASN A 420 9.70 -30.65 25.07
CA ASN A 420 8.78 -30.42 23.93
C ASN A 420 7.48 -29.87 24.48
N GLU A 421 6.91 -28.92 23.76
CA GLU A 421 5.71 -28.17 24.20
C GLU A 421 4.50 -28.98 23.75
N GLU A 422 3.50 -29.16 24.62
CA GLU A 422 2.25 -29.87 24.26
C GLU A 422 1.61 -29.14 23.06
N THR A 423 1.11 -29.89 22.09
CA THR A 423 0.41 -29.33 20.91
C THR A 423 -1.10 -29.41 21.17
N PRO A 424 -1.67 -28.53 22.01
CA PRO A 424 -2.96 -28.80 22.66
C PRO A 424 -4.12 -28.91 21.67
N THR A 425 -5.15 -29.66 22.07
CA THR A 425 -6.33 -29.97 21.24
C THR A 425 -7.60 -29.74 22.06
N ALA A 426 -8.71 -29.47 21.37
CA ALA A 426 -10.03 -29.18 21.98
C ALA A 426 -10.43 -30.33 22.90
N ASP A 427 -11.19 -30.01 23.93
CA ASP A 427 -11.62 -30.98 24.97
C ASP A 427 -13.00 -30.56 25.46
N ASP A 428 -13.96 -31.47 25.45
CA ASP A 428 -15.40 -31.17 25.68
C ASP A 428 -15.59 -30.53 27.06
N SER A 429 -14.51 -30.37 27.84
CA SER A 429 -14.51 -29.79 29.21
C SER A 429 -13.65 -28.52 29.30
N ASP A 430 -13.26 -27.93 28.18
CA ASP A 430 -12.53 -26.63 28.15
C ASP A 430 -13.43 -25.56 28.77
N THR A 431 -12.87 -24.68 29.61
CA THR A 431 -13.65 -23.65 30.35
C THR A 431 -13.72 -22.35 29.54
N LEU A 432 -12.58 -21.87 29.06
CA LEU A 432 -12.47 -20.63 28.25
C LEU A 432 -12.88 -20.96 26.81
N THR A 433 -14.15 -20.75 26.49
CA THR A 433 -14.75 -21.04 25.16
C THR A 433 -15.68 -19.90 24.76
N ALA A 434 -16.12 -19.95 23.50
CA ALA A 434 -17.23 -19.13 22.97
C ALA A 434 -17.63 -19.68 21.61
N ASN A 435 -18.83 -19.36 21.16
CA ASN A 435 -19.23 -19.54 19.76
C ASN A 435 -18.64 -18.37 18.96
N GLY A 436 -17.80 -18.66 17.97
CA GLY A 436 -17.10 -17.63 17.18
C GLY A 436 -15.75 -17.25 17.78
N LEU A 437 -15.03 -16.39 17.06
CA LEU A 437 -13.59 -16.12 17.28
C LEU A 437 -13.43 -14.84 18.12
N TRP A 438 -12.50 -14.85 19.07
CA TRP A 438 -12.13 -13.71 19.95
C TRP A 438 -10.81 -13.08 19.50
N GLU A 439 -10.66 -11.77 19.69
CA GLU A 439 -9.41 -11.03 19.38
C GLU A 439 -8.32 -11.44 20.39
N GLN A 440 -7.05 -11.33 20.00
CA GLN A 440 -5.94 -11.89 20.79
C GLN A 440 -5.65 -11.01 22.03
N LYS A 441 -5.45 -9.71 21.84
CA LYS A 441 -5.19 -8.76 22.95
C LYS A 441 -6.28 -8.96 24.01
N ASN A 442 -7.54 -9.09 23.59
CA ASN A 442 -8.68 -9.23 24.52
C ASN A 442 -8.48 -10.48 25.38
N VAL A 443 -8.13 -11.62 24.79
CA VAL A 443 -8.03 -12.90 25.54
C VAL A 443 -6.76 -12.88 26.39
N THR A 444 -5.61 -12.60 25.79
CA THR A 444 -4.30 -12.79 26.48
C THR A 444 -4.03 -11.60 27.41
N ARG A 445 -4.54 -10.41 27.07
CA ARG A 445 -4.16 -9.15 27.74
C ARG A 445 -2.65 -8.94 27.60
N ASP A 446 -2.02 -9.62 26.65
CA ASP A 446 -0.58 -9.54 26.33
C ASP A 446 0.27 -10.18 27.43
N SER A 447 -0.26 -11.16 28.16
CA SER A 447 0.52 -11.99 29.11
C SER A 447 1.53 -12.87 28.35
N SER A 448 1.27 -13.16 27.08
CA SER A 448 2.11 -14.04 26.23
C SER A 448 1.85 -13.73 24.76
N ASP A 449 2.85 -13.95 23.90
CA ASP A 449 2.70 -13.76 22.44
C ASP A 449 1.76 -14.82 21.89
N TYR A 450 1.56 -15.91 22.63
CA TYR A 450 0.93 -17.15 22.11
C TYR A 450 -0.49 -17.27 22.63
N LEU A 451 -1.39 -17.65 21.74
CA LEU A 451 -2.82 -17.94 22.04
C LEU A 451 -3.22 -19.13 21.18
N TRP A 452 -3.82 -20.14 21.81
CA TRP A 452 -4.35 -21.34 21.11
C TRP A 452 -5.85 -21.13 20.85
N TYR A 453 -6.22 -21.11 19.56
CA TYR A 453 -7.59 -21.24 19.05
C TYR A 453 -7.84 -22.71 18.71
N MET A 454 -8.79 -23.36 19.38
CA MET A 454 -9.05 -24.82 19.24
C MET A 454 -10.55 -25.06 19.04
N THR A 455 -10.90 -25.99 18.16
CA THR A 455 -12.32 -26.32 17.87
C THR A 455 -12.44 -27.75 17.37
N ASN A 456 -13.67 -28.23 17.38
CA ASN A 456 -14.05 -29.56 16.82
C ASN A 456 -14.67 -29.37 15.45
N VAL A 457 -14.09 -30.03 14.44
CA VAL A 457 -14.63 -30.12 13.06
C VAL A 457 -15.07 -31.56 12.84
N ASN A 458 -16.33 -31.85 13.08
CA ASN A 458 -16.90 -33.20 12.83
C ASN A 458 -17.09 -33.37 11.31
N ILE A 459 -16.85 -34.57 10.81
CA ILE A 459 -16.93 -34.90 9.36
C ILE A 459 -17.74 -36.18 9.21
N ALA A 460 -18.87 -36.12 8.50
CA ALA A 460 -19.81 -37.23 8.28
C ALA A 460 -19.22 -38.22 7.27
N SER A 461 -19.45 -39.51 7.49
CA SER A 461 -18.73 -40.64 6.85
C SER A 461 -19.08 -40.75 5.36
N ASN A 462 -20.06 -40.02 4.85
CA ASN A 462 -20.48 -40.11 3.43
C ASN A 462 -19.89 -38.94 2.64
N GLU A 463 -18.60 -38.64 2.80
CA GLU A 463 -17.97 -37.43 2.20
C GLU A 463 -17.24 -37.78 0.89
N GLY A 464 -17.16 -36.79 -0.01
CA GLY A 464 -16.58 -36.97 -1.36
C GLY A 464 -15.12 -37.40 -1.28
N PHE A 465 -14.40 -36.86 -0.31
CA PHE A 465 -12.93 -37.09 -0.16
C PHE A 465 -12.69 -38.38 0.60
N LEU A 466 -13.68 -38.89 1.33
CA LEU A 466 -13.62 -40.23 1.97
C LEU A 466 -13.84 -41.33 0.92
N LYS A 467 -14.36 -40.97 -0.26
CA LYS A 467 -14.38 -41.88 -1.43
C LYS A 467 -13.04 -41.74 -2.17
N ASN A 468 -12.85 -40.65 -2.89
CA ASN A 468 -11.61 -40.46 -3.68
C ASN A 468 -10.54 -40.03 -2.69
N GLY A 469 -9.37 -40.66 -2.66
CA GLY A 469 -8.21 -40.11 -1.92
C GLY A 469 -8.11 -38.65 -2.29
N LYS A 470 -8.52 -37.75 -1.41
CA LYS A 470 -8.48 -36.28 -1.62
C LYS A 470 -8.63 -35.60 -0.26
N ASP A 471 -8.15 -34.36 -0.15
CA ASP A 471 -8.15 -33.65 1.15
C ASP A 471 -9.06 -32.44 1.02
N PRO A 472 -9.91 -32.15 2.02
CA PRO A 472 -10.62 -30.87 2.07
C PRO A 472 -9.64 -29.68 2.15
N TYR A 473 -10.14 -28.54 1.70
CA TYR A 473 -9.37 -27.28 1.70
C TYR A 473 -9.58 -26.57 3.03
N LEU A 474 -8.50 -26.15 3.67
CA LEU A 474 -8.61 -25.29 4.87
C LEU A 474 -8.10 -23.89 4.54
N THR A 475 -8.92 -22.89 4.83
CA THR A 475 -8.60 -21.47 4.61
C THR A 475 -8.82 -20.76 5.94
N VAL A 476 -7.78 -20.12 6.45
CA VAL A 476 -7.80 -19.40 7.76
C VAL A 476 -7.28 -17.98 7.52
N MET A 477 -8.07 -16.99 7.95
CA MET A 477 -7.70 -15.57 7.78
C MET A 477 -7.55 -14.94 9.17
N SER A 478 -6.34 -14.49 9.48
CA SER A 478 -5.95 -14.03 10.84
C SER A 478 -5.33 -12.64 10.75
N ALA A 479 -5.62 -11.80 11.74
CA ALA A 479 -5.19 -10.38 11.76
C ALA A 479 -3.68 -10.32 11.91
N GLY A 480 -3.04 -11.37 12.41
CA GLY A 480 -1.57 -11.45 12.54
C GLY A 480 -1.19 -12.07 13.87
N HIS A 481 0.12 -12.37 14.03
CA HIS A 481 1.15 -11.97 13.08
C HIS A 481 1.94 -13.18 12.56
N VAL A 482 1.98 -14.26 13.33
CA VAL A 482 2.37 -15.62 12.85
C VAL A 482 1.18 -16.53 13.13
N LEU A 483 1.00 -17.54 12.30
CA LEU A 483 -0.07 -18.54 12.52
C LEU A 483 0.46 -19.91 12.18
N HIS A 484 0.34 -20.83 13.14
CA HIS A 484 0.60 -22.26 12.96
C HIS A 484 -0.73 -23.00 13.02
N VAL A 485 -0.96 -23.90 12.06
CA VAL A 485 -2.23 -24.64 11.87
C VAL A 485 -1.99 -26.12 12.22
N PHE A 486 -2.76 -26.64 13.14
CA PHE A 486 -2.57 -28.00 13.67
C PHE A 486 -3.84 -28.81 13.46
N VAL A 487 -3.69 -29.97 12.80
CA VAL A 487 -4.81 -30.91 12.52
C VAL A 487 -4.50 -32.24 13.21
N ASN A 488 -5.35 -32.65 14.15
CA ASN A 488 -5.29 -33.97 14.83
C ASN A 488 -3.86 -34.22 15.32
N GLY A 489 -3.21 -33.18 15.83
CA GLY A 489 -1.84 -33.24 16.38
C GLY A 489 -0.82 -32.71 15.39
N LYS A 490 -0.85 -33.13 14.13
CA LYS A 490 0.29 -32.82 13.22
C LYS A 490 0.14 -31.41 12.64
N LEU A 491 1.28 -30.83 12.26
CA LEU A 491 1.42 -29.41 11.81
C LEU A 491 1.17 -29.34 10.31
N SER A 492 0.13 -28.63 9.90
CA SER A 492 -0.35 -28.56 8.48
C SER A 492 0.23 -27.34 7.77
N GLY A 493 0.51 -26.25 8.50
CA GLY A 493 0.87 -24.96 7.88
C GLY A 493 1.52 -23.98 8.84
N THR A 494 2.14 -22.96 8.26
CA THR A 494 2.88 -21.89 8.97
C THR A 494 2.94 -20.69 8.01
N VAL A 495 2.35 -19.57 8.40
CA VAL A 495 2.36 -18.32 7.58
C VAL A 495 2.62 -17.13 8.51
N TYR A 496 3.27 -16.11 8.00
CA TYR A 496 3.64 -14.91 8.79
C TYR A 496 3.55 -13.66 7.92
N GLY A 497 3.52 -12.50 8.59
CA GLY A 497 3.31 -11.19 7.95
C GLY A 497 4.59 -10.38 7.91
N THR A 498 4.46 -9.13 7.48
CA THR A 498 5.50 -8.09 7.61
C THR A 498 4.93 -6.98 8.48
N LEU A 499 5.76 -5.99 8.82
CA LEU A 499 5.32 -4.77 9.53
C LEU A 499 4.16 -4.11 8.77
N ASP A 500 4.35 -3.81 7.48
CA ASP A 500 3.41 -3.04 6.62
C ASP A 500 2.06 -3.77 6.52
N ASN A 501 2.10 -5.09 6.30
CA ASN A 501 0.88 -5.91 6.11
C ASN A 501 0.94 -7.12 7.03
N PRO A 502 0.50 -6.96 8.30
CA PRO A 502 0.58 -8.06 9.26
C PRO A 502 -0.53 -9.11 9.13
N LYS A 503 -1.64 -8.80 8.43
CA LYS A 503 -2.73 -9.77 8.18
C LYS A 503 -2.18 -10.91 7.32
N LEU A 504 -2.69 -12.12 7.51
CA LEU A 504 -2.20 -13.27 6.72
C LEU A 504 -3.36 -14.22 6.39
N THR A 505 -3.14 -15.08 5.42
CA THR A 505 -4.08 -16.15 5.05
C THR A 505 -3.31 -17.45 4.85
N TYR A 506 -3.69 -18.49 5.61
CA TYR A 506 -3.29 -19.89 5.34
C TYR A 506 -4.34 -20.54 4.44
N SER A 507 -3.91 -21.05 3.29
CA SER A 507 -4.72 -21.88 2.39
C SER A 507 -3.98 -23.19 2.10
N GLY A 508 -4.71 -24.31 2.13
CA GLY A 508 -4.10 -25.64 1.93
C GLY A 508 -5.05 -26.79 2.14
N ASN A 509 -4.84 -27.87 1.38
CA ASN A 509 -5.53 -29.16 1.57
C ASN A 509 -5.08 -29.76 2.90
N VAL A 510 -6.00 -30.36 3.64
CA VAL A 510 -5.76 -30.86 5.03
C VAL A 510 -6.39 -32.24 5.21
N LYS A 511 -5.59 -33.25 5.57
CA LYS A 511 -6.05 -34.66 5.70
C LYS A 511 -6.98 -34.79 6.91
N LEU A 512 -8.29 -34.73 6.70
CA LEU A 512 -9.28 -35.06 7.77
C LEU A 512 -9.77 -36.49 7.54
N ARG A 513 -10.50 -37.04 8.51
CA ARG A 513 -11.13 -38.37 8.34
C ARG A 513 -12.47 -38.36 9.08
N ALA A 514 -13.29 -39.39 8.84
CA ALA A 514 -14.67 -39.47 9.36
C ALA A 514 -14.65 -39.30 10.89
N GLY A 515 -15.61 -38.54 11.41
CA GLY A 515 -15.80 -38.29 12.85
C GLY A 515 -15.13 -36.99 13.28
N ILE A 516 -14.96 -36.83 14.59
CA ILE A 516 -14.40 -35.59 15.20
C ILE A 516 -12.95 -35.46 14.77
N ASN A 517 -12.62 -34.34 14.13
CA ASN A 517 -11.24 -33.92 13.81
C ASN A 517 -10.85 -32.76 14.72
N LYS A 518 -9.58 -32.69 15.08
CA LYS A 518 -9.09 -31.64 16.00
C LYS A 518 -8.43 -30.54 15.19
N ILE A 519 -8.89 -29.32 15.39
CA ILE A 519 -8.20 -28.13 14.84
C ILE A 519 -7.68 -27.31 16.03
N SER A 520 -6.41 -26.95 15.95
CA SER A 520 -5.71 -26.14 16.96
C SER A 520 -4.92 -25.08 16.21
N LEU A 521 -5.25 -23.80 16.38
CA LEU A 521 -4.58 -22.69 15.69
C LEU A 521 -3.73 -21.94 16.72
N LEU A 522 -2.43 -21.81 16.43
CA LEU A 522 -1.50 -21.05 17.29
C LEU A 522 -1.22 -19.70 16.63
N SER A 523 -1.89 -18.65 17.10
CA SER A 523 -1.56 -17.28 16.63
C SER A 523 -0.63 -16.59 17.63
N VAL A 524 0.44 -16.02 17.09
CA VAL A 524 1.57 -15.40 17.83
C VAL A 524 1.60 -13.92 17.46
N SER A 525 1.86 -13.04 18.42
CA SER A 525 2.12 -11.61 18.16
C SER A 525 3.62 -11.33 18.23
N VAL A 526 4.06 -10.32 17.50
CA VAL A 526 5.47 -9.83 17.57
C VAL A 526 5.40 -8.40 18.10
N GLY A 527 5.12 -8.26 19.40
CA GLY A 527 4.89 -6.95 20.04
C GLY A 527 3.64 -6.31 19.50
N LEU A 528 3.13 -5.28 20.16
CA LEU A 528 1.88 -4.65 19.72
C LEU A 528 2.18 -3.41 18.88
N PRO A 529 1.20 -3.02 18.03
CA PRO A 529 1.29 -1.76 17.28
C PRO A 529 1.53 -0.57 18.21
N ASN A 530 2.33 0.38 17.74
CA ASN A 530 2.86 1.49 18.57
C ASN A 530 2.57 2.84 17.91
N VAL A 531 1.98 2.88 16.73
CA VAL A 531 1.86 4.19 16.01
C VAL A 531 0.75 4.15 14.98
N GLY A 532 0.09 5.28 14.79
CA GLY A 532 -1.04 5.43 13.86
C GLY A 532 -2.26 5.99 14.55
N VAL A 533 -3.19 6.50 13.77
CA VAL A 533 -4.54 6.86 14.27
C VAL A 533 -5.16 5.58 14.84
N HIS A 534 -5.72 5.66 16.05
CA HIS A 534 -6.47 4.55 16.69
C HIS A 534 -5.73 3.21 16.55
N TYR A 535 -4.39 3.21 16.58
CA TYR A 535 -3.59 1.97 16.49
C TYR A 535 -4.04 0.96 17.57
N ASP A 536 -4.52 1.45 18.72
CA ASP A 536 -4.86 0.58 19.86
C ASP A 536 -6.01 -0.35 19.45
N THR A 537 -6.91 0.10 18.58
CA THR A 537 -8.17 -0.63 18.25
C THR A 537 -7.90 -1.68 17.17
N TRP A 538 -6.72 -1.73 16.58
CA TRP A 538 -6.38 -2.78 15.59
C TRP A 538 -6.48 -4.18 16.22
N ASN A 539 -6.82 -5.17 15.41
CA ASN A 539 -7.02 -6.56 15.87
C ASN A 539 -5.73 -7.35 15.73
N ALA A 540 -5.65 -8.46 16.48
CA ALA A 540 -4.67 -9.54 16.26
C ALA A 540 -5.33 -10.87 16.57
N GLY A 541 -4.77 -11.93 16.00
CA GLY A 541 -5.32 -13.28 16.21
C GLY A 541 -6.42 -13.58 15.22
N VAL A 542 -6.95 -14.79 15.30
CA VAL A 542 -7.80 -15.34 14.21
C VAL A 542 -9.22 -14.84 14.40
N LEU A 543 -9.68 -13.99 13.48
CA LEU A 543 -11.07 -13.49 13.47
C LEU A 543 -11.81 -13.93 12.20
N GLY A 544 -11.11 -14.60 11.28
CA GLY A 544 -11.73 -15.31 10.15
C GLY A 544 -11.84 -14.45 8.90
N PRO A 545 -12.77 -14.79 7.98
CA PRO A 545 -13.55 -16.02 8.11
C PRO A 545 -12.68 -17.28 7.93
N VAL A 546 -13.16 -18.40 8.45
CA VAL A 546 -12.43 -19.70 8.43
C VAL A 546 -13.32 -20.75 7.76
N THR A 547 -12.93 -21.20 6.58
CA THR A 547 -13.75 -22.11 5.76
C THR A 547 -13.04 -23.44 5.50
N LEU A 548 -13.85 -24.44 5.18
CA LEU A 548 -13.41 -25.81 4.82
C LEU A 548 -14.19 -26.25 3.58
N SER A 549 -13.60 -26.06 2.41
CA SER A 549 -14.17 -26.43 1.07
C SER A 549 -14.01 -27.94 0.84
N GLY A 550 -14.47 -28.43 -0.31
CA GLY A 550 -14.41 -29.85 -0.70
C GLY A 550 -15.36 -30.70 0.12
N LEU A 551 -16.35 -30.13 0.79
CA LEU A 551 -17.40 -30.91 1.49
C LEU A 551 -18.61 -31.13 0.55
N ASN A 552 -19.57 -31.93 1.00
CA ASN A 552 -20.84 -32.20 0.25
C ASN A 552 -21.64 -30.91 0.24
N GLU A 553 -21.85 -30.34 1.44
CA GLU A 553 -22.48 -29.02 1.67
C GLU A 553 -21.75 -27.95 0.84
N GLY A 554 -20.43 -28.04 0.73
CA GLY A 554 -19.65 -27.22 -0.23
C GLY A 554 -18.43 -26.59 0.41
N SER A 555 -18.62 -25.75 1.43
CA SER A 555 -17.52 -24.99 2.07
C SER A 555 -17.98 -24.49 3.44
N ARG A 556 -17.51 -25.14 4.51
CA ARG A 556 -18.10 -25.04 5.87
C ARG A 556 -17.54 -23.82 6.60
N ASN A 557 -18.42 -22.98 7.16
CA ASN A 557 -18.01 -21.76 7.90
C ASN A 557 -17.66 -22.14 9.34
N LEU A 558 -16.38 -22.37 9.60
CA LEU A 558 -15.88 -22.87 10.89
C LEU A 558 -15.88 -21.75 11.93
N ALA A 559 -15.94 -20.49 11.51
CA ALA A 559 -16.00 -19.33 12.42
C ALA A 559 -17.30 -19.34 13.23
N LYS A 560 -18.32 -20.10 12.81
CA LYS A 560 -19.65 -20.15 13.49
C LYS A 560 -19.83 -21.49 14.20
N GLN A 561 -18.80 -21.93 14.92
CA GLN A 561 -18.89 -23.10 15.83
C GLN A 561 -18.45 -22.67 17.23
N LYS A 562 -18.55 -23.61 18.17
CA LYS A 562 -17.89 -23.46 19.49
C LYS A 562 -16.38 -23.56 19.24
N TRP A 563 -15.67 -22.48 19.57
CA TRP A 563 -14.19 -22.45 19.68
C TRP A 563 -13.83 -22.42 21.17
N SER A 564 -12.70 -23.01 21.52
CA SER A 564 -12.13 -22.97 22.88
C SER A 564 -10.74 -22.36 22.82
N TYR A 565 -10.36 -21.61 23.85
CA TYR A 565 -9.09 -20.84 23.90
C TYR A 565 -8.22 -21.36 25.04
N LYS A 566 -6.92 -21.34 24.82
CA LYS A 566 -5.90 -21.52 25.88
C LYS A 566 -4.79 -20.47 25.69
N VAL A 567 -4.53 -19.71 26.74
CA VAL A 567 -3.56 -18.59 26.71
C VAL A 567 -2.16 -19.15 26.88
N GLY A 568 -1.28 -18.80 25.95
CA GLY A 568 0.18 -18.93 26.08
C GLY A 568 0.63 -20.36 26.11
N LEU A 569 1.92 -20.58 26.33
CA LEU A 569 2.55 -21.92 26.29
C LEU A 569 2.65 -22.49 27.69
N LYS A 570 2.74 -23.82 27.75
CA LYS A 570 2.95 -24.60 29.00
C LYS A 570 4.29 -24.19 29.62
N GLY A 571 5.36 -24.15 28.82
CA GLY A 571 6.71 -23.80 29.30
C GLY A 571 6.70 -22.46 30.01
N GLU A 572 5.86 -21.52 29.54
CA GLU A 572 5.68 -20.21 30.19
C GLU A 572 4.97 -20.43 31.52
N SER A 573 3.82 -21.11 31.53
CA SER A 573 3.04 -21.35 32.77
C SER A 573 3.91 -22.12 33.78
N LEU A 574 4.95 -22.80 33.32
CA LEU A 574 5.95 -23.48 34.21
C LEU A 574 7.14 -22.56 34.51
N SER A 575 7.34 -21.49 33.73
CA SER A 575 8.55 -20.61 33.79
C SER A 575 9.84 -21.46 33.78
N LEU A 576 9.98 -22.30 32.75
CA LEU A 576 11.20 -23.11 32.51
C LEU A 576 12.40 -22.20 32.22
N HIS A 577 12.24 -20.88 32.21
CA HIS A 577 13.34 -19.91 31.98
C HIS A 577 14.08 -19.64 33.28
N SER A 578 13.40 -19.76 34.42
CA SER A 578 13.99 -19.49 35.76
C SER A 578 14.63 -20.78 36.29
N LEU A 579 15.57 -20.66 37.22
CA LEU A 579 16.29 -21.84 37.77
C LEU A 579 15.25 -22.71 38.46
N SER A 580 14.41 -22.14 39.30
CA SER A 580 13.36 -22.86 40.06
C SER A 580 12.46 -23.63 39.07
N GLY A 581 11.94 -22.95 38.05
CA GLY A 581 10.99 -23.54 37.09
C GLY A 581 11.65 -24.58 36.20
N SER A 582 12.90 -24.35 35.77
CA SER A 582 13.62 -25.19 34.78
C SER A 582 13.93 -26.58 35.36
N SER A 583 13.89 -26.71 36.67
CA SER A 583 14.01 -27.99 37.40
C SER A 583 12.62 -28.39 37.92
N SER A 584 11.77 -28.86 37.04
CA SER A 584 10.38 -29.26 37.38
C SER A 584 9.85 -30.23 36.32
N VAL A 585 10.44 -30.23 35.13
CA VAL A 585 10.09 -31.18 34.05
C VAL A 585 11.29 -32.08 33.73
N GLU A 586 11.00 -33.19 33.07
CA GLU A 586 11.99 -34.16 32.52
C GLU A 586 12.61 -33.56 31.24
N TRP A 587 13.88 -33.15 31.32
CA TRP A 587 14.60 -32.67 30.11
C TRP A 587 15.24 -33.87 29.38
N VAL A 588 15.31 -33.80 28.07
CA VAL A 588 15.74 -34.93 27.20
C VAL A 588 17.24 -34.78 26.89
N ARG A 589 18.10 -35.27 27.78
CA ARG A 589 19.57 -35.20 27.62
C ARG A 589 20.01 -36.14 26.48
N GLY A 590 21.32 -36.36 26.35
CA GLY A 590 21.87 -37.28 25.35
C GLY A 590 21.65 -36.78 23.93
N SER A 591 21.38 -37.69 22.99
CA SER A 591 21.46 -37.43 21.52
C SER A 591 20.06 -37.30 20.92
N LEU A 592 19.02 -37.80 21.59
CA LEU A 592 17.62 -37.65 21.15
C LEU A 592 17.24 -36.17 21.17
N MET A 593 18.11 -35.28 21.66
CA MET A 593 17.93 -33.80 21.61
C MET A 593 17.14 -33.44 20.35
N ALA A 594 15.92 -32.91 20.51
CA ALA A 594 15.02 -32.57 19.39
C ALA A 594 15.78 -31.64 18.45
N GLN A 595 15.98 -32.06 17.20
CA GLN A 595 16.66 -31.25 16.16
C GLN A 595 15.62 -30.91 15.09
N LYS A 596 15.64 -29.66 14.64
CA LYS A 596 14.69 -29.09 13.65
C LYS A 596 13.27 -29.54 14.03
N GLN A 597 12.85 -29.20 15.25
CA GLN A 597 11.59 -29.64 15.86
C GLN A 597 10.81 -28.41 16.34
N PRO A 598 9.56 -28.20 15.87
CA PRO A 598 8.70 -27.14 16.39
C PRO A 598 8.36 -27.24 17.89
N LEU A 599 8.19 -26.06 18.50
CA LEU A 599 7.72 -25.84 19.89
C LEU A 599 8.58 -26.65 20.86
N THR A 600 9.85 -26.27 20.97
CA THR A 600 10.84 -27.00 21.79
C THR A 600 11.52 -26.03 22.74
N TRP A 601 11.62 -26.40 24.00
CA TRP A 601 12.47 -25.68 24.99
C TRP A 601 13.86 -26.27 24.99
N TYR A 602 14.88 -25.44 25.20
CA TYR A 602 16.29 -25.88 25.28
C TYR A 602 16.94 -25.27 26.54
N LYS A 603 18.11 -25.78 26.90
CA LYS A 603 18.69 -25.52 28.23
C LYS A 603 20.16 -25.93 28.23
N ALA A 604 21.05 -25.00 28.54
CA ALA A 604 22.49 -25.26 28.70
C ALA A 604 23.05 -24.35 29.80
N THR A 605 24.14 -24.81 30.39
CA THR A 605 24.88 -24.02 31.39
C THR A 605 26.28 -23.78 30.85
N PHE A 606 26.83 -22.60 31.16
CA PHE A 606 28.12 -22.14 30.62
C PHE A 606 28.77 -21.20 31.63
N ASN A 607 30.03 -20.86 31.32
CA ASN A 607 30.88 -19.99 32.15
C ASN A 607 31.11 -18.69 31.36
N ALA A 608 31.11 -17.55 32.06
CA ALA A 608 31.40 -16.23 31.47
C ALA A 608 32.68 -16.34 30.64
N PRO A 609 32.67 -15.92 29.37
CA PRO A 609 33.90 -15.81 28.58
C PRO A 609 34.86 -14.72 29.06
N GLY A 610 35.91 -14.49 28.25
CA GLY A 610 37.11 -13.77 28.68
C GLY A 610 36.88 -12.28 28.82
N GLY A 611 37.18 -11.74 30.01
CA GLY A 611 37.53 -10.33 30.20
C GLY A 611 36.33 -9.43 30.07
N ASN A 612 36.40 -8.40 29.23
CA ASN A 612 35.52 -7.21 29.30
C ASN A 612 35.02 -6.86 27.90
N ASP A 613 35.05 -7.77 26.93
CA ASP A 613 34.34 -7.56 25.64
C ASP A 613 32.84 -7.70 25.88
N PRO A 614 32.02 -6.92 25.15
CA PRO A 614 30.59 -7.19 25.05
C PRO A 614 30.36 -8.56 24.38
N LEU A 615 29.28 -9.20 24.80
CA LEU A 615 28.93 -10.57 24.38
C LEU A 615 27.63 -10.53 23.59
N ALA A 616 27.40 -11.60 22.83
CA ALA A 616 26.14 -11.88 22.12
C ALA A 616 26.00 -13.39 21.92
N LEU A 617 24.90 -13.81 21.28
CA LEU A 617 24.60 -15.22 20.97
C LEU A 617 24.42 -15.36 19.47
N ASP A 618 25.23 -16.22 18.84
CA ASP A 618 24.98 -16.64 17.43
C ASP A 618 23.84 -17.65 17.45
N MET A 619 22.76 -17.35 16.75
CA MET A 619 21.56 -18.21 16.72
C MET A 619 21.14 -18.43 15.28
N ALA A 620 22.00 -18.17 14.29
CA ALA A 620 21.65 -18.39 12.86
C ALA A 620 21.29 -19.87 12.66
N SER A 621 21.64 -20.75 13.60
CA SER A 621 21.25 -22.19 13.61
C SER A 621 19.76 -22.37 13.93
N MET A 622 19.14 -21.39 14.58
CA MET A 622 17.79 -21.54 15.15
C MET A 622 16.76 -20.77 14.31
N GLY A 623 15.49 -20.82 14.70
CA GLY A 623 14.37 -20.24 13.94
C GLY A 623 13.79 -19.03 14.64
N LYS A 624 13.07 -19.23 15.75
CA LYS A 624 12.30 -18.13 16.41
C LYS A 624 11.82 -18.56 17.78
N GLY A 625 11.75 -17.58 18.69
CA GLY A 625 11.25 -17.77 20.05
C GLY A 625 11.79 -16.72 21.00
N GLN A 626 12.18 -17.11 22.20
CA GLN A 626 12.75 -16.16 23.17
C GLN A 626 14.04 -16.73 23.75
N ILE A 627 14.88 -15.83 24.26
CA ILE A 627 16.12 -16.20 24.99
C ILE A 627 16.04 -15.65 26.42
N TRP A 628 16.58 -16.40 27.36
CA TRP A 628 16.71 -15.98 28.78
C TRP A 628 18.11 -16.37 29.26
N ILE A 629 18.84 -15.41 29.80
CA ILE A 629 20.07 -15.72 30.58
C ILE A 629 19.74 -15.55 32.06
N ASN A 630 19.92 -16.61 32.84
CA ASN A 630 19.76 -16.61 34.32
C ASN A 630 18.38 -16.03 34.66
N GLY A 631 17.35 -16.50 33.96
CA GLY A 631 15.95 -16.16 34.23
C GLY A 631 15.58 -14.76 33.79
N GLU A 632 16.50 -13.99 33.20
CA GLU A 632 16.16 -12.63 32.67
C GLU A 632 15.97 -12.71 31.16
N GLY A 633 14.91 -12.06 30.67
CA GLY A 633 14.54 -12.00 29.24
C GLY A 633 15.61 -11.31 28.40
N VAL A 634 16.40 -12.09 27.67
CA VAL A 634 17.38 -11.55 26.68
C VAL A 634 16.62 -10.82 25.57
N GLY A 635 15.40 -11.28 25.26
CA GLY A 635 14.61 -10.77 24.13
C GLY A 635 14.06 -11.88 23.26
N ARG A 636 13.57 -11.52 22.08
CA ARG A 636 13.04 -12.46 21.05
C ARG A 636 14.11 -12.75 20.01
N HIS A 637 14.26 -14.01 19.60
CA HIS A 637 15.14 -14.36 18.45
C HIS A 637 14.29 -14.70 17.25
N TRP A 638 14.75 -14.34 16.06
CA TRP A 638 13.95 -14.57 14.84
C TRP A 638 14.86 -14.54 13.62
N PRO A 639 15.96 -15.35 13.63
CA PRO A 639 16.85 -15.45 12.48
C PRO A 639 16.22 -16.10 11.25
N GLY A 640 15.08 -16.78 11.43
CA GLY A 640 14.34 -17.49 10.37
C GLY A 640 13.77 -16.53 9.33
N TYR A 641 13.46 -15.31 9.74
CA TYR A 641 12.99 -14.26 8.81
C TYR A 641 14.21 -13.72 8.05
N ILE A 642 14.17 -13.80 6.72
CA ILE A 642 15.30 -13.30 5.90
C ILE A 642 15.02 -11.83 5.54
N ALA A 643 16.02 -10.98 5.75
CA ALA A 643 15.95 -9.55 5.38
C ALA A 643 15.44 -9.42 3.94
N GLN A 644 14.24 -8.90 3.76
CA GLN A 644 13.72 -8.50 2.42
C GLN A 644 14.14 -7.05 2.15
N GLY A 645 14.56 -6.72 0.93
CA GLY A 645 14.49 -5.31 0.44
C GLY A 645 15.67 -4.90 -0.41
N ASP A 646 15.70 -3.62 -0.79
CA ASP A 646 16.79 -2.98 -1.58
C ASP A 646 18.03 -2.83 -0.68
N CYS A 647 19.21 -3.08 -1.23
CA CYS A 647 20.49 -2.94 -0.50
C CYS A 647 21.55 -2.41 -1.46
N SER A 648 21.22 -1.39 -2.23
CA SER A 648 22.19 -0.64 -3.07
C SER A 648 23.34 -0.14 -2.18
N LYS A 649 24.53 -0.03 -2.77
CA LYS A 649 25.68 0.68 -2.16
C LYS A 649 25.29 2.14 -2.00
N CYS A 650 25.92 2.85 -1.08
CA CYS A 650 25.37 4.14 -0.59
C CYS A 650 26.44 5.23 -0.61
N SER A 651 26.03 6.42 -1.05
CA SER A 651 26.81 7.69 -1.05
C SER A 651 26.22 8.64 -0.01
N TYR A 652 27.05 9.32 0.77
CA TYR A 652 26.59 10.25 1.84
C TYR A 652 25.68 11.34 1.24
N ALA A 653 25.99 11.80 0.02
CA ALA A 653 25.43 13.04 -0.58
C ALA A 653 23.99 12.83 -1.05
N GLY A 654 23.19 13.89 -1.01
CA GLY A 654 21.78 13.87 -1.43
C GLY A 654 20.83 13.60 -0.28
N THR A 655 19.59 14.04 -0.46
CA THR A 655 18.49 13.83 0.51
C THR A 655 18.44 12.36 0.91
N PHE A 656 18.26 12.12 2.20
CA PHE A 656 18.28 10.77 2.80
C PHE A 656 16.85 10.28 3.07
N ASN A 657 16.70 8.97 3.06
CA ASN A 657 15.49 8.32 3.63
C ASN A 657 15.92 6.97 4.19
N GLU A 658 15.16 6.45 5.14
CA GLU A 658 15.37 5.12 5.75
C GLU A 658 15.92 4.12 4.72
N LYS A 659 15.40 4.11 3.50
CA LYS A 659 15.67 3.00 2.55
C LYS A 659 17.05 3.14 1.89
N LYS A 660 17.72 4.29 2.03
CA LYS A 660 18.89 4.69 1.19
C LYS A 660 20.05 3.71 1.44
N CYS A 661 20.50 3.55 2.69
CA CYS A 661 21.70 2.73 2.98
C CYS A 661 21.28 1.49 3.77
N GLN A 662 20.33 0.74 3.22
CA GLN A 662 19.91 -0.55 3.80
C GLN A 662 21.03 -1.58 3.58
N THR A 663 21.25 -2.42 4.58
CA THR A 663 22.34 -3.41 4.62
C THR A 663 21.76 -4.74 5.09
N ASN A 664 22.44 -5.83 4.75
CA ASN A 664 22.24 -7.19 5.30
C ASN A 664 21.07 -7.91 4.60
N CYS A 665 20.67 -7.48 3.40
CA CYS A 665 19.68 -8.19 2.55
C CYS A 665 20.16 -9.64 2.34
N GLY A 666 19.26 -10.61 2.42
CA GLY A 666 19.55 -12.03 2.15
C GLY A 666 19.89 -12.80 3.41
N GLN A 667 20.38 -12.14 4.47
CA GLN A 667 20.82 -12.84 5.69
C GLN A 667 19.71 -12.85 6.73
N PRO A 668 19.84 -13.64 7.82
CA PRO A 668 18.94 -13.52 8.97
C PRO A 668 18.86 -12.07 9.46
N SER A 669 17.66 -11.57 9.74
CA SER A 669 17.40 -10.14 10.00
C SER A 669 18.08 -9.73 11.31
N GLN A 670 18.24 -10.66 12.24
CA GLN A 670 19.16 -10.45 13.37
C GLN A 670 19.83 -11.77 13.68
N ARG A 671 21.12 -11.87 13.42
CA ARG A 671 21.90 -13.11 13.63
C ARG A 671 22.34 -13.17 15.09
N TRP A 672 22.88 -12.06 15.59
CA TRP A 672 23.45 -11.96 16.96
C TRP A 672 22.43 -11.36 17.91
N TYR A 673 22.47 -11.80 19.18
CA TYR A 673 21.52 -11.36 20.23
C TYR A 673 22.29 -10.96 21.49
N HIS A 674 22.18 -9.68 21.85
CA HIS A 674 23.01 -9.00 22.86
C HIS A 674 22.80 -9.65 24.22
N VAL A 675 23.90 -9.82 24.95
CA VAL A 675 23.90 -10.38 26.32
C VAL A 675 24.78 -9.49 27.19
N PRO A 676 24.18 -8.63 28.07
CA PRO A 676 24.95 -7.83 29.02
C PRO A 676 25.99 -8.63 29.83
N ARG A 677 27.20 -8.10 29.96
CA ARG A 677 28.22 -8.60 30.92
C ARG A 677 27.64 -8.61 32.34
N SER A 678 26.69 -7.74 32.66
CA SER A 678 26.14 -7.60 34.03
C SER A 678 25.12 -8.71 34.34
N TRP A 679 24.67 -9.48 33.35
CA TRP A 679 23.62 -10.52 33.57
C TRP A 679 24.27 -11.88 33.78
N LEU A 680 25.58 -11.97 33.55
CA LEU A 680 26.35 -13.23 33.75
C LEU A 680 27.04 -13.17 35.10
N LYS A 681 27.24 -14.35 35.69
CA LYS A 681 28.17 -14.58 36.81
C LYS A 681 29.32 -15.46 36.30
N PRO A 682 30.38 -15.69 37.12
CA PRO A 682 31.56 -16.44 36.65
C PRO A 682 31.26 -17.84 36.09
N SER A 683 30.44 -18.61 36.80
CA SER A 683 29.92 -19.93 36.36
C SER A 683 28.51 -20.16 36.93
N GLY A 684 27.74 -21.03 36.29
CA GLY A 684 26.36 -21.34 36.68
C GLY A 684 25.37 -20.46 35.94
N ASN A 685 25.59 -20.31 34.62
CA ASN A 685 24.81 -19.37 33.79
C ASN A 685 23.72 -20.15 33.06
N LEU A 686 22.47 -20.01 33.50
CA LEU A 686 21.38 -20.83 32.92
C LEU A 686 20.91 -20.18 31.61
N LEU A 687 21.35 -20.72 30.48
CA LEU A 687 20.77 -20.34 29.16
C LEU A 687 19.52 -21.18 28.93
N VAL A 688 18.38 -20.53 28.69
CA VAL A 688 17.13 -21.21 28.24
C VAL A 688 16.61 -20.49 27.00
N VAL A 689 16.30 -21.27 25.97
CA VAL A 689 15.76 -20.80 24.67
C VAL A 689 14.44 -21.51 24.44
N PHE A 690 13.41 -20.77 24.09
CA PHE A 690 12.20 -21.38 23.49
C PHE A 690 12.32 -21.28 21.97
N GLU A 691 12.34 -22.42 21.29
CA GLU A 691 12.35 -22.49 19.80
C GLU A 691 10.93 -22.81 19.35
N GLU A 692 10.31 -21.90 18.62
CA GLU A 692 8.91 -22.02 18.19
C GLU A 692 8.85 -22.57 16.75
N TRP A 693 9.98 -22.65 16.07
CA TRP A 693 10.01 -22.84 14.60
C TRP A 693 10.82 -24.08 14.19
N GLY A 694 11.71 -24.57 15.06
CA GLY A 694 12.66 -25.64 14.71
C GLY A 694 14.01 -25.09 14.35
N GLY A 695 15.06 -25.70 14.92
CA GLY A 695 16.47 -25.37 14.72
C GLY A 695 17.35 -26.35 15.49
N ASN A 696 18.67 -26.23 15.34
CA ASN A 696 19.63 -27.18 15.95
C ASN A 696 20.48 -26.44 16.98
N PRO A 697 20.24 -26.64 18.29
CA PRO A 697 20.86 -25.82 19.32
C PRO A 697 22.36 -26.09 19.51
N THR A 698 22.99 -26.95 18.72
CA THR A 698 24.43 -27.22 18.88
C THR A 698 25.21 -26.00 18.37
N GLY A 699 24.70 -25.34 17.31
CA GLY A 699 25.33 -24.19 16.62
C GLY A 699 25.24 -22.89 17.41
N ILE A 700 24.49 -22.85 18.52
CA ILE A 700 24.43 -21.69 19.43
C ILE A 700 25.82 -21.53 20.07
N SER A 701 26.52 -20.47 19.72
CA SER A 701 27.84 -20.15 20.31
C SER A 701 27.84 -18.68 20.73
N LEU A 702 28.32 -18.43 21.95
CA LEU A 702 28.66 -17.09 22.45
C LEU A 702 29.77 -16.45 21.59
N VAL A 703 29.78 -15.13 21.57
CA VAL A 703 30.72 -14.35 20.72
C VAL A 703 31.09 -13.07 21.47
N ARG A 704 32.16 -12.43 21.00
CA ARG A 704 32.68 -11.16 21.54
C ARG A 704 32.62 -10.09 20.45
N ARG A 705 32.10 -8.93 20.80
CA ARG A 705 32.12 -7.77 19.88
C ARG A 705 33.42 -6.98 20.11
N SER A 706 34.09 -6.60 19.03
CA SER A 706 35.23 -5.64 19.04
C SER A 706 35.29 -4.96 17.67
N ARG A 707 36.06 -3.89 17.58
CA ARG A 707 36.17 -3.08 16.33
C ARG A 707 37.65 -2.73 16.07
N SER A 708 38.00 -2.59 14.80
CA SER A 708 39.34 -2.19 14.33
C SER A 708 39.20 -1.47 12.99
N ALA A 709 40.11 -0.55 12.67
CA ALA A 709 39.98 0.35 11.51
C ALA A 709 40.16 -0.43 10.19
N GLU B 5 16.00 20.23 -3.51
CA GLU B 5 16.88 19.21 -4.16
C GLU B 5 16.03 18.16 -4.87
N PHE B 6 14.95 17.69 -4.23
CA PHE B 6 13.88 16.90 -4.89
C PHE B 6 12.55 17.65 -4.70
N SER B 7 11.98 18.13 -5.80
CA SER B 7 10.69 18.85 -5.80
C SER B 7 10.07 18.84 -7.19
N VAL B 8 8.74 18.99 -7.22
CA VAL B 8 7.97 19.22 -8.47
C VAL B 8 6.96 20.32 -8.20
N SER B 9 6.97 21.34 -9.06
CA SER B 9 5.93 22.40 -9.12
C SER B 9 5.75 22.86 -10.57
N TYR B 10 5.02 23.96 -10.78
CA TYR B 10 4.54 24.31 -12.14
C TYR B 10 4.50 25.83 -12.33
N ASP B 11 4.09 26.24 -13.53
CA ASP B 11 3.98 27.65 -13.93
C ASP B 11 3.24 27.69 -15.25
N ASP B 12 3.09 28.88 -15.84
CA ASP B 12 2.26 29.15 -17.03
C ASP B 12 2.75 28.30 -18.23
N ARG B 13 3.92 27.70 -18.15
CA ARG B 13 4.49 26.96 -19.32
C ARG B 13 4.40 25.46 -19.12
N ALA B 14 5.06 24.90 -18.09
CA ALA B 14 5.24 23.44 -17.97
C ALA B 14 5.25 22.95 -16.52
N ILE B 15 5.37 21.63 -16.35
CA ILE B 15 5.68 21.01 -15.03
C ILE B 15 7.19 21.18 -14.78
N ILE B 16 7.54 21.60 -13.58
CA ILE B 16 8.95 21.89 -13.20
C ILE B 16 9.45 20.79 -12.27
N ILE B 17 10.26 19.89 -12.82
CA ILE B 17 10.78 18.69 -12.11
C ILE B 17 12.22 18.97 -11.71
N ASN B 18 12.38 19.36 -10.44
CA ASN B 18 13.68 19.70 -9.80
C ASN B 18 14.19 21.03 -10.36
N GLY B 19 13.31 22.04 -10.44
CA GLY B 19 13.64 23.37 -11.00
C GLY B 19 13.73 23.37 -12.51
N LYS B 20 13.54 22.23 -13.20
CA LYS B 20 13.63 22.15 -14.68
C LYS B 20 12.23 21.97 -15.28
N ARG B 21 11.82 22.89 -16.15
CA ARG B 21 10.59 22.78 -16.96
C ARG B 21 10.68 21.52 -17.82
N LYS B 22 9.55 20.84 -18.02
CA LYS B 22 9.57 19.53 -18.71
C LYS B 22 8.36 19.39 -19.64
N ILE B 23 8.61 18.86 -20.83
CA ILE B 23 7.57 18.45 -21.80
C ILE B 23 7.36 16.95 -21.62
N LEU B 24 6.21 16.56 -21.08
CA LEU B 24 6.04 15.20 -20.52
C LEU B 24 5.17 14.33 -21.43
N ILE B 25 5.80 13.32 -22.03
CA ILE B 25 5.11 12.24 -22.77
C ILE B 25 4.73 11.16 -21.76
N SER B 26 3.46 10.78 -21.75
CA SER B 26 2.88 9.87 -20.72
C SER B 26 1.98 8.83 -21.38
N GLY B 27 1.61 7.81 -20.62
CA GLY B 27 0.92 6.63 -21.16
C GLY B 27 0.29 5.85 -20.04
N SER B 28 -1.02 5.65 -20.14
CA SER B 28 -1.83 4.98 -19.09
C SER B 28 -1.61 3.48 -19.21
N ILE B 29 -1.21 2.86 -18.10
CA ILE B 29 -1.06 1.38 -18.00
C ILE B 29 -1.71 0.96 -16.68
N HIS B 30 -2.93 0.46 -16.75
CA HIS B 30 -3.70 0.03 -15.57
C HIS B 30 -3.05 -1.22 -14.97
N TYR B 31 -2.62 -1.12 -13.71
CA TYR B 31 -1.90 -2.17 -12.94
C TYR B 31 -2.64 -3.50 -13.03
N PRO B 32 -3.98 -3.58 -12.85
CA PRO B 32 -4.66 -4.88 -12.82
C PRO B 32 -5.29 -5.36 -14.14
N ARG B 33 -4.93 -4.74 -15.25
CA ARG B 33 -5.33 -5.22 -16.60
C ARG B 33 -4.14 -5.98 -17.23
N SER B 34 -3.18 -6.37 -16.41
CA SER B 34 -2.03 -7.20 -16.84
C SER B 34 -1.49 -7.91 -15.61
N THR B 35 -0.63 -8.90 -15.82
CA THR B 35 -0.06 -9.69 -14.71
C THR B 35 1.34 -9.15 -14.39
N PRO B 36 1.75 -9.20 -13.10
CA PRO B 36 3.03 -8.62 -12.70
C PRO B 36 4.20 -9.20 -13.49
N GLN B 37 3.98 -10.29 -14.22
CA GLN B 37 5.03 -11.00 -14.97
C GLN B 37 5.07 -10.43 -16.39
N MET B 38 4.13 -9.53 -16.73
CA MET B 38 4.17 -8.72 -17.99
C MET B 38 4.69 -7.31 -17.64
N TRP B 39 4.39 -6.83 -16.43
CA TRP B 39 4.59 -5.42 -16.01
C TRP B 39 5.94 -4.87 -16.48
N PRO B 40 7.09 -5.45 -16.09
CA PRO B 40 8.40 -4.90 -16.46
C PRO B 40 8.62 -4.86 -17.98
N ASP B 41 8.03 -5.82 -18.70
CA ASP B 41 8.09 -5.86 -20.18
C ASP B 41 7.27 -4.70 -20.74
N LEU B 42 6.09 -4.43 -20.16
CA LEU B 42 5.19 -3.35 -20.66
C LEU B 42 5.89 -1.99 -20.50
N ILE B 43 6.39 -1.73 -19.30
CA ILE B 43 6.99 -0.43 -18.90
C ILE B 43 8.22 -0.17 -19.77
N GLN B 44 9.03 -1.20 -20.01
CA GLN B 44 10.22 -1.12 -20.90
C GLN B 44 9.76 -0.71 -22.29
N LYS B 45 8.69 -1.34 -22.80
CA LYS B 45 8.14 -1.05 -24.15
C LYS B 45 7.77 0.42 -24.22
N ALA B 46 7.11 0.95 -23.17
CA ALA B 46 6.73 2.39 -23.09
C ALA B 46 8.00 3.24 -23.03
N LYS B 47 9.05 2.75 -22.36
CA LYS B 47 10.37 3.44 -22.32
C LYS B 47 10.90 3.57 -23.75
N ASP B 48 10.97 2.46 -24.50
CA ASP B 48 11.48 2.43 -25.90
C ASP B 48 10.57 3.27 -26.80
N GLY B 49 9.32 3.51 -26.40
CA GLY B 49 8.32 4.25 -27.18
C GLY B 49 8.47 5.76 -27.04
N GLY B 50 9.28 6.22 -26.08
CA GLY B 50 9.52 7.65 -25.80
C GLY B 50 8.66 8.18 -24.66
N LEU B 51 8.32 7.34 -23.68
CA LEU B 51 7.49 7.82 -22.54
C LEU B 51 8.39 8.23 -21.38
N ASP B 52 8.05 9.35 -20.76
CA ASP B 52 8.72 9.91 -19.57
C ASP B 52 7.90 9.56 -18.32
N VAL B 53 6.60 9.39 -18.50
CA VAL B 53 5.64 9.21 -17.39
C VAL B 53 4.73 8.02 -17.71
N ILE B 54 4.25 7.35 -16.66
CA ILE B 54 3.20 6.29 -16.74
C ILE B 54 2.04 6.68 -15.83
N GLU B 55 0.84 6.60 -16.37
CA GLU B 55 -0.37 7.09 -15.69
C GLU B 55 -1.24 5.90 -15.34
N THR B 56 -1.81 5.88 -14.15
CA THR B 56 -2.72 4.79 -13.75
C THR B 56 -3.68 5.25 -12.66
N TYR B 57 -4.93 4.85 -12.80
CA TYR B 57 -5.95 5.01 -11.75
C TYR B 57 -5.57 4.15 -10.55
N VAL B 58 -6.28 4.34 -9.45
CA VAL B 58 -6.26 3.43 -8.28
C VAL B 58 -7.62 2.74 -8.25
N PHE B 59 -7.64 1.41 -8.38
CA PHE B 59 -8.89 0.64 -8.58
C PHE B 59 -9.45 0.26 -7.22
N TRP B 60 -10.36 1.10 -6.73
CA TRP B 60 -10.71 1.10 -5.30
C TRP B 60 -11.23 -0.29 -4.89
N ASN B 61 -12.25 -0.75 -5.59
CA ASN B 61 -13.04 -1.95 -5.20
C ASN B 61 -12.20 -3.20 -5.43
N GLY B 62 -11.20 -3.13 -6.30
CA GLY B 62 -10.15 -4.16 -6.43
C GLY B 62 -9.33 -4.28 -5.16
N HIS B 63 -9.22 -3.20 -4.37
CA HIS B 63 -8.30 -3.15 -3.20
C HIS B 63 -9.04 -3.43 -1.89
N GLU B 64 -10.31 -3.04 -1.77
CA GLU B 64 -11.13 -3.24 -0.56
C GLU B 64 -12.38 -4.00 -0.97
N PRO B 65 -12.31 -5.34 -1.17
CA PRO B 65 -13.47 -6.13 -1.58
C PRO B 65 -14.59 -6.12 -0.52
N SER B 66 -14.21 -6.16 0.75
CA SER B 66 -15.13 -6.02 1.91
C SER B 66 -14.55 -5.00 2.87
N PRO B 67 -15.37 -4.29 3.67
CA PRO B 67 -14.86 -3.20 4.51
C PRO B 67 -13.68 -3.66 5.36
N GLY B 68 -12.64 -2.83 5.44
CA GLY B 68 -11.49 -3.03 6.33
C GLY B 68 -10.54 -4.10 5.83
N LYS B 69 -10.99 -4.97 4.92
CA LYS B 69 -10.18 -6.10 4.40
C LYS B 69 -9.62 -5.71 3.03
N TYR B 70 -8.30 -5.60 2.94
CA TYR B 70 -7.59 -5.05 1.76
C TYR B 70 -6.90 -6.15 0.97
N ASN B 71 -6.54 -5.83 -0.27
CA ASN B 71 -5.83 -6.73 -1.20
C ASN B 71 -4.82 -5.89 -1.99
N PHE B 72 -3.53 -6.06 -1.71
CA PHE B 72 -2.45 -5.43 -2.52
C PHE B 72 -1.52 -6.54 -3.02
N GLU B 73 -2.08 -7.70 -3.36
CA GLU B 73 -1.32 -8.90 -3.76
C GLU B 73 -1.44 -9.09 -5.28
N GLY B 74 -0.48 -9.80 -5.86
CA GLY B 74 -0.44 -10.13 -7.29
C GLY B 74 -0.65 -8.90 -8.15
N ARG B 75 -1.57 -8.97 -9.10
CA ARG B 75 -1.77 -7.83 -10.03
C ARG B 75 -2.49 -6.69 -9.29
N TYR B 76 -2.70 -6.75 -7.98
CA TYR B 76 -3.16 -5.55 -7.22
C TYR B 76 -2.07 -5.02 -6.27
N ASP B 77 -0.82 -5.43 -6.47
CA ASP B 77 0.33 -4.84 -5.72
C ASP B 77 0.60 -3.45 -6.29
N LEU B 78 -0.23 -2.48 -5.91
CA LEU B 78 -0.19 -1.09 -6.46
C LEU B 78 1.23 -0.55 -6.30
N VAL B 79 1.81 -0.78 -5.13
CA VAL B 79 3.16 -0.31 -4.75
C VAL B 79 4.21 -1.05 -5.59
N ARG B 80 3.99 -2.33 -5.90
CA ARG B 80 5.00 -3.15 -6.62
C ARG B 80 5.20 -2.55 -8.01
N PHE B 81 4.10 -2.18 -8.67
CA PHE B 81 4.08 -1.68 -10.07
C PHE B 81 4.80 -0.32 -10.15
N ILE B 82 4.51 0.56 -9.20
CA ILE B 82 5.14 1.89 -9.10
C ILE B 82 6.64 1.72 -8.85
N LYS B 83 7.06 0.74 -8.06
CA LYS B 83 8.52 0.46 -7.87
C LYS B 83 9.14 0.10 -9.22
N MET B 84 8.43 -0.65 -10.06
CA MET B 84 8.98 -1.13 -11.36
C MET B 84 9.17 0.08 -12.29
N VAL B 85 8.23 1.03 -12.26
CA VAL B 85 8.31 2.23 -13.14
C VAL B 85 9.53 3.03 -12.71
N GLN B 86 9.63 3.34 -11.41
CA GLN B 86 10.79 4.05 -10.82
C GLN B 86 12.05 3.29 -11.25
N ARG B 87 12.07 1.99 -10.98
CA ARG B 87 13.21 1.08 -11.27
C ARG B 87 13.53 1.17 -12.77
N ALA B 88 12.52 1.43 -13.60
CA ALA B 88 12.74 1.51 -15.07
C ALA B 88 13.28 2.89 -15.45
N GLY B 89 12.95 3.91 -14.65
CA GLY B 89 13.50 5.27 -14.82
C GLY B 89 12.43 6.26 -15.25
N LEU B 90 11.16 5.88 -15.25
CA LEU B 90 10.05 6.78 -15.68
C LEU B 90 9.35 7.36 -14.45
N TYR B 91 8.54 8.40 -14.64
CA TYR B 91 7.74 8.99 -13.53
C TYR B 91 6.36 8.34 -13.54
N VAL B 92 5.52 8.73 -12.57
CA VAL B 92 4.19 8.11 -12.38
C VAL B 92 3.16 9.21 -12.12
N ASN B 93 2.01 9.08 -12.77
CA ASN B 93 0.85 9.97 -12.56
C ASN B 93 -0.25 9.12 -11.90
N LEU B 94 -0.33 9.11 -10.59
CA LEU B 94 -1.24 8.21 -9.83
C LEU B 94 -2.62 8.85 -9.70
N ARG B 95 -3.57 8.46 -10.54
CA ARG B 95 -4.95 9.01 -10.48
C ARG B 95 -5.77 8.24 -9.45
N ILE B 96 -5.84 8.77 -8.24
CA ILE B 96 -6.44 8.05 -7.09
C ILE B 96 -7.96 7.99 -7.26
N GLY B 97 -8.59 9.07 -7.74
CA GLY B 97 -10.05 9.07 -7.89
C GLY B 97 -10.74 9.59 -6.63
N PRO B 98 -11.42 8.75 -5.81
CA PRO B 98 -11.45 7.29 -5.96
C PRO B 98 -12.40 6.78 -7.05
N TYR B 99 -13.44 7.55 -7.41
CA TYR B 99 -14.17 7.34 -8.69
C TYR B 99 -13.18 7.49 -9.83
N VAL B 100 -13.06 6.49 -10.69
CA VAL B 100 -12.01 6.45 -11.76
C VAL B 100 -12.64 6.17 -13.12
N CYS B 101 -13.96 6.13 -13.19
CA CYS B 101 -14.68 5.74 -14.43
C CYS B 101 -13.99 4.52 -15.00
N ALA B 102 -13.31 4.65 -16.13
CA ALA B 102 -12.29 3.71 -16.65
C ALA B 102 -12.95 2.46 -17.23
N GLU B 103 -14.23 2.48 -17.55
CA GLU B 103 -14.94 1.27 -18.05
C GLU B 103 -14.72 0.16 -17.04
N TRP B 104 -14.67 0.54 -15.77
CA TRP B 104 -14.35 -0.36 -14.65
C TRP B 104 -15.62 -0.56 -13.82
N ASN B 105 -15.86 -1.77 -13.33
CA ASN B 105 -17.07 -2.11 -12.54
C ASN B 105 -17.38 -1.03 -11.51
N PHE B 106 -18.51 -0.31 -11.64
CA PHE B 106 -18.95 0.77 -10.74
C PHE B 106 -17.97 1.94 -10.68
N GLY B 107 -17.17 2.18 -11.70
CA GLY B 107 -16.25 3.32 -11.69
C GLY B 107 -15.19 3.16 -10.60
N GLY B 108 -15.09 1.97 -9.99
CA GLY B 108 -14.07 1.68 -8.97
C GLY B 108 -14.61 1.67 -7.56
N PHE B 109 -15.76 2.27 -7.28
CA PHE B 109 -16.37 2.17 -5.93
C PHE B 109 -16.66 0.72 -5.61
N PRO B 110 -16.43 0.28 -4.35
CA PRO B 110 -16.94 -1.01 -3.89
C PRO B 110 -18.47 -0.96 -3.81
N VAL B 111 -19.11 -2.08 -4.06
CA VAL B 111 -20.59 -2.18 -4.02
C VAL B 111 -21.04 -2.10 -2.56
N TRP B 112 -20.27 -2.63 -1.61
CA TRP B 112 -20.64 -2.57 -0.17
C TRP B 112 -20.74 -1.12 0.28
N LEU B 113 -20.02 -0.21 -0.37
CA LEU B 113 -20.11 1.24 -0.04
C LEU B 113 -21.51 1.73 -0.37
N LYS B 114 -22.18 1.15 -1.37
CA LYS B 114 -23.52 1.61 -1.77
C LYS B 114 -24.46 1.49 -0.57
N TYR B 115 -24.26 0.46 0.24
CA TYR B 115 -25.26 0.05 1.26
C TYR B 115 -24.82 0.50 2.65
N VAL B 116 -23.85 1.40 2.73
CA VAL B 116 -23.52 2.14 3.99
C VAL B 116 -24.75 2.97 4.35
N PRO B 117 -25.16 3.02 5.63
CA PRO B 117 -26.29 3.86 6.02
C PRO B 117 -26.07 5.35 5.74
N GLY B 118 -27.12 6.02 5.24
CA GLY B 118 -27.13 7.45 4.87
C GLY B 118 -26.20 7.75 3.70
N MET B 119 -26.01 6.78 2.81
CA MET B 119 -24.98 6.89 1.74
C MET B 119 -25.56 7.60 0.51
N GLU B 120 -24.80 8.53 -0.06
CA GLU B 120 -25.07 9.13 -1.40
C GLU B 120 -23.73 9.41 -2.07
N PHE B 121 -23.58 9.03 -3.33
CA PHE B 121 -22.27 8.98 -4.02
C PHE B 121 -21.92 10.34 -4.62
N ARG B 122 -20.61 10.61 -4.71
CA ARG B 122 -20.03 11.75 -5.49
C ARG B 122 -20.82 13.04 -5.25
N THR B 123 -21.08 13.39 -3.99
CA THR B 123 -21.75 14.67 -3.64
C THR B 123 -21.42 15.04 -2.20
N ASN B 124 -21.96 16.18 -1.75
CA ASN B 124 -21.70 16.75 -0.40
C ASN B 124 -22.42 15.88 0.64
N ASN B 125 -21.90 14.68 0.86
CA ASN B 125 -22.55 13.67 1.73
C ASN B 125 -21.53 13.15 2.73
N GLN B 126 -21.83 13.22 4.02
CA GLN B 126 -20.83 12.99 5.09
C GLN B 126 -20.44 11.52 5.14
N PRO B 127 -21.38 10.54 5.21
CA PRO B 127 -21.00 9.13 5.16
C PRO B 127 -20.05 8.84 3.99
N PHE B 128 -20.36 9.37 2.81
CA PHE B 128 -19.52 9.19 1.60
C PHE B 128 -18.16 9.86 1.83
N LYS B 129 -18.15 11.13 2.23
CA LYS B 129 -16.91 11.96 2.26
C LYS B 129 -15.90 11.31 3.21
N VAL B 130 -16.38 10.75 4.33
CA VAL B 130 -15.48 10.09 5.30
C VAL B 130 -14.90 8.84 4.64
N ALA B 131 -15.73 8.02 3.98
CA ALA B 131 -15.26 6.79 3.30
C ALA B 131 -14.26 7.18 2.20
N MET B 132 -14.58 8.19 1.40
CA MET B 132 -13.75 8.61 0.26
C MET B 132 -12.40 9.13 0.77
N GLN B 133 -12.37 9.91 1.86
CA GLN B 133 -11.09 10.46 2.39
C GLN B 133 -10.33 9.35 3.13
N GLY B 134 -11.03 8.39 3.74
CA GLY B 134 -10.42 7.14 4.26
C GLY B 134 -9.57 6.48 3.18
N PHE B 135 -10.19 6.21 2.04
CA PHE B 135 -9.58 5.59 0.85
C PHE B 135 -8.26 6.31 0.51
N VAL B 136 -8.38 7.57 0.06
CA VAL B 136 -7.25 8.37 -0.50
C VAL B 136 -6.11 8.39 0.52
N GLN B 137 -6.42 8.94 1.69
CA GLN B 137 -5.58 9.00 2.91
C GLN B 137 -4.67 7.78 2.96
N LYS B 138 -5.29 6.60 2.99
CA LYS B 138 -4.58 5.30 3.07
C LYS B 138 -3.57 5.20 1.93
N ILE B 139 -3.99 5.56 0.73
CA ILE B 139 -3.18 5.33 -0.49
C ILE B 139 -1.99 6.29 -0.49
N VAL B 140 -2.16 7.53 -0.06
CA VAL B 140 -1.04 8.53 -0.01
C VAL B 140 -0.05 8.05 1.05
N ASN B 141 -0.55 7.56 2.19
CA ASN B 141 0.30 7.15 3.32
C ASN B 141 1.09 5.89 2.93
N MET B 142 0.48 4.98 2.18
CA MET B 142 1.17 3.79 1.61
C MET B 142 2.32 4.25 0.71
N MET B 143 2.08 5.29 -0.10
CA MET B 143 3.02 5.77 -1.12
C MET B 143 4.15 6.51 -0.41
N LYS B 144 3.81 7.28 0.62
CA LYS B 144 4.83 7.98 1.44
C LYS B 144 5.71 6.93 2.13
N SER B 145 5.12 5.86 2.68
CA SER B 145 5.86 4.75 3.35
C SER B 145 7.07 4.32 2.50
N GLU B 146 6.95 4.31 1.17
CA GLU B 146 7.99 3.76 0.26
C GLU B 146 8.79 4.88 -0.42
N ASN B 147 8.55 6.14 -0.06
CA ASN B 147 9.30 7.30 -0.61
C ASN B 147 9.08 7.33 -2.13
N LEU B 148 7.83 7.30 -2.57
CA LEU B 148 7.53 7.13 -4.01
C LEU B 148 7.16 8.47 -4.65
N PHE B 149 6.75 9.47 -3.86
CA PHE B 149 6.60 10.84 -4.41
C PHE B 149 7.98 11.33 -4.85
N GLU B 150 8.00 12.25 -5.81
CA GLU B 150 9.27 12.79 -6.35
C GLU B 150 9.96 13.66 -5.29
N SER B 151 9.17 14.40 -4.50
CA SER B 151 9.70 15.21 -3.37
C SER B 151 10.37 14.28 -2.35
N GLN B 152 9.98 13.02 -2.27
CA GLN B 152 10.68 12.04 -1.40
C GLN B 152 11.86 11.40 -2.13
N GLY B 153 12.01 11.65 -3.44
CA GLY B 153 12.93 10.91 -4.33
C GLY B 153 12.27 9.64 -4.84
N GLY B 154 11.12 9.78 -5.49
CA GLY B 154 10.38 8.64 -6.05
C GLY B 154 9.94 8.92 -7.48
N PRO B 155 9.10 8.03 -8.06
CA PRO B 155 8.51 8.32 -9.39
C PRO B 155 7.23 9.17 -9.46
N ILE B 156 6.43 9.25 -8.38
CA ILE B 156 5.11 9.94 -8.44
C ILE B 156 5.32 11.45 -8.52
N ILE B 157 5.05 12.04 -9.68
CA ILE B 157 5.23 13.50 -9.95
C ILE B 157 3.89 14.23 -9.91
N MET B 158 2.76 13.54 -9.79
CA MET B 158 1.42 14.19 -9.71
C MET B 158 0.34 13.16 -9.37
N ALA B 159 -0.82 13.64 -8.95
CA ALA B 159 -1.96 12.80 -8.55
C ALA B 159 -3.28 13.45 -8.98
N GLN B 160 -4.30 12.61 -9.20
CA GLN B 160 -5.63 13.10 -9.63
C GLN B 160 -6.64 12.79 -8.54
N ILE B 161 -7.52 13.74 -8.28
CA ILE B 161 -8.62 13.59 -7.29
C ILE B 161 -9.91 13.58 -8.07
N GLU B 162 -10.77 12.61 -7.78
CA GLU B 162 -12.05 12.44 -8.53
C GLU B 162 -11.71 12.16 -10.00
N ASN B 163 -12.71 12.20 -10.86
CA ASN B 163 -12.53 12.04 -12.32
C ASN B 163 -13.69 12.75 -13.02
N ALA B 164 -13.36 13.60 -13.99
CA ALA B 164 -14.32 14.23 -14.91
C ALA B 164 -15.60 14.59 -14.15
N TYR B 165 -15.48 15.34 -13.06
CA TYR B 165 -16.63 15.72 -12.20
C TYR B 165 -17.37 16.94 -12.76
N GLY B 166 -16.72 17.74 -13.60
CA GLY B 166 -17.28 18.99 -14.15
C GLY B 166 -18.75 18.82 -14.53
N PRO B 167 -19.06 17.88 -15.45
CA PRO B 167 -20.45 17.59 -15.83
C PRO B 167 -21.39 17.29 -14.65
N VAL B 168 -20.98 16.41 -13.74
CA VAL B 168 -21.86 15.96 -12.63
C VAL B 168 -22.11 17.15 -11.70
N GLU B 169 -21.10 17.98 -11.50
CA GLU B 169 -21.21 19.22 -10.67
C GLU B 169 -22.21 20.19 -11.31
N TRP B 170 -22.11 20.40 -12.62
CA TRP B 170 -22.94 21.41 -13.32
C TRP B 170 -24.41 21.00 -13.22
N GLU B 171 -24.63 19.68 -13.06
CA GLU B 171 -25.98 19.06 -13.12
C GLU B 171 -26.60 19.00 -11.72
N ILE B 172 -25.82 18.75 -10.67
CA ILE B 172 -26.38 18.57 -9.30
C ILE B 172 -26.26 19.86 -8.49
N GLY B 173 -25.82 20.96 -9.12
CA GLY B 173 -25.98 22.33 -8.58
C GLY B 173 -25.04 22.64 -7.44
N ALA B 174 -25.56 23.21 -6.35
CA ALA B 174 -24.73 23.70 -5.23
C ALA B 174 -24.05 22.52 -4.53
N PRO B 175 -24.75 21.43 -4.11
CA PRO B 175 -24.12 20.35 -3.36
C PRO B 175 -22.89 19.79 -4.10
N GLY B 176 -22.99 19.66 -5.42
CA GLY B 176 -21.84 19.28 -6.28
C GLY B 176 -20.73 20.31 -6.18
N LYS B 177 -21.11 21.59 -6.24
CA LYS B 177 -20.13 22.72 -6.19
C LYS B 177 -19.35 22.65 -4.87
N ALA B 178 -19.88 22.00 -3.83
CA ALA B 178 -19.23 21.95 -2.49
C ALA B 178 -18.31 20.72 -2.40
N TYR B 179 -18.83 19.54 -2.73
CA TYR B 179 -18.04 18.28 -2.85
C TYR B 179 -16.79 18.56 -3.70
N THR B 180 -16.92 19.41 -4.72
CA THR B 180 -15.78 19.80 -5.57
C THR B 180 -14.70 20.44 -4.70
N LYS B 181 -15.05 21.50 -3.96
CA LYS B 181 -14.06 22.31 -3.21
C LYS B 181 -13.67 21.53 -1.96
N TRP B 182 -14.55 20.69 -1.44
CA TRP B 182 -14.19 19.80 -0.31
C TRP B 182 -13.06 18.87 -0.76
N ALA B 183 -13.24 18.17 -1.88
CA ALA B 183 -12.27 17.15 -2.36
C ALA B 183 -10.94 17.83 -2.62
N ALA B 184 -10.96 19.06 -3.15
CA ALA B 184 -9.75 19.84 -3.48
C ALA B 184 -8.92 20.06 -2.22
N GLN B 185 -9.50 20.61 -1.15
CA GLN B 185 -8.75 20.84 0.12
C GLN B 185 -8.31 19.47 0.69
N MET B 186 -9.23 18.53 0.95
CA MET B 186 -8.92 17.30 1.73
C MET B 186 -8.22 16.28 0.80
N ALA B 187 -7.35 16.80 -0.05
CA ALA B 187 -6.50 16.04 -0.99
C ALA B 187 -5.17 16.76 -1.11
N VAL B 188 -5.21 18.06 -1.45
CA VAL B 188 -4.04 18.95 -1.38
C VAL B 188 -3.43 18.81 0.03
N GLY B 189 -4.27 18.97 1.05
CA GLY B 189 -3.88 19.05 2.47
C GLY B 189 -3.22 17.78 2.99
N LEU B 190 -3.12 16.72 2.20
CA LEU B 190 -2.40 15.49 2.64
C LEU B 190 -0.90 15.67 2.38
N LYS B 191 -0.50 16.79 1.76
CA LYS B 191 0.92 17.19 1.57
C LYS B 191 1.67 16.06 0.83
N THR B 192 1.32 15.83 -0.43
CA THR B 192 2.03 14.86 -1.31
C THR B 192 3.41 15.42 -1.64
N GLY B 193 3.56 16.75 -1.69
CA GLY B 193 4.80 17.42 -2.11
C GLY B 193 4.90 17.41 -3.62
N VAL B 194 3.81 17.07 -4.30
CA VAL B 194 3.69 17.14 -5.79
C VAL B 194 2.33 17.74 -6.10
N PRO B 195 2.12 18.22 -7.34
CA PRO B 195 0.86 18.87 -7.71
C PRO B 195 -0.33 17.91 -7.71
N TRP B 196 -1.53 18.48 -7.62
CA TRP B 196 -2.82 17.74 -7.69
C TRP B 196 -3.59 18.15 -8.95
N ILE B 197 -4.25 17.20 -9.62
CA ILE B 197 -4.94 17.48 -10.91
C ILE B 197 -6.38 16.98 -10.85
N MET B 198 -7.24 17.65 -11.61
CA MET B 198 -8.64 17.24 -11.83
C MET B 198 -8.92 17.36 -13.32
N CYS B 199 -9.52 16.34 -13.93
CA CYS B 199 -9.87 16.40 -15.37
C CYS B 199 -11.31 16.88 -15.54
N LYS B 200 -11.52 17.69 -16.57
CA LYS B 200 -12.85 18.25 -16.91
C LYS B 200 -13.45 18.90 -15.66
N GLN B 201 -12.83 19.96 -15.17
CA GLN B 201 -13.28 20.63 -13.94
C GLN B 201 -12.88 22.10 -14.01
N GLU B 202 -13.50 22.87 -14.91
CA GLU B 202 -13.18 24.30 -15.17
C GLU B 202 -12.86 25.03 -13.87
N ASP B 203 -13.64 24.79 -12.83
CA ASP B 203 -13.63 25.60 -11.58
C ASP B 203 -12.63 25.04 -10.55
N ALA B 204 -11.56 24.36 -11.00
CA ALA B 204 -10.61 23.66 -10.10
C ALA B 204 -10.02 24.66 -9.10
N PRO B 205 -10.26 24.50 -7.78
CA PRO B 205 -9.73 25.46 -6.81
C PRO B 205 -8.19 25.39 -6.78
N ASP B 206 -7.51 26.55 -6.80
CA ASP B 206 -6.03 26.59 -6.66
C ASP B 206 -5.69 25.86 -5.37
N PRO B 207 -4.56 25.12 -5.26
CA PRO B 207 -3.55 25.00 -6.32
C PRO B 207 -3.61 23.74 -7.20
N VAL B 208 -4.81 23.25 -7.51
CA VAL B 208 -5.01 22.05 -8.35
C VAL B 208 -5.07 22.50 -9.81
N ILE B 209 -4.38 21.77 -10.68
CA ILE B 209 -4.37 22.05 -12.14
C ILE B 209 -5.53 21.29 -12.78
N ASP B 210 -6.43 22.03 -13.41
CA ASP B 210 -7.51 21.45 -14.25
C ASP B 210 -6.88 21.00 -15.58
N THR B 211 -7.17 19.76 -15.97
CA THR B 211 -6.72 19.20 -17.26
C THR B 211 -7.93 18.89 -18.14
N CYS B 212 -7.72 18.06 -19.15
CA CYS B 212 -8.65 17.92 -20.28
C CYS B 212 -8.52 16.52 -20.87
N ASN B 213 -9.64 15.90 -21.26
CA ASN B 213 -9.68 14.57 -21.91
C ASN B 213 -10.44 14.64 -23.23
N GLY B 214 -10.08 13.81 -24.21
CA GLY B 214 -10.81 13.71 -25.48
C GLY B 214 -9.97 13.17 -26.63
N PHE B 215 -10.49 13.31 -27.85
CA PHE B 215 -9.75 12.95 -29.08
C PHE B 215 -8.88 14.13 -29.50
N TYR B 216 -9.36 15.34 -29.26
CA TYR B 216 -8.58 16.58 -29.45
C TYR B 216 -8.91 17.54 -28.32
N CYS B 217 -7.87 18.16 -27.76
CA CYS B 217 -7.99 19.23 -26.74
C CYS B 217 -6.97 20.33 -27.04
N GLU B 218 -6.63 20.54 -28.30
CA GLU B 218 -5.67 21.60 -28.72
C GLU B 218 -6.28 22.98 -28.44
N GLY B 219 -7.53 23.05 -27.97
CA GLY B 219 -8.26 24.31 -27.76
C GLY B 219 -8.37 24.69 -26.30
N PHE B 220 -7.75 23.91 -25.41
CA PHE B 220 -8.05 23.90 -23.96
C PHE B 220 -7.23 24.99 -23.26
N ARG B 221 -7.73 25.43 -22.12
CA ARG B 221 -7.10 26.49 -21.32
C ARG B 221 -7.31 26.21 -19.85
N PRO B 222 -6.23 26.07 -19.04
CA PRO B 222 -6.39 25.94 -17.59
C PRO B 222 -7.14 27.14 -17.02
N ASN B 223 -7.73 27.01 -15.83
CA ASN B 223 -8.71 28.03 -15.35
C ASN B 223 -7.99 29.27 -14.81
N LYS B 224 -6.69 29.18 -14.53
CA LYS B 224 -5.89 30.38 -14.15
C LYS B 224 -4.67 30.43 -15.05
N PRO B 225 -4.20 31.63 -15.45
CA PRO B 225 -3.11 31.75 -16.42
C PRO B 225 -1.77 31.20 -15.92
N TYR B 226 -1.65 30.93 -14.62
CA TYR B 226 -0.39 30.51 -13.97
C TYR B 226 -0.28 28.98 -13.87
N LYS B 227 -1.16 28.21 -14.54
CA LYS B 227 -1.06 26.71 -14.53
C LYS B 227 -0.75 26.23 -15.94
N PRO B 228 -0.09 25.07 -16.11
CA PRO B 228 0.29 24.61 -17.44
C PRO B 228 -0.84 23.85 -18.13
N LYS B 229 -0.64 23.60 -19.42
CA LYS B 229 -1.67 22.98 -20.29
C LYS B 229 -1.42 21.48 -20.32
N MET B 230 -2.34 20.71 -19.75
CA MET B 230 -2.15 19.25 -19.60
C MET B 230 -3.36 18.49 -20.16
N TRP B 231 -3.06 17.38 -20.82
CA TRP B 231 -3.93 16.54 -21.67
C TRP B 231 -3.87 15.14 -21.10
N THR B 232 -4.77 14.80 -20.17
CA THR B 232 -4.66 13.62 -19.27
C THR B 232 -5.17 12.34 -19.95
N GLU B 233 -5.95 12.43 -21.02
CA GLU B 233 -6.39 11.25 -21.78
C GLU B 233 -6.35 11.54 -23.28
N VAL B 234 -5.31 11.08 -23.96
CA VAL B 234 -5.30 11.03 -25.45
C VAL B 234 -5.94 9.70 -25.84
N TRP B 235 -7.23 9.66 -26.18
CA TRP B 235 -7.89 8.37 -26.48
C TRP B 235 -7.23 7.76 -27.72
N THR B 236 -6.70 6.54 -27.60
CA THR B 236 -5.92 5.88 -28.68
C THR B 236 -6.86 5.06 -29.56
N GLY B 237 -8.15 5.19 -29.31
CA GLY B 237 -9.22 4.41 -29.91
C GLY B 237 -10.44 4.51 -29.03
N TRP B 238 -10.93 3.38 -28.56
CA TRP B 238 -12.17 3.35 -27.76
C TRP B 238 -12.30 1.95 -27.18
N TYR B 239 -13.02 1.84 -26.08
CA TYR B 239 -13.25 0.53 -25.44
C TYR B 239 -14.11 -0.30 -26.40
N THR B 240 -13.96 -1.61 -26.31
CA THR B 240 -14.86 -2.58 -26.99
C THR B 240 -15.98 -2.96 -26.01
N LYS B 241 -17.22 -2.92 -26.48
CA LYS B 241 -18.38 -3.36 -25.68
C LYS B 241 -18.88 -4.69 -26.22
N PHE B 242 -19.34 -5.57 -25.34
CA PHE B 242 -20.05 -6.81 -25.74
C PHE B 242 -21.24 -6.40 -26.61
N GLY B 243 -21.27 -6.84 -27.86
CA GLY B 243 -22.32 -6.50 -28.85
C GLY B 243 -21.84 -5.44 -29.83
N GLY B 244 -20.79 -4.71 -29.49
CA GLY B 244 -20.24 -3.64 -30.36
C GLY B 244 -19.02 -4.12 -31.14
N PRO B 245 -18.59 -3.35 -32.15
CA PRO B 245 -17.38 -3.67 -32.90
C PRO B 245 -16.12 -3.31 -32.13
N ILE B 246 -14.97 -3.58 -32.75
CA ILE B 246 -13.63 -3.19 -32.24
C ILE B 246 -13.29 -1.83 -32.84
N PRO B 247 -13.33 -0.75 -32.04
CA PRO B 247 -13.01 0.59 -32.52
C PRO B 247 -11.49 0.79 -32.56
N GLN B 248 -11.06 1.55 -33.56
CA GLN B 248 -9.64 1.88 -33.77
C GLN B 248 -9.56 3.38 -34.05
N ARG B 249 -8.39 3.97 -33.84
CA ARG B 249 -8.11 5.37 -34.19
C ARG B 249 -6.78 5.41 -34.94
N PRO B 250 -6.72 6.03 -36.13
CA PRO B 250 -5.53 5.94 -36.96
C PRO B 250 -4.32 6.71 -36.39
N ALA B 251 -3.15 6.07 -36.42
CA ALA B 251 -1.89 6.64 -35.88
C ALA B 251 -1.75 8.07 -36.40
N GLU B 252 -2.10 8.30 -37.65
CA GLU B 252 -1.79 9.58 -38.32
C GLU B 252 -2.65 10.69 -37.71
N ASP B 253 -3.79 10.34 -37.12
CA ASP B 253 -4.69 11.33 -36.48
C ASP B 253 -4.27 11.55 -35.03
N ILE B 254 -3.80 10.52 -34.34
CA ILE B 254 -3.32 10.64 -32.93
C ILE B 254 -2.11 11.59 -32.93
N ALA B 255 -1.16 11.35 -33.83
CA ALA B 255 0.04 12.19 -34.01
C ALA B 255 -0.42 13.61 -34.32
N PHE B 256 -1.26 13.76 -35.34
CA PHE B 256 -1.85 15.07 -35.69
C PHE B 256 -2.46 15.72 -34.45
N SER B 257 -3.20 14.97 -33.63
CA SER B 257 -3.93 15.53 -32.46
C SER B 257 -2.90 16.02 -31.43
N VAL B 258 -1.88 15.21 -31.14
CA VAL B 258 -0.85 15.51 -30.12
C VAL B 258 -0.08 16.76 -30.57
N ALA B 259 0.43 16.76 -31.80
CA ALA B 259 1.16 17.91 -32.38
C ALA B 259 0.29 19.18 -32.31
N ARG B 260 -1.02 19.07 -32.54
CA ARG B 260 -1.92 20.25 -32.51
C ARG B 260 -1.94 20.80 -31.08
N PHE B 261 -1.76 19.95 -30.08
CA PHE B 261 -1.83 20.35 -28.66
C PHE B 261 -0.44 20.87 -28.24
N VAL B 262 0.61 20.12 -28.57
CA VAL B 262 2.00 20.47 -28.15
C VAL B 262 2.40 21.78 -28.85
N GLN B 263 2.01 21.99 -30.11
CA GLN B 263 2.36 23.23 -30.86
C GLN B 263 1.59 24.41 -30.23
N ASN B 264 0.74 24.17 -29.25
CA ASN B 264 0.03 25.23 -28.50
C ASN B 264 0.54 25.27 -27.07
N ASN B 265 1.79 25.71 -26.89
CA ASN B 265 2.45 25.90 -25.56
C ASN B 265 1.97 24.77 -24.63
N GLY B 266 1.70 23.60 -25.21
CA GLY B 266 1.11 22.45 -24.50
C GLY B 266 2.19 21.58 -23.89
N SER B 267 2.05 21.23 -22.60
CA SER B 267 3.19 20.80 -21.75
C SER B 267 3.18 19.30 -21.44
N PHE B 268 2.01 18.72 -21.13
CA PHE B 268 1.88 17.32 -20.62
C PHE B 268 0.71 16.59 -21.28
N PHE B 269 0.98 15.53 -22.03
CA PHE B 269 -0.08 14.72 -22.67
C PHE B 269 0.10 13.22 -22.37
N ASN B 270 -1.03 12.52 -22.14
CA ASN B 270 -1.02 11.10 -21.75
C ASN B 270 -1.97 10.24 -22.60
N TYR B 271 -1.40 9.24 -23.26
CA TYR B 271 -2.15 8.24 -24.08
C TYR B 271 -3.04 7.40 -23.17
N TYR B 272 -4.34 7.37 -23.47
CA TYR B 272 -5.31 6.45 -22.82
C TYR B 272 -5.99 5.64 -23.92
N MET B 273 -5.61 4.37 -24.07
CA MET B 273 -4.63 3.70 -23.25
C MET B 273 -3.28 3.66 -23.98
N TYR B 274 -2.17 3.48 -23.26
CA TYR B 274 -0.90 3.06 -23.89
C TYR B 274 -0.80 1.53 -23.87
N HIS B 275 -1.08 0.89 -22.74
CA HIS B 275 -1.44 -0.55 -22.72
C HIS B 275 -2.82 -0.73 -22.10
N GLY B 276 -3.81 -1.14 -22.91
CA GLY B 276 -5.22 -1.26 -22.49
C GLY B 276 -5.47 -2.54 -21.74
N GLY B 277 -4.88 -3.65 -22.19
CA GLY B 277 -4.88 -4.92 -21.44
C GLY B 277 -6.24 -5.59 -21.40
N THR B 278 -6.52 -6.31 -20.31
CA THR B 278 -7.62 -7.27 -20.17
C THR B 278 -8.42 -6.93 -18.92
N ASN B 279 -9.72 -7.23 -18.96
CA ASN B 279 -10.63 -7.17 -17.79
C ASN B 279 -10.81 -8.57 -17.21
N PHE B 280 -9.78 -9.11 -16.58
CA PHE B 280 -9.83 -10.41 -15.87
C PHE B 280 -11.00 -10.43 -14.88
N GLY B 281 -11.57 -11.63 -14.64
CA GLY B 281 -12.45 -11.97 -13.51
C GLY B 281 -13.84 -11.37 -13.61
N ARG B 282 -14.52 -11.18 -12.47
CA ARG B 282 -15.94 -10.78 -12.40
C ARG B 282 -16.08 -9.27 -12.15
N THR B 283 -15.08 -8.60 -11.59
CA THR B 283 -15.26 -7.25 -11.03
C THR B 283 -14.38 -6.23 -11.77
N SER B 284 -13.67 -6.66 -12.81
CA SER B 284 -12.89 -5.72 -13.65
C SER B 284 -13.85 -4.91 -14.51
N SER B 285 -14.48 -5.56 -15.48
CA SER B 285 -15.23 -4.84 -16.54
C SER B 285 -16.34 -4.02 -15.90
N GLY B 286 -16.63 -2.89 -16.52
CA GLY B 286 -17.84 -2.09 -16.29
C GLY B 286 -18.96 -2.57 -17.19
N LEU B 287 -20.15 -1.99 -17.01
CA LEU B 287 -21.42 -2.49 -17.61
C LEU B 287 -21.26 -2.76 -19.09
N PHE B 288 -21.48 -4.00 -19.50
CA PHE B 288 -21.47 -4.44 -20.93
C PHE B 288 -20.12 -4.16 -21.59
N ILE B 289 -19.06 -3.99 -20.81
CA ILE B 289 -17.71 -3.86 -21.41
C ILE B 289 -17.17 -5.27 -21.64
N ALA B 290 -16.49 -5.46 -22.76
CA ALA B 290 -15.91 -6.76 -23.16
C ALA B 290 -14.76 -7.12 -22.22
N THR B 291 -14.34 -8.38 -22.26
CA THR B 291 -13.18 -8.85 -21.47
C THR B 291 -11.92 -8.17 -22.01
N SER B 292 -11.87 -7.87 -23.31
CA SER B 292 -10.67 -7.27 -23.94
C SER B 292 -10.75 -5.74 -23.88
N TYR B 293 -9.70 -5.10 -23.37
CA TYR B 293 -9.60 -3.62 -23.33
C TYR B 293 -8.54 -3.16 -24.34
N ASP B 294 -8.43 -3.81 -25.50
CA ASP B 294 -7.30 -3.61 -26.44
C ASP B 294 -7.19 -2.12 -26.81
N TYR B 295 -8.31 -1.47 -27.04
CA TYR B 295 -8.44 0.00 -27.19
C TYR B 295 -7.64 0.52 -28.39
N ASP B 296 -7.08 -0.35 -29.26
CA ASP B 296 -6.15 0.02 -30.37
C ASP B 296 -4.97 0.79 -29.77
N ALA B 297 -4.51 0.36 -28.61
CA ALA B 297 -3.40 1.01 -27.88
C ALA B 297 -2.09 0.60 -28.53
N PRO B 298 -1.07 1.48 -28.49
CA PRO B 298 0.23 1.16 -29.08
C PRO B 298 0.80 -0.21 -28.62
N LEU B 299 0.45 -0.61 -27.41
CA LEU B 299 0.63 -2.01 -27.01
C LEU B 299 -0.75 -2.65 -26.97
N ASP B 300 -0.93 -3.70 -27.77
CA ASP B 300 -2.24 -4.38 -27.92
C ASP B 300 -2.53 -5.13 -26.62
N GLU B 301 -3.60 -5.90 -26.58
CA GLU B 301 -4.04 -6.52 -25.32
C GLU B 301 -3.00 -7.56 -24.86
N TYR B 302 -2.10 -8.04 -25.72
CA TYR B 302 -1.27 -9.24 -25.41
C TYR B 302 0.18 -8.83 -25.07
N GLY B 303 0.49 -7.54 -25.11
CA GLY B 303 1.86 -7.00 -24.88
C GLY B 303 2.59 -6.67 -26.18
N LEU B 304 2.13 -7.12 -27.33
CA LEU B 304 2.91 -6.94 -28.58
C LEU B 304 2.78 -5.50 -29.11
N LEU B 305 3.73 -5.12 -29.96
CA LEU B 305 3.85 -3.75 -30.52
C LEU B 305 2.76 -3.51 -31.57
N ASN B 306 1.85 -2.57 -31.30
CA ASN B 306 0.72 -2.27 -32.21
C ASN B 306 1.28 -1.44 -33.37
N GLU B 307 1.93 -2.09 -34.32
CA GLU B 307 2.55 -1.39 -35.47
C GLU B 307 1.48 -1.12 -36.52
N PRO B 308 1.55 0.01 -37.25
CA PRO B 308 2.66 0.96 -37.12
C PRO B 308 2.52 2.01 -36.01
N LYS B 309 1.44 1.94 -35.23
CA LYS B 309 1.07 3.08 -34.34
C LYS B 309 2.21 3.31 -33.34
N TYR B 310 2.66 2.27 -32.66
CA TYR B 310 3.75 2.34 -31.67
C TYR B 310 4.99 2.95 -32.33
N GLY B 311 5.45 2.34 -33.43
CA GLY B 311 6.64 2.79 -34.15
C GLY B 311 6.50 4.24 -34.58
N HIS B 312 5.30 4.68 -34.93
CA HIS B 312 5.09 6.04 -35.51
C HIS B 312 5.13 7.07 -34.38
N LEU B 313 4.39 6.83 -33.29
CA LEU B 313 4.33 7.77 -32.14
C LEU B 313 5.70 7.83 -31.48
N ARG B 314 6.47 6.75 -31.52
CA ARG B 314 7.87 6.78 -31.00
C ARG B 314 8.66 7.77 -31.84
N ASP B 315 8.47 7.76 -33.16
CA ASP B 315 9.20 8.68 -34.08
C ASP B 315 8.72 10.12 -33.80
N LEU B 316 7.48 10.34 -33.38
CA LEU B 316 6.97 11.69 -33.03
C LEU B 316 7.65 12.15 -31.74
N HIS B 317 7.63 11.32 -30.70
CA HIS B 317 8.23 11.66 -29.38
C HIS B 317 9.71 12.04 -29.53
N LYS B 318 10.44 11.40 -30.44
CA LYS B 318 11.86 11.74 -30.70
C LYS B 318 11.93 13.20 -31.16
N ALA B 319 11.18 13.56 -32.19
CA ALA B 319 11.16 14.94 -32.73
C ALA B 319 10.66 15.91 -31.66
N ILE B 320 9.83 15.47 -30.71
CA ILE B 320 9.40 16.34 -29.58
C ILE B 320 10.60 16.61 -28.67
N LYS B 321 11.44 15.60 -28.42
CA LYS B 321 12.54 15.76 -27.44
C LYS B 321 13.65 16.60 -28.06
N LEU B 322 13.90 16.51 -29.36
CA LEU B 322 14.88 17.43 -30.00
C LEU B 322 14.40 18.88 -29.80
N SER B 323 13.12 19.13 -30.06
CA SER B 323 12.50 20.48 -29.98
C SER B 323 12.45 20.95 -28.52
N GLU B 324 12.68 20.08 -27.55
CA GLU B 324 12.30 20.33 -26.14
C GLU B 324 13.03 21.55 -25.59
N PRO B 325 14.37 21.67 -25.74
CA PRO B 325 15.09 22.82 -25.18
C PRO B 325 14.50 24.18 -25.61
N ALA B 326 14.03 24.29 -26.86
CA ALA B 326 13.35 25.49 -27.39
C ALA B 326 11.94 25.59 -26.79
N LEU B 327 11.23 24.45 -26.67
CA LEU B 327 9.81 24.40 -26.21
C LEU B 327 9.71 24.94 -24.78
N VAL B 328 10.74 24.68 -23.97
CA VAL B 328 10.74 24.93 -22.50
C VAL B 328 11.09 26.39 -22.22
N SER B 329 11.85 27.03 -23.12
CA SER B 329 12.43 28.39 -22.93
C SER B 329 11.74 29.43 -23.83
N SER B 330 10.68 29.04 -24.54
CA SER B 330 9.90 29.94 -25.41
C SER B 330 8.40 29.75 -25.15
N TYR B 331 7.57 30.55 -25.80
CA TYR B 331 6.12 30.29 -25.94
C TYR B 331 5.78 30.18 -27.42
N ALA B 332 4.53 29.82 -27.71
CA ALA B 332 4.07 29.48 -29.06
C ALA B 332 3.75 30.77 -29.82
N ALA B 333 4.48 31.01 -30.91
CA ALA B 333 4.22 32.14 -31.83
C ALA B 333 3.49 31.65 -33.08
N VAL B 334 2.26 32.14 -33.27
CA VAL B 334 1.45 31.77 -34.47
C VAL B 334 1.77 32.70 -35.63
N THR B 335 1.80 32.15 -36.83
CA THR B 335 2.08 32.90 -38.07
C THR B 335 1.30 32.23 -39.18
N SER B 336 0.28 32.89 -39.72
CA SER B 336 -0.60 32.34 -40.78
C SER B 336 0.25 31.91 -41.98
N LEU B 337 0.15 30.65 -42.38
CA LEU B 337 0.95 30.12 -43.51
C LEU B 337 0.11 29.99 -44.78
N GLY B 338 -1.20 30.26 -44.71
CA GLY B 338 -2.17 29.96 -45.78
C GLY B 338 -3.58 29.89 -45.22
N SER B 339 -4.58 29.81 -46.10
CA SER B 339 -6.03 29.79 -45.78
C SER B 339 -6.33 28.93 -44.55
N ASN B 340 -5.78 27.73 -44.45
CA ASN B 340 -5.94 26.86 -43.26
C ASN B 340 -4.59 26.22 -42.92
N GLN B 341 -3.50 26.93 -43.15
CA GLN B 341 -2.16 26.51 -42.64
C GLN B 341 -1.67 27.51 -41.58
N GLU B 342 -0.73 27.09 -40.76
CA GLU B 342 -0.33 27.83 -39.55
C GLU B 342 1.08 27.40 -39.15
N ALA B 343 1.94 28.38 -38.86
CA ALA B 343 3.25 28.17 -38.23
C ALA B 343 3.09 28.40 -36.72
N HIS B 344 3.48 27.42 -35.92
CA HIS B 344 3.65 27.56 -34.46
C HIS B 344 5.14 27.47 -34.16
N VAL B 345 5.73 28.56 -33.67
CA VAL B 345 7.21 28.71 -33.57
C VAL B 345 7.58 28.98 -32.11
N TYR B 346 8.56 28.24 -31.60
CA TYR B 346 9.18 28.47 -30.26
C TYR B 346 10.60 28.99 -30.46
N ARG B 347 10.81 30.30 -30.39
CA ARG B 347 12.16 30.88 -30.53
C ARG B 347 12.62 31.40 -29.17
N SER B 348 13.69 30.81 -28.64
CA SER B 348 14.31 31.23 -27.37
C SER B 348 15.30 32.36 -27.63
N LYS B 349 15.44 33.30 -26.67
CA LYS B 349 16.59 34.25 -26.62
C LYS B 349 17.91 33.47 -26.79
N SER B 350 17.93 32.19 -26.40
CA SER B 350 19.08 31.27 -26.53
C SER B 350 19.49 31.06 -27.99
N GLY B 351 18.52 31.03 -28.90
CA GLY B 351 18.75 30.75 -30.33
C GLY B 351 18.25 29.36 -30.74
N ALA B 352 17.81 28.53 -29.79
CA ALA B 352 17.12 27.26 -30.08
C ALA B 352 15.72 27.61 -30.60
N CYS B 353 15.36 27.08 -31.77
CA CYS B 353 14.08 27.39 -32.42
C CYS B 353 13.43 26.06 -32.85
N ALA B 354 12.15 25.87 -32.52
CA ALA B 354 11.34 24.72 -32.98
C ALA B 354 10.11 25.23 -33.72
N ALA B 355 9.74 24.53 -34.78
CA ALA B 355 8.66 24.97 -35.69
C ALA B 355 7.68 23.82 -35.91
N PHE B 356 6.41 24.16 -35.84
CA PHE B 356 5.30 23.23 -36.16
C PHE B 356 4.53 23.81 -37.33
N LEU B 357 4.63 23.16 -38.48
CA LEU B 357 3.92 23.59 -39.71
C LEU B 357 2.63 22.77 -39.83
N SER B 358 1.49 23.45 -39.94
CA SER B 358 0.15 22.82 -39.90
C SER B 358 -0.50 22.80 -41.30
N ASN B 359 -1.37 21.80 -41.50
CA ASN B 359 -2.33 21.73 -42.62
C ASN B 359 -3.61 21.06 -42.11
N TYR B 360 -4.61 21.87 -41.81
CA TYR B 360 -5.91 21.47 -41.23
C TYR B 360 -6.88 21.16 -42.38
N ASP B 361 -6.39 21.19 -43.61
CA ASP B 361 -7.17 20.75 -44.78
C ASP B 361 -7.28 19.23 -44.70
N SER B 362 -8.50 18.70 -44.80
CA SER B 362 -8.77 17.25 -44.68
C SER B 362 -8.74 16.60 -46.07
N ARG B 363 -8.66 17.37 -47.16
CA ARG B 363 -8.76 16.84 -48.55
C ARG B 363 -7.38 16.84 -49.21
N TYR B 364 -6.84 18.02 -49.56
CA TYR B 364 -5.68 18.11 -50.49
C TYR B 364 -4.38 18.39 -49.74
N SER B 365 -3.30 17.81 -50.24
CA SER B 365 -1.92 18.06 -49.76
C SER B 365 -1.56 19.52 -50.11
N VAL B 366 -0.72 20.18 -49.31
CA VAL B 366 -0.44 21.62 -49.51
C VAL B 366 1.05 21.91 -49.29
N LYS B 367 1.59 22.81 -50.10
CA LYS B 367 2.99 23.29 -49.98
C LYS B 367 2.97 24.69 -49.36
N VAL B 368 3.74 24.89 -48.30
CA VAL B 368 3.92 26.26 -47.71
C VAL B 368 5.40 26.63 -47.78
N THR B 369 5.65 27.93 -47.70
CA THR B 369 7.00 28.53 -47.59
C THR B 369 7.18 29.09 -46.18
N PHE B 370 8.21 28.63 -45.50
CA PHE B 370 8.51 29.04 -44.11
C PHE B 370 9.98 29.41 -44.04
N GLN B 371 10.27 30.64 -43.62
CA GLN B 371 11.64 31.04 -43.27
C GLN B 371 12.58 30.68 -44.43
N ASN B 372 12.07 30.78 -45.67
CA ASN B 372 12.79 30.77 -46.97
C ASN B 372 12.99 29.34 -47.49
N ARG B 373 12.12 28.40 -47.16
CA ARG B 373 12.22 27.00 -47.68
C ARG B 373 10.83 26.45 -47.93
N PRO B 374 10.63 25.65 -49.00
CA PRO B 374 9.35 24.98 -49.25
C PRO B 374 9.16 23.75 -48.35
N TYR B 375 7.90 23.47 -48.03
CA TYR B 375 7.49 22.29 -47.26
C TYR B 375 6.18 21.76 -47.83
N ASN B 376 6.18 20.47 -48.18
CA ASN B 376 4.97 19.71 -48.60
C ASN B 376 4.34 19.07 -47.36
N LEU B 377 3.11 19.44 -47.04
CA LEU B 377 2.39 18.88 -45.88
C LEU B 377 1.22 18.06 -46.42
N PRO B 378 1.25 16.72 -46.33
CA PRO B 378 0.08 15.91 -46.64
C PRO B 378 -1.13 16.41 -45.84
N PRO B 379 -2.35 16.19 -46.35
CA PRO B 379 -3.55 16.73 -45.69
C PRO B 379 -3.66 16.24 -44.24
N TRP B 380 -4.26 17.06 -43.38
CA TRP B 380 -4.48 16.77 -41.94
C TRP B 380 -3.18 16.25 -41.34
N SER B 381 -2.11 17.01 -41.49
CA SER B 381 -0.78 16.64 -40.95
C SER B 381 -0.09 17.86 -40.34
N ILE B 382 0.95 17.56 -39.56
CA ILE B 382 1.90 18.56 -39.02
C ILE B 382 3.33 18.05 -39.27
N SER B 383 4.20 18.97 -39.66
CA SER B 383 5.67 18.75 -39.83
C SER B 383 6.41 19.40 -38.67
N ILE B 384 7.24 18.61 -38.00
CA ILE B 384 8.05 19.09 -36.85
C ILE B 384 9.44 19.45 -37.36
N LEU B 385 9.85 20.69 -37.15
CA LEU B 385 11.20 21.20 -37.48
C LEU B 385 11.90 21.52 -36.16
N PRO B 386 12.62 20.56 -35.55
CA PRO B 386 13.14 20.77 -34.20
C PRO B 386 14.21 21.87 -34.14
N ASP B 387 15.13 21.88 -35.11
CA ASP B 387 16.21 22.90 -35.21
C ASP B 387 15.63 24.22 -35.73
N CYS B 388 14.59 24.14 -36.56
CA CYS B 388 13.78 25.28 -37.11
C CYS B 388 13.77 25.29 -38.66
N LYS B 389 14.52 24.41 -39.31
CA LYS B 389 14.49 24.32 -40.79
C LYS B 389 14.32 22.87 -41.25
N THR B 390 15.07 21.92 -40.67
CA THR B 390 14.97 20.50 -41.11
C THR B 390 13.72 19.86 -40.49
N ALA B 391 12.74 19.55 -41.34
CA ALA B 391 11.48 18.89 -40.94
C ALA B 391 11.78 17.39 -40.80
N VAL B 392 11.99 16.91 -39.58
CA VAL B 392 12.49 15.52 -39.33
C VAL B 392 11.31 14.55 -39.30
N TYR B 393 10.08 15.03 -39.11
CA TYR B 393 8.87 14.19 -38.88
C TYR B 393 7.62 14.90 -39.39
N ASN B 394 6.71 14.11 -39.97
CA ASN B 394 5.37 14.55 -40.40
C ASN B 394 4.38 13.47 -39.98
N THR B 395 3.28 13.88 -39.36
CA THR B 395 2.31 12.96 -38.72
C THR B 395 1.70 12.01 -39.78
N ALA B 396 1.50 12.47 -41.01
CA ALA B 396 0.86 11.64 -42.05
C ALA B 396 1.89 10.76 -42.75
N GLN B 397 3.18 10.98 -42.54
CA GLN B 397 4.25 10.16 -43.16
C GLN B 397 4.76 9.17 -42.11
N VAL B 398 4.40 7.89 -42.26
CA VAL B 398 4.65 6.83 -41.25
C VAL B 398 5.84 5.98 -41.70
N ASN B 399 6.95 6.01 -40.97
CA ASN B 399 8.22 5.38 -41.42
C ASN B 399 8.56 4.15 -40.58
N SER B 400 7.59 3.57 -39.89
CA SER B 400 7.74 2.17 -39.38
C SER B 400 6.71 1.33 -40.12
N GLN B 401 6.98 0.04 -40.28
CA GLN B 401 6.12 -0.83 -41.13
C GLN B 401 4.94 -1.30 -40.31
N SER B 402 3.90 -1.80 -40.99
CA SER B 402 2.67 -2.32 -40.37
C SER B 402 2.92 -3.74 -39.84
N SER B 403 1.94 -4.27 -39.12
CA SER B 403 1.95 -5.65 -38.58
C SER B 403 0.51 -6.14 -38.51
N SER B 404 0.22 -7.28 -39.14
CA SER B 404 -1.14 -7.87 -39.14
C SER B 404 -1.17 -9.00 -38.11
N ILE B 405 -2.21 -8.99 -37.28
CA ILE B 405 -2.39 -9.97 -36.17
C ILE B 405 -2.89 -11.30 -36.75
N LYS B 406 -2.20 -12.40 -36.45
CA LYS B 406 -2.72 -13.76 -36.71
C LYS B 406 -2.70 -14.54 -35.41
N MET B 407 -3.76 -15.30 -35.17
CA MET B 407 -3.91 -16.21 -34.00
C MET B 407 -3.95 -17.63 -34.56
N THR B 408 -2.87 -18.39 -34.48
CA THR B 408 -2.85 -19.71 -35.13
C THR B 408 -2.90 -20.77 -34.04
N PRO B 409 -3.78 -21.78 -34.19
CA PRO B 409 -3.96 -22.80 -33.16
C PRO B 409 -2.65 -23.43 -32.68
N ALA B 410 -2.49 -23.56 -31.36
CA ALA B 410 -1.51 -24.46 -30.72
C ALA B 410 -2.08 -25.88 -30.76
N GLY B 411 -1.21 -26.87 -30.55
CA GLY B 411 -1.63 -28.29 -30.53
C GLY B 411 -3.10 -28.31 -30.16
N GLY B 412 -3.95 -28.89 -31.02
CA GLY B 412 -5.42 -28.83 -30.92
C GLY B 412 -6.00 -30.00 -30.14
N GLY B 413 -7.25 -29.86 -29.68
CA GLY B 413 -8.02 -30.93 -29.00
C GLY B 413 -7.65 -31.07 -27.53
N LEU B 414 -8.69 -31.12 -26.67
CA LEU B 414 -8.56 -31.46 -25.23
C LEU B 414 -9.66 -32.47 -24.85
N SER B 415 -9.43 -33.29 -23.82
CA SER B 415 -10.44 -34.24 -23.32
C SER B 415 -11.30 -33.53 -22.27
N TRP B 416 -12.57 -33.36 -22.61
CA TRP B 416 -13.56 -32.58 -21.82
C TRP B 416 -14.39 -33.52 -20.94
N GLN B 417 -14.65 -33.08 -19.70
CA GLN B 417 -15.72 -33.62 -18.84
C GLN B 417 -16.75 -32.52 -18.64
N SER B 418 -17.93 -32.88 -18.16
CA SER B 418 -19.08 -31.96 -18.05
C SER B 418 -19.73 -32.15 -16.69
N TYR B 419 -20.58 -31.21 -16.32
CA TYR B 419 -21.44 -31.30 -15.12
C TYR B 419 -22.59 -30.29 -15.25
N ASN B 420 -23.83 -30.77 -15.37
CA ASN B 420 -24.99 -29.87 -15.65
C ASN B 420 -25.30 -29.08 -14.38
N GLU B 421 -25.59 -27.80 -14.55
CA GLU B 421 -25.89 -26.87 -13.44
C GLU B 421 -27.36 -27.02 -13.08
N GLU B 422 -27.65 -27.09 -11.78
CA GLU B 422 -29.04 -27.30 -11.32
C GLU B 422 -29.87 -26.07 -11.71
N THR B 423 -31.08 -26.32 -12.17
CA THR B 423 -32.08 -25.29 -12.48
C THR B 423 -32.97 -25.14 -11.25
N PRO B 424 -32.66 -24.24 -10.28
CA PRO B 424 -33.37 -24.25 -9.00
C PRO B 424 -34.82 -23.75 -9.16
N THR B 425 -35.75 -24.43 -8.50
CA THR B 425 -37.19 -24.08 -8.53
C THR B 425 -37.58 -23.58 -7.15
N ALA B 426 -38.75 -22.93 -7.07
CA ALA B 426 -39.27 -22.38 -5.81
C ALA B 426 -39.38 -23.49 -4.76
N ASP B 427 -39.27 -23.11 -3.50
CA ASP B 427 -39.41 -24.07 -2.38
C ASP B 427 -39.88 -23.36 -1.11
N ASP B 428 -40.37 -24.14 -0.16
CA ASP B 428 -40.74 -23.68 1.20
C ASP B 428 -39.49 -23.67 2.09
N SER B 429 -38.53 -24.55 1.81
CA SER B 429 -37.19 -24.60 2.46
C SER B 429 -36.30 -23.46 1.99
N ASP B 430 -36.87 -22.40 1.40
CA ASP B 430 -36.09 -21.24 0.90
C ASP B 430 -36.05 -20.19 2.01
N THR B 431 -34.87 -19.95 2.57
CA THR B 431 -34.60 -18.90 3.57
C THR B 431 -35.00 -17.54 2.99
N LEU B 432 -34.40 -17.18 1.87
CA LEU B 432 -34.43 -15.79 1.31
C LEU B 432 -35.72 -15.61 0.49
N THR B 433 -36.72 -14.96 1.08
CA THR B 433 -38.07 -14.79 0.48
C THR B 433 -38.57 -13.36 0.65
N ALA B 434 -39.63 -13.01 -0.08
CA ALA B 434 -40.29 -11.69 0.04
C ALA B 434 -41.60 -11.71 -0.75
N ASN B 435 -42.59 -10.93 -0.32
CA ASN B 435 -43.86 -10.83 -1.06
C ASN B 435 -43.69 -9.68 -2.05
N GLY B 436 -42.86 -9.90 -3.06
CA GLY B 436 -42.45 -8.85 -4.02
C GLY B 436 -41.09 -9.13 -4.62
N LEU B 437 -40.69 -8.28 -5.57
CA LEU B 437 -39.45 -8.44 -6.35
C LEU B 437 -38.37 -7.52 -5.77
N TRP B 438 -37.17 -8.07 -5.58
CA TRP B 438 -35.99 -7.36 -5.03
C TRP B 438 -35.00 -6.99 -6.13
N GLU B 439 -34.22 -5.92 -5.89
CA GLU B 439 -33.19 -5.46 -6.85
C GLU B 439 -31.94 -6.35 -6.69
N GLN B 440 -31.26 -6.61 -7.80
CA GLN B 440 -30.22 -7.67 -7.87
C GLN B 440 -28.96 -7.29 -7.07
N LYS B 441 -28.34 -6.14 -7.35
CA LYS B 441 -27.15 -5.66 -6.61
C LYS B 441 -27.39 -5.87 -5.11
N ASN B 442 -28.56 -5.43 -4.66
CA ASN B 442 -29.00 -5.48 -3.25
C ASN B 442 -28.89 -6.92 -2.73
N VAL B 443 -29.44 -7.87 -3.47
CA VAL B 443 -29.48 -9.30 -3.03
C VAL B 443 -28.09 -9.91 -3.24
N THR B 444 -27.45 -9.70 -4.38
CA THR B 444 -26.18 -10.42 -4.70
C THR B 444 -24.97 -9.66 -4.14
N ARG B 445 -25.09 -8.36 -3.87
CA ARG B 445 -23.91 -7.57 -3.41
C ARG B 445 -22.72 -7.85 -4.32
N ASP B 446 -23.02 -8.08 -5.60
CA ASP B 446 -22.03 -8.29 -6.68
C ASP B 446 -21.15 -9.51 -6.40
N SER B 447 -21.52 -10.41 -5.48
CA SER B 447 -20.74 -11.64 -5.20
C SER B 447 -20.88 -12.63 -6.36
N SER B 448 -21.79 -12.40 -7.31
CA SER B 448 -21.94 -13.20 -8.54
C SER B 448 -22.72 -12.41 -9.59
N ASP B 449 -22.54 -12.74 -10.87
CA ASP B 449 -23.36 -12.11 -11.94
C ASP B 449 -24.80 -12.65 -11.86
N TYR B 450 -24.99 -13.79 -11.19
CA TYR B 450 -26.22 -14.61 -11.30
C TYR B 450 -27.09 -14.46 -10.07
N LEU B 451 -28.39 -14.34 -10.29
CA LEU B 451 -29.41 -14.26 -9.21
C LEU B 451 -30.67 -14.96 -9.69
N TRP B 452 -31.17 -15.89 -8.89
CA TRP B 452 -32.39 -16.67 -9.22
C TRP B 452 -33.60 -16.00 -8.57
N TYR B 453 -34.56 -15.56 -9.39
CA TYR B 453 -35.96 -15.27 -8.98
C TYR B 453 -36.81 -16.53 -9.22
N MET B 454 -37.42 -17.04 -8.15
CA MET B 454 -38.29 -18.24 -8.23
C MET B 454 -39.65 -17.96 -7.59
N THR B 455 -40.71 -18.44 -8.24
CA THR B 455 -42.08 -18.37 -7.67
C THR B 455 -42.86 -19.64 -8.01
N ASN B 456 -43.89 -19.90 -7.23
CA ASN B 456 -44.92 -20.92 -7.52
C ASN B 456 -46.05 -20.25 -8.28
N VAL B 457 -46.52 -20.84 -9.36
CA VAL B 457 -47.79 -20.39 -10.00
C VAL B 457 -48.74 -21.59 -10.03
N ASN B 458 -49.89 -21.41 -9.39
CA ASN B 458 -50.92 -22.47 -9.26
C ASN B 458 -51.98 -22.28 -10.36
N ILE B 459 -52.47 -23.40 -10.90
CA ILE B 459 -53.39 -23.37 -12.08
C ILE B 459 -54.57 -24.28 -11.80
N ALA B 460 -55.76 -23.68 -11.83
CA ALA B 460 -57.07 -24.36 -11.67
C ALA B 460 -57.27 -25.32 -12.85
N SER B 461 -57.84 -26.50 -12.59
CA SER B 461 -58.01 -27.59 -13.58
C SER B 461 -59.11 -27.20 -14.59
N ASN B 462 -59.79 -26.08 -14.39
CA ASN B 462 -60.85 -25.61 -15.32
C ASN B 462 -60.28 -24.57 -16.31
N GLU B 463 -59.02 -24.18 -16.18
CA GLU B 463 -58.43 -23.14 -17.08
C GLU B 463 -58.62 -23.56 -18.53
N GLY B 464 -59.24 -22.69 -19.32
CA GLY B 464 -59.60 -22.96 -20.72
C GLY B 464 -58.40 -23.34 -21.58
N PHE B 465 -57.18 -22.99 -21.17
CA PHE B 465 -55.99 -23.19 -22.03
C PHE B 465 -55.58 -24.66 -22.00
N LEU B 466 -55.86 -25.39 -20.90
CA LEU B 466 -55.54 -26.83 -20.84
C LEU B 466 -56.76 -27.64 -21.26
N LYS B 467 -57.95 -27.03 -21.28
CA LYS B 467 -59.15 -27.63 -21.94
C LYS B 467 -58.83 -27.83 -23.43
N ASN B 468 -58.50 -26.75 -24.13
CA ASN B 468 -58.37 -26.76 -25.61
C ASN B 468 -56.92 -26.43 -26.02
N GLY B 469 -56.79 -25.82 -27.19
CA GLY B 469 -55.51 -25.43 -27.80
C GLY B 469 -55.22 -23.95 -27.60
N LYS B 470 -54.71 -23.62 -26.41
CA LYS B 470 -54.05 -22.31 -26.13
C LYS B 470 -52.87 -22.57 -25.20
N ASP B 471 -51.87 -21.71 -25.21
CA ASP B 471 -50.84 -21.68 -24.15
C ASP B 471 -50.91 -20.30 -23.51
N PRO B 472 -50.82 -20.18 -22.17
CA PRO B 472 -50.88 -18.89 -21.51
C PRO B 472 -49.63 -18.02 -21.74
N TYR B 473 -49.84 -16.72 -21.84
CA TYR B 473 -48.79 -15.72 -22.16
C TYR B 473 -48.10 -15.31 -20.85
N LEU B 474 -46.77 -15.35 -20.85
CA LEU B 474 -45.97 -14.81 -19.72
C LEU B 474 -45.27 -13.53 -20.18
N THR B 475 -45.36 -12.49 -19.37
CA THR B 475 -44.61 -11.23 -19.53
C THR B 475 -43.71 -11.04 -18.31
N VAL B 476 -42.42 -10.76 -18.53
CA VAL B 476 -41.44 -10.47 -17.45
C VAL B 476 -40.70 -9.20 -17.82
N MET B 477 -40.67 -8.21 -16.94
CA MET B 477 -39.95 -6.95 -17.21
C MET B 477 -38.87 -6.76 -16.16
N SER B 478 -37.64 -6.53 -16.62
CA SER B 478 -36.41 -6.53 -15.81
C SER B 478 -35.62 -5.27 -16.15
N ALA B 479 -34.78 -4.83 -15.23
CA ALA B 479 -33.89 -3.66 -15.41
C ALA B 479 -32.65 -4.08 -16.20
N GLY B 480 -32.32 -5.38 -16.23
CA GLY B 480 -31.16 -5.88 -16.97
C GLY B 480 -30.41 -6.95 -16.20
N HIS B 481 -29.46 -7.62 -16.86
CA HIS B 481 -29.10 -7.32 -18.24
C HIS B 481 -29.33 -8.55 -19.13
N VAL B 482 -29.47 -9.72 -18.51
CA VAL B 482 -29.80 -10.98 -19.21
C VAL B 482 -30.90 -11.65 -18.39
N LEU B 483 -31.80 -12.35 -19.08
CA LEU B 483 -32.87 -13.11 -18.40
C LEU B 483 -33.02 -14.47 -19.08
N HIS B 484 -33.02 -15.53 -18.30
CA HIS B 484 -33.44 -16.89 -18.76
C HIS B 484 -34.79 -17.21 -18.11
N VAL B 485 -35.81 -17.50 -18.91
CA VAL B 485 -37.10 -17.98 -18.36
C VAL B 485 -37.08 -19.50 -18.33
N PHE B 486 -37.11 -20.05 -17.13
CA PHE B 486 -37.26 -21.51 -16.89
C PHE B 486 -38.65 -21.78 -16.33
N VAL B 487 -39.39 -22.64 -17.04
CA VAL B 487 -40.77 -23.06 -16.65
C VAL B 487 -40.76 -24.55 -16.34
N ASN B 488 -41.15 -24.91 -15.11
CA ASN B 488 -41.07 -26.29 -14.57
C ASN B 488 -39.70 -26.89 -14.90
N GLY B 489 -38.65 -26.05 -14.82
CA GLY B 489 -37.25 -26.47 -14.90
C GLY B 489 -36.72 -26.52 -16.31
N LYS B 490 -37.53 -26.23 -17.32
CA LYS B 490 -37.11 -26.27 -18.75
C LYS B 490 -37.05 -24.85 -19.32
N LEU B 491 -36.00 -24.57 -20.08
CA LEU B 491 -35.67 -23.20 -20.59
C LEU B 491 -36.59 -22.86 -21.77
N SER B 492 -37.52 -21.95 -21.54
CA SER B 492 -38.52 -21.52 -22.55
C SER B 492 -37.89 -20.48 -23.47
N GLY B 493 -37.20 -19.48 -22.91
CA GLY B 493 -36.65 -18.36 -23.69
C GLY B 493 -35.58 -17.56 -22.95
N THR B 494 -34.67 -16.96 -23.72
CA THR B 494 -33.60 -16.07 -23.20
C THR B 494 -33.68 -14.72 -23.94
N VAL B 495 -33.42 -13.64 -23.22
CA VAL B 495 -33.37 -12.26 -23.80
C VAL B 495 -32.24 -11.49 -23.14
N TYR B 496 -31.69 -10.49 -23.82
CA TYR B 496 -30.63 -9.63 -23.26
C TYR B 496 -30.80 -8.20 -23.76
N GLY B 497 -30.08 -7.28 -23.10
CA GLY B 497 -30.07 -5.85 -23.41
C GLY B 497 -28.79 -5.42 -24.10
N THR B 498 -28.63 -4.12 -24.26
CA THR B 498 -27.42 -3.50 -24.84
C THR B 498 -26.76 -2.67 -23.76
N LEU B 499 -25.64 -2.03 -24.07
CA LEU B 499 -25.05 -1.05 -23.14
C LEU B 499 -26.06 0.07 -22.87
N ASP B 500 -26.56 0.71 -23.92
CA ASP B 500 -27.35 1.96 -23.81
C ASP B 500 -28.75 1.61 -23.34
N ASN B 501 -29.23 0.42 -23.71
CA ASN B 501 -30.58 -0.09 -23.38
C ASN B 501 -30.45 -1.41 -22.61
N PRO B 502 -30.11 -1.36 -21.32
CA PRO B 502 -29.98 -2.57 -20.51
C PRO B 502 -31.31 -3.13 -19.97
N LYS B 503 -32.39 -2.34 -20.01
CA LYS B 503 -33.75 -2.86 -19.67
C LYS B 503 -34.12 -3.93 -20.72
N LEU B 504 -34.94 -4.88 -20.35
CA LEU B 504 -35.37 -5.94 -21.30
C LEU B 504 -36.72 -6.49 -20.85
N THR B 505 -37.60 -6.74 -21.82
CA THR B 505 -38.91 -7.41 -21.61
C THR B 505 -38.92 -8.77 -22.32
N TYR B 506 -39.43 -9.77 -21.63
CA TYR B 506 -39.70 -11.12 -22.19
C TYR B 506 -41.22 -11.32 -22.31
N SER B 507 -41.70 -11.57 -23.52
CA SER B 507 -43.12 -11.86 -23.82
C SER B 507 -43.21 -13.16 -24.61
N GLY B 508 -43.86 -14.17 -24.05
CA GLY B 508 -43.98 -15.48 -24.71
C GLY B 508 -45.04 -16.38 -24.12
N ASN B 509 -45.55 -17.27 -24.96
CA ASN B 509 -46.41 -18.40 -24.55
C ASN B 509 -45.51 -19.35 -23.75
N VAL B 510 -46.03 -19.91 -22.66
CA VAL B 510 -45.30 -20.92 -21.84
C VAL B 510 -46.29 -22.03 -21.50
N LYS B 511 -45.83 -23.28 -21.55
CA LYS B 511 -46.72 -24.45 -21.34
C LYS B 511 -46.77 -24.76 -19.84
N LEU B 512 -47.88 -24.41 -19.20
CA LEU B 512 -48.16 -24.79 -17.80
C LEU B 512 -49.11 -26.00 -17.81
N ARG B 513 -49.35 -26.57 -16.64
CA ARG B 513 -50.28 -27.72 -16.47
C ARG B 513 -51.07 -27.53 -15.18
N ALA B 514 -52.12 -28.34 -15.00
CA ALA B 514 -52.96 -28.33 -13.78
C ALA B 514 -52.05 -28.48 -12.55
N GLY B 515 -52.32 -27.70 -11.51
CA GLY B 515 -51.64 -27.81 -10.20
C GLY B 515 -50.53 -26.78 -10.06
N ILE B 516 -49.37 -27.21 -9.57
CA ILE B 516 -48.31 -26.29 -9.04
C ILE B 516 -47.18 -26.21 -10.07
N ASN B 517 -46.98 -25.03 -10.67
CA ASN B 517 -46.00 -24.80 -11.75
C ASN B 517 -44.85 -23.96 -11.21
N LYS B 518 -43.62 -24.32 -11.53
CA LYS B 518 -42.43 -23.62 -11.00
C LYS B 518 -41.94 -22.66 -12.07
N ILE B 519 -41.80 -21.40 -11.71
CA ILE B 519 -41.13 -20.38 -12.55
C ILE B 519 -39.79 -20.10 -11.89
N SER B 520 -38.75 -20.02 -12.69
CA SER B 520 -37.38 -19.79 -12.20
C SER B 520 -36.68 -18.85 -13.18
N LEU B 521 -36.38 -17.63 -12.75
CA LEU B 521 -35.73 -16.63 -13.63
C LEU B 521 -34.27 -16.50 -13.20
N LEU B 522 -33.35 -16.58 -14.14
CA LEU B 522 -31.90 -16.41 -13.87
C LEU B 522 -31.45 -15.04 -14.36
N SER B 523 -31.48 -14.04 -13.50
CA SER B 523 -31.06 -12.67 -13.87
C SER B 523 -29.54 -12.63 -13.88
N VAL B 524 -28.95 -11.89 -14.82
CA VAL B 524 -27.47 -11.86 -14.99
C VAL B 524 -27.05 -10.41 -15.19
N SER B 525 -25.96 -10.01 -14.52
CA SER B 525 -25.28 -8.72 -14.82
C SER B 525 -24.01 -8.99 -15.63
N VAL B 526 -23.59 -8.03 -16.44
CA VAL B 526 -22.39 -8.17 -17.31
C VAL B 526 -21.44 -7.04 -16.94
N GLY B 527 -21.33 -6.78 -15.65
CA GLY B 527 -20.69 -5.58 -15.11
C GLY B 527 -21.72 -4.54 -14.72
N LEU B 528 -21.28 -3.55 -13.97
CA LEU B 528 -22.19 -2.51 -13.43
C LEU B 528 -21.81 -1.15 -14.00
N PRO B 529 -22.77 -0.21 -14.04
CA PRO B 529 -22.53 1.09 -14.65
C PRO B 529 -21.32 1.80 -14.02
N ASN B 530 -20.55 2.51 -14.83
CA ASN B 530 -19.28 3.14 -14.40
C ASN B 530 -19.29 4.64 -14.71
N VAL B 531 -20.38 5.17 -15.24
CA VAL B 531 -20.41 6.59 -15.68
C VAL B 531 -21.85 7.00 -15.89
N GLY B 532 -22.20 8.21 -15.45
CA GLY B 532 -23.56 8.75 -15.56
C GLY B 532 -24.01 9.31 -14.23
N VAL B 533 -24.68 10.45 -14.26
CA VAL B 533 -25.15 11.12 -13.02
C VAL B 533 -26.06 10.13 -12.30
N HIS B 534 -25.77 9.85 -11.04
CA HIS B 534 -26.53 8.87 -10.23
C HIS B 534 -26.50 7.48 -10.87
N TYR B 535 -25.37 7.06 -11.44
CA TYR B 535 -25.26 5.69 -12.04
C TYR B 535 -25.31 4.63 -10.91
N ASP B 536 -24.93 5.04 -9.70
CA ASP B 536 -25.08 4.17 -8.50
C ASP B 536 -26.55 3.76 -8.34
N THR B 537 -27.52 4.63 -8.66
CA THR B 537 -28.92 4.47 -8.19
C THR B 537 -29.68 3.50 -9.10
N TRP B 538 -29.19 3.25 -10.32
CA TRP B 538 -29.96 2.44 -11.31
C TRP B 538 -30.09 1.00 -10.80
N ASN B 539 -31.20 0.36 -11.15
CA ASN B 539 -31.57 -0.97 -10.61
C ASN B 539 -31.11 -2.03 -11.60
N ALA B 540 -31.11 -3.28 -11.17
CA ALA B 540 -30.79 -4.46 -11.99
C ALA B 540 -31.55 -5.67 -11.44
N GLY B 541 -31.70 -6.68 -12.28
CA GLY B 541 -32.54 -7.84 -11.96
C GLY B 541 -34.00 -7.57 -12.29
N VAL B 542 -34.82 -8.54 -11.97
CA VAL B 542 -36.26 -8.49 -12.28
C VAL B 542 -36.94 -7.63 -11.22
N LEU B 543 -37.66 -6.60 -11.65
CA LEU B 543 -38.45 -5.74 -10.72
C LEU B 543 -39.89 -5.58 -11.22
N GLY B 544 -40.25 -6.26 -12.30
CA GLY B 544 -41.63 -6.27 -12.82
C GLY B 544 -41.92 -5.13 -13.81
N PRO B 545 -43.17 -5.00 -14.30
CA PRO B 545 -44.25 -5.89 -13.89
C PRO B 545 -44.04 -7.30 -14.45
N VAL B 546 -44.53 -8.32 -13.75
CA VAL B 546 -44.48 -9.72 -14.22
C VAL B 546 -45.90 -10.26 -14.25
N THR B 547 -46.48 -10.36 -15.43
CA THR B 547 -47.90 -10.74 -15.60
C THR B 547 -48.01 -12.06 -16.35
N LEU B 548 -49.10 -12.77 -16.08
CA LEU B 548 -49.44 -14.04 -16.76
C LEU B 548 -50.87 -13.94 -17.30
N SER B 549 -51.03 -13.97 -18.62
CA SER B 549 -52.31 -13.67 -19.28
C SER B 549 -52.86 -14.92 -19.99
N GLY B 550 -54.10 -14.81 -20.48
CA GLY B 550 -54.83 -15.90 -21.15
C GLY B 550 -55.49 -16.85 -20.16
N LEU B 551 -55.67 -16.45 -18.90
CA LEU B 551 -56.34 -17.31 -17.89
C LEU B 551 -57.84 -17.00 -17.85
N ASN B 552 -58.62 -17.84 -17.17
CA ASN B 552 -60.01 -17.56 -16.75
C ASN B 552 -60.06 -16.15 -16.15
N GLU B 553 -59.03 -15.80 -15.39
CA GLU B 553 -58.85 -14.44 -14.78
C GLU B 553 -58.60 -13.42 -15.89
N GLY B 554 -57.76 -13.74 -16.88
CA GLY B 554 -57.42 -12.85 -18.01
C GLY B 554 -56.01 -12.26 -17.92
N SER B 555 -55.49 -12.08 -16.71
CA SER B 555 -54.12 -11.58 -16.42
C SER B 555 -53.89 -11.71 -14.92
N ARG B 556 -52.70 -12.15 -14.49
CA ARG B 556 -52.39 -12.24 -13.05
C ARG B 556 -51.03 -11.59 -12.77
N ASN B 557 -51.01 -10.65 -11.83
CA ASN B 557 -49.86 -9.77 -11.55
C ASN B 557 -48.95 -10.47 -10.54
N LEU B 558 -47.97 -11.22 -11.03
CA LEU B 558 -47.13 -12.12 -10.19
C LEU B 558 -46.15 -11.33 -9.33
N ALA B 559 -45.87 -10.07 -9.66
CA ALA B 559 -44.91 -9.21 -8.91
C ALA B 559 -45.31 -9.16 -7.42
N LYS B 560 -46.60 -9.20 -7.11
CA LYS B 560 -47.10 -8.89 -5.76
C LYS B 560 -47.20 -10.17 -4.91
N GLN B 561 -47.02 -11.35 -5.49
CA GLN B 561 -47.07 -12.63 -4.74
C GLN B 561 -45.70 -12.96 -4.12
N LYS B 562 -45.50 -14.22 -3.76
CA LYS B 562 -44.33 -14.68 -2.98
C LYS B 562 -43.19 -15.04 -3.95
N TRP B 563 -41.98 -14.59 -3.65
CA TRP B 563 -40.77 -14.83 -4.46
C TRP B 563 -39.66 -15.34 -3.55
N SER B 564 -38.82 -16.24 -4.05
CA SER B 564 -37.67 -16.79 -3.29
C SER B 564 -36.39 -16.65 -4.12
N TYR B 565 -35.30 -16.25 -3.47
CA TYR B 565 -34.07 -15.77 -4.15
C TYR B 565 -32.90 -16.70 -3.84
N LYS B 566 -32.07 -16.97 -4.84
CA LYS B 566 -30.85 -17.81 -4.67
C LYS B 566 -29.69 -17.14 -5.40
N VAL B 567 -28.76 -16.57 -4.64
CA VAL B 567 -27.62 -15.78 -5.17
C VAL B 567 -26.57 -16.75 -5.70
N GLY B 568 -26.14 -16.56 -6.94
CA GLY B 568 -25.02 -17.29 -7.53
C GLY B 568 -25.37 -18.73 -7.85
N LEU B 569 -24.48 -19.40 -8.58
CA LEU B 569 -24.72 -20.77 -9.07
C LEU B 569 -24.35 -21.78 -7.97
N LYS B 570 -24.69 -23.05 -8.18
CA LYS B 570 -24.25 -24.14 -7.28
C LYS B 570 -22.73 -24.32 -7.47
N GLY B 571 -22.27 -24.43 -8.71
CA GLY B 571 -20.86 -24.74 -9.00
C GLY B 571 -19.95 -23.63 -8.51
N GLU B 572 -20.47 -22.41 -8.43
CA GLU B 572 -19.77 -21.26 -7.81
C GLU B 572 -19.49 -21.58 -6.35
N SER B 573 -20.51 -22.06 -5.63
CA SER B 573 -20.42 -22.39 -4.18
C SER B 573 -19.68 -23.71 -4.01
N LEU B 574 -19.70 -24.62 -4.99
CA LEU B 574 -18.90 -25.87 -4.93
C LEU B 574 -17.48 -25.64 -5.49
N SER B 575 -17.18 -24.42 -5.93
CA SER B 575 -15.84 -23.98 -6.39
C SER B 575 -15.26 -24.94 -7.46
N LEU B 576 -16.09 -25.35 -8.41
CA LEU B 576 -15.66 -26.20 -9.57
C LEU B 576 -14.55 -25.52 -10.37
N HIS B 577 -14.34 -24.21 -10.19
CA HIS B 577 -13.33 -23.42 -10.94
C HIS B 577 -11.95 -23.57 -10.27
N SER B 578 -11.93 -23.85 -8.97
CA SER B 578 -10.71 -23.77 -8.12
C SER B 578 -9.84 -25.01 -8.31
N LEU B 579 -8.55 -24.88 -8.03
CA LEU B 579 -7.59 -26.01 -8.15
C LEU B 579 -8.04 -27.11 -7.18
N SER B 580 -8.33 -26.74 -5.92
CA SER B 580 -9.05 -27.58 -4.95
C SER B 580 -10.55 -27.24 -5.00
N GLY B 581 -11.38 -27.90 -4.19
CA GLY B 581 -12.84 -27.79 -4.30
C GLY B 581 -13.36 -28.40 -5.59
N SER B 582 -12.52 -28.48 -6.65
CA SER B 582 -12.94 -28.71 -8.06
C SER B 582 -13.56 -30.09 -8.26
N SER B 583 -13.09 -31.10 -7.54
CA SER B 583 -13.58 -32.50 -7.66
C SER B 583 -14.43 -32.84 -6.44
N SER B 584 -15.55 -32.14 -6.27
CA SER B 584 -16.51 -32.37 -5.16
C SER B 584 -17.63 -33.31 -5.64
N VAL B 585 -18.02 -33.25 -6.91
CA VAL B 585 -19.23 -33.96 -7.43
C VAL B 585 -18.90 -34.62 -8.77
N GLU B 586 -19.85 -35.33 -9.38
CA GLU B 586 -19.62 -36.35 -10.43
C GLU B 586 -19.66 -35.71 -11.82
N TRP B 587 -18.56 -35.83 -12.53
CA TRP B 587 -18.39 -35.30 -13.91
C TRP B 587 -18.78 -36.37 -14.92
N VAL B 588 -19.06 -35.94 -16.14
CA VAL B 588 -19.52 -36.84 -17.23
C VAL B 588 -18.38 -36.94 -18.25
N ARG B 589 -17.63 -38.03 -18.23
CA ARG B 589 -16.47 -38.15 -19.15
C ARG B 589 -16.94 -38.79 -20.45
N GLY B 590 -15.99 -39.09 -21.34
CA GLY B 590 -16.24 -39.76 -22.62
C GLY B 590 -17.08 -38.90 -23.55
N SER B 591 -17.97 -39.54 -24.31
CA SER B 591 -18.72 -38.91 -25.42
C SER B 591 -20.16 -38.61 -25.01
N LEU B 592 -20.51 -38.80 -23.74
CA LEU B 592 -21.80 -38.34 -23.16
C LEU B 592 -21.67 -36.85 -22.78
N MET B 593 -20.65 -36.18 -23.32
CA MET B 593 -20.40 -34.73 -23.19
C MET B 593 -21.66 -33.95 -23.54
N ALA B 594 -22.18 -33.16 -22.59
CA ALA B 594 -23.28 -32.21 -22.84
C ALA B 594 -22.92 -31.35 -24.05
N GLN B 595 -23.76 -31.38 -25.09
CA GLN B 595 -23.52 -30.60 -26.34
C GLN B 595 -24.64 -29.55 -26.47
N LYS B 596 -24.25 -28.28 -26.55
CA LYS B 596 -25.16 -27.11 -26.41
C LYS B 596 -26.24 -27.39 -25.36
N GLN B 597 -25.82 -27.75 -24.15
CA GLN B 597 -26.68 -27.78 -22.97
C GLN B 597 -26.50 -26.45 -22.26
N PRO B 598 -27.57 -25.65 -22.01
CA PRO B 598 -27.48 -24.49 -21.12
C PRO B 598 -27.11 -24.83 -19.66
N LEU B 599 -26.43 -23.89 -18.99
CA LEU B 599 -26.00 -23.99 -17.57
C LEU B 599 -25.18 -25.27 -17.41
N THR B 600 -23.98 -25.28 -17.98
CA THR B 600 -23.10 -26.46 -18.02
C THR B 600 -21.66 -26.05 -17.75
N TRP B 601 -20.96 -26.82 -16.92
CA TRP B 601 -19.52 -26.63 -16.63
C TRP B 601 -18.70 -27.60 -17.49
N TYR B 602 -17.52 -27.16 -17.91
CA TYR B 602 -16.58 -27.98 -18.70
C TYR B 602 -15.20 -27.95 -18.05
N LYS B 603 -14.42 -29.00 -18.28
CA LYS B 603 -13.19 -29.22 -17.50
C LYS B 603 -12.18 -30.10 -18.26
N ALA B 604 -11.11 -29.47 -18.73
CA ALA B 604 -9.96 -30.15 -19.36
C ALA B 604 -8.70 -29.77 -18.62
N THR B 605 -7.70 -30.64 -18.60
CA THR B 605 -6.31 -30.22 -18.30
C THR B 605 -5.47 -30.38 -19.56
N PHE B 606 -4.44 -29.56 -19.68
CA PHE B 606 -3.64 -29.42 -20.92
C PHE B 606 -2.21 -29.04 -20.53
N ASN B 607 -1.34 -28.98 -21.54
CA ASN B 607 0.10 -28.69 -21.41
C ASN B 607 0.41 -27.39 -22.13
N ALA B 608 1.33 -26.59 -21.60
CA ALA B 608 1.65 -25.22 -22.10
C ALA B 608 2.34 -25.33 -23.45
N PRO B 609 1.86 -24.61 -24.48
CA PRO B 609 2.59 -24.52 -25.75
C PRO B 609 4.00 -23.95 -25.61
N GLY B 610 4.87 -24.29 -26.57
CA GLY B 610 6.30 -23.97 -26.57
C GLY B 610 6.56 -22.48 -26.70
N GLY B 611 7.81 -22.08 -26.49
CA GLY B 611 8.29 -20.70 -26.68
C GLY B 611 7.60 -19.72 -25.75
N ASN B 612 7.55 -18.45 -26.16
CA ASN B 612 7.23 -17.33 -25.24
C ASN B 612 6.22 -16.38 -25.92
N ASP B 613 5.38 -16.90 -26.80
CA ASP B 613 4.34 -16.10 -27.50
C ASP B 613 3.15 -15.87 -26.60
N PRO B 614 2.41 -14.76 -26.81
CA PRO B 614 1.19 -14.52 -26.05
C PRO B 614 0.10 -15.53 -26.42
N LEU B 615 -0.58 -16.09 -25.43
CA LEU B 615 -1.58 -17.15 -25.64
C LEU B 615 -3.00 -16.61 -25.46
N ALA B 616 -3.95 -17.29 -26.09
CA ALA B 616 -5.37 -16.93 -25.99
C ALA B 616 -6.22 -18.17 -26.14
N LEU B 617 -7.47 -18.07 -25.71
CA LEU B 617 -8.51 -19.09 -25.94
C LEU B 617 -9.44 -18.61 -27.06
N ASP B 618 -9.53 -19.42 -28.12
CA ASP B 618 -10.55 -19.24 -29.17
C ASP B 618 -11.85 -19.84 -28.64
N MET B 619 -12.85 -19.00 -28.41
CA MET B 619 -14.12 -19.44 -27.80
C MET B 619 -15.21 -19.32 -28.84
N ALA B 620 -14.88 -19.49 -30.13
CA ALA B 620 -15.84 -19.21 -31.22
C ALA B 620 -17.02 -20.18 -31.13
N SER B 621 -16.82 -21.33 -30.48
CA SER B 621 -17.77 -22.47 -30.50
C SER B 621 -18.72 -22.40 -29.29
N MET B 622 -18.59 -21.37 -28.44
CA MET B 622 -19.34 -21.30 -27.17
C MET B 622 -20.20 -20.03 -27.18
N GLY B 623 -21.17 -19.94 -26.26
CA GLY B 623 -22.12 -18.83 -26.14
C GLY B 623 -21.67 -17.79 -25.13
N LYS B 624 -21.88 -18.06 -23.83
CA LYS B 624 -21.57 -17.10 -22.74
C LYS B 624 -21.19 -17.85 -21.47
N GLY B 625 -20.40 -17.20 -20.61
CA GLY B 625 -20.13 -17.65 -19.23
C GLY B 625 -18.83 -17.09 -18.72
N GLN B 626 -17.92 -17.96 -18.27
CA GLN B 626 -16.66 -17.54 -17.61
C GLN B 626 -15.56 -18.59 -17.80
N ILE B 627 -14.31 -18.13 -17.67
CA ILE B 627 -13.10 -18.99 -17.85
C ILE B 627 -12.23 -18.93 -16.60
N TRP B 628 -11.61 -20.05 -16.25
CA TRP B 628 -10.65 -20.14 -15.14
C TRP B 628 -9.47 -21.01 -15.55
N ILE B 629 -8.28 -20.43 -15.57
CA ILE B 629 -7.03 -21.21 -15.80
C ILE B 629 -6.34 -21.37 -14.45
N ASN B 630 -6.30 -22.60 -13.94
CA ASN B 630 -5.64 -22.92 -12.65
C ASN B 630 -6.27 -22.04 -11.56
N GLY B 631 -7.61 -22.00 -11.53
CA GLY B 631 -8.39 -21.28 -10.50
C GLY B 631 -8.31 -19.77 -10.61
N GLU B 632 -7.66 -19.23 -11.65
CA GLU B 632 -7.57 -17.77 -11.90
C GLU B 632 -8.68 -17.35 -12.85
N GLY B 633 -9.37 -16.24 -12.55
CA GLY B 633 -10.43 -15.70 -13.41
C GLY B 633 -9.85 -15.08 -14.67
N VAL B 634 -9.85 -15.80 -15.79
CA VAL B 634 -9.47 -15.24 -17.14
C VAL B 634 -10.48 -14.15 -17.51
N GLY B 635 -11.72 -14.28 -17.05
CA GLY B 635 -12.80 -13.30 -17.30
C GLY B 635 -13.96 -13.92 -18.05
N ARG B 636 -15.04 -13.16 -18.15
CA ARG B 636 -16.29 -13.56 -18.84
C ARG B 636 -15.98 -13.79 -20.31
N HIS B 637 -16.71 -14.71 -20.92
CA HIS B 637 -16.68 -14.92 -22.39
C HIS B 637 -18.10 -14.69 -22.90
N TRP B 638 -18.23 -14.11 -24.07
CA TRP B 638 -19.56 -13.77 -24.61
C TRP B 638 -19.45 -13.67 -26.13
N PRO B 639 -18.86 -14.69 -26.80
CA PRO B 639 -18.69 -14.67 -28.26
C PRO B 639 -20.02 -14.82 -29.01
N GLY B 640 -21.09 -15.21 -28.32
CA GLY B 640 -22.45 -15.33 -28.87
C GLY B 640 -23.04 -13.99 -29.24
N TYR B 641 -22.59 -12.91 -28.61
CA TYR B 641 -23.04 -11.55 -28.98
C TYR B 641 -22.27 -11.12 -30.22
N ILE B 642 -22.96 -10.87 -31.32
CA ILE B 642 -22.29 -10.51 -32.59
C ILE B 642 -22.18 -8.99 -32.64
N ALA B 643 -20.99 -8.50 -32.98
CA ALA B 643 -20.73 -7.06 -33.20
C ALA B 643 -21.74 -6.54 -34.20
N GLN B 644 -22.53 -5.55 -33.83
CA GLN B 644 -23.34 -4.78 -34.82
C GLN B 644 -22.91 -3.31 -34.79
N GLY B 645 -22.21 -2.87 -35.83
CA GLY B 645 -21.80 -1.46 -35.99
C GLY B 645 -21.86 -1.01 -37.44
N ASP B 646 -21.61 0.29 -37.68
CA ASP B 646 -21.36 0.88 -39.02
C ASP B 646 -19.85 0.84 -39.26
N CYS B 647 -19.40 0.01 -40.19
CA CYS B 647 -17.96 -0.28 -40.38
C CYS B 647 -17.60 -0.01 -41.83
N SER B 648 -17.95 1.19 -42.31
CA SER B 648 -17.32 1.79 -43.52
C SER B 648 -15.79 1.76 -43.36
N LYS B 649 -15.08 1.69 -44.47
CA LYS B 649 -13.60 1.83 -44.49
C LYS B 649 -13.26 3.24 -44.01
N CYS B 650 -12.03 3.41 -43.52
CA CYS B 650 -11.61 4.63 -42.81
C CYS B 650 -10.52 5.38 -43.57
N SER B 651 -10.60 6.71 -43.57
CA SER B 651 -9.53 7.65 -43.99
C SER B 651 -8.98 8.37 -42.75
N TYR B 652 -7.65 8.46 -42.63
CA TYR B 652 -6.97 8.99 -41.43
C TYR B 652 -7.39 10.45 -41.18
N ALA B 653 -7.67 11.19 -42.26
CA ALA B 653 -7.86 12.66 -42.24
C ALA B 653 -9.27 13.04 -41.79
N GLY B 654 -9.42 14.24 -41.23
CA GLY B 654 -10.70 14.78 -40.74
C GLY B 654 -10.93 14.52 -39.25
N THR B 655 -11.73 15.38 -38.62
CA THR B 655 -12.05 15.25 -37.16
C THR B 655 -12.57 13.85 -36.93
N PHE B 656 -12.05 13.21 -35.90
CA PHE B 656 -12.30 11.80 -35.55
C PHE B 656 -13.40 11.75 -34.50
N ASN B 657 -14.27 10.77 -34.65
CA ASN B 657 -15.27 10.41 -33.60
C ASN B 657 -15.06 8.94 -33.31
N GLU B 658 -15.64 8.46 -32.20
CA GLU B 658 -15.31 7.11 -31.70
C GLU B 658 -15.92 6.06 -32.60
N LYS B 659 -16.59 6.43 -33.69
CA LYS B 659 -17.13 5.44 -34.65
C LYS B 659 -16.39 5.48 -35.99
N LYS B 660 -15.48 6.44 -36.23
CA LYS B 660 -14.95 6.74 -37.59
C LYS B 660 -14.29 5.51 -38.21
N CYS B 661 -13.41 4.81 -37.48
CA CYS B 661 -12.87 3.51 -37.93
C CYS B 661 -13.43 2.39 -37.06
N GLN B 662 -14.34 1.59 -37.59
CA GLN B 662 -14.88 0.43 -36.85
C GLN B 662 -14.63 -0.83 -37.69
N THR B 663 -14.19 -1.89 -37.03
CA THR B 663 -13.85 -3.17 -37.69
C THR B 663 -14.62 -4.30 -36.99
N ASN B 664 -14.60 -5.49 -37.61
CA ASN B 664 -15.05 -6.78 -37.01
C ASN B 664 -16.56 -6.73 -36.78
N CYS B 665 -17.34 -6.79 -37.86
CA CYS B 665 -18.81 -6.59 -37.85
C CYS B 665 -19.44 -7.79 -38.56
N GLY B 666 -20.28 -8.53 -37.85
CA GLY B 666 -20.75 -9.86 -38.25
C GLY B 666 -19.84 -10.94 -37.71
N GLN B 667 -18.83 -10.56 -36.93
CA GLN B 667 -18.02 -11.53 -36.14
C GLN B 667 -18.38 -11.38 -34.67
N PRO B 668 -18.11 -12.41 -33.83
CA PRO B 668 -18.20 -12.27 -32.38
C PRO B 668 -17.43 -11.04 -31.89
N SER B 669 -18.02 -10.25 -30.99
CA SER B 669 -17.43 -8.96 -30.55
C SER B 669 -16.16 -9.23 -29.73
N GLN B 670 -16.04 -10.41 -29.14
CA GLN B 670 -14.71 -10.92 -28.67
C GLN B 670 -14.68 -12.42 -28.91
N ARG B 671 -13.84 -12.87 -29.83
CA ARG B 671 -13.66 -14.31 -30.13
C ARG B 671 -12.54 -14.80 -29.22
N TRP B 672 -11.42 -14.11 -29.23
CA TRP B 672 -10.24 -14.61 -28.49
C TRP B 672 -10.26 -14.08 -27.06
N TYR B 673 -9.91 -14.95 -26.13
CA TYR B 673 -9.86 -14.61 -24.70
C TYR B 673 -8.44 -14.82 -24.18
N HIS B 674 -7.87 -13.73 -23.67
CA HIS B 674 -6.44 -13.61 -23.33
C HIS B 674 -6.13 -14.55 -22.15
N VAL B 675 -5.13 -15.41 -22.33
CA VAL B 675 -4.58 -16.26 -21.25
C VAL B 675 -3.16 -15.77 -20.98
N PRO B 676 -2.92 -15.06 -19.85
CA PRO B 676 -1.57 -14.76 -19.39
C PRO B 676 -0.62 -15.96 -19.39
N ARG B 677 0.56 -15.79 -19.99
CA ARG B 677 1.60 -16.85 -20.07
C ARG B 677 1.98 -17.26 -18.65
N SER B 678 2.03 -16.29 -17.73
CA SER B 678 2.52 -16.48 -16.34
C SER B 678 1.50 -17.24 -15.46
N TRP B 679 0.30 -17.53 -15.95
CA TRP B 679 -0.67 -18.34 -15.18
C TRP B 679 -0.49 -19.83 -15.51
N LEU B 680 0.33 -20.15 -16.51
CA LEU B 680 0.50 -21.54 -16.99
C LEU B 680 1.78 -22.11 -16.40
N LYS B 681 1.77 -23.42 -16.15
CA LYS B 681 2.99 -24.25 -15.95
C LYS B 681 3.09 -25.21 -17.14
N PRO B 682 4.24 -25.89 -17.31
CA PRO B 682 4.42 -26.87 -18.39
C PRO B 682 3.32 -27.94 -18.49
N SER B 683 3.06 -28.72 -17.45
CA SER B 683 2.07 -29.84 -17.51
C SER B 683 0.97 -29.63 -16.47
N GLY B 684 -0.17 -30.27 -16.65
CA GLY B 684 -1.26 -30.34 -15.66
C GLY B 684 -1.90 -28.98 -15.37
N ASN B 685 -1.96 -28.10 -16.38
CA ASN B 685 -2.79 -26.86 -16.31
C ASN B 685 -4.26 -27.23 -16.29
N LEU B 686 -5.04 -26.59 -15.42
CA LEU B 686 -6.49 -26.84 -15.29
C LEU B 686 -7.29 -25.76 -16.00
N LEU B 687 -8.23 -26.17 -16.85
CA LEU B 687 -9.15 -25.26 -17.59
C LEU B 687 -10.60 -25.64 -17.23
N VAL B 688 -11.29 -24.70 -16.59
CA VAL B 688 -12.73 -24.84 -16.25
C VAL B 688 -13.48 -23.68 -16.89
N VAL B 689 -14.55 -24.01 -17.60
CA VAL B 689 -15.44 -23.02 -18.25
C VAL B 689 -16.83 -23.22 -17.70
N PHE B 690 -17.49 -22.13 -17.33
CA PHE B 690 -18.96 -22.13 -17.20
C PHE B 690 -19.56 -21.65 -18.51
N GLU B 691 -20.41 -22.49 -19.13
CA GLU B 691 -21.16 -22.09 -20.35
C GLU B 691 -22.58 -21.72 -19.93
N GLU B 692 -22.93 -20.45 -20.03
CA GLU B 692 -24.25 -19.93 -19.61
C GLU B 692 -25.27 -20.29 -20.69
N TRP B 693 -24.87 -20.19 -21.96
CA TRP B 693 -25.84 -20.17 -23.07
C TRP B 693 -26.00 -21.57 -23.67
N GLY B 694 -24.88 -22.21 -23.97
CA GLY B 694 -24.81 -23.47 -24.71
C GLY B 694 -23.73 -23.33 -25.74
N GLY B 695 -23.01 -24.42 -26.03
CA GLY B 695 -21.92 -24.41 -27.02
C GLY B 695 -21.25 -25.75 -27.11
N ASN B 696 -20.15 -25.81 -27.84
CA ASN B 696 -19.43 -27.08 -28.10
C ASN B 696 -17.99 -26.94 -27.60
N PRO B 697 -17.61 -27.61 -26.50
CA PRO B 697 -16.23 -27.51 -26.01
C PRO B 697 -15.17 -28.11 -26.95
N THR B 698 -15.51 -29.17 -27.70
CA THR B 698 -14.53 -29.89 -28.55
C THR B 698 -13.85 -28.91 -29.52
N GLY B 699 -14.51 -27.78 -29.83
CA GLY B 699 -13.99 -26.74 -30.75
C GLY B 699 -13.22 -25.64 -30.03
N ILE B 700 -13.10 -25.68 -28.69
CA ILE B 700 -12.32 -24.68 -27.91
C ILE B 700 -10.83 -24.93 -28.19
N SER B 701 -10.12 -23.96 -28.74
CA SER B 701 -8.72 -24.14 -29.17
C SER B 701 -7.83 -23.07 -28.55
N LEU B 702 -6.74 -23.52 -27.95
CA LEU B 702 -5.65 -22.62 -27.47
C LEU B 702 -4.87 -22.19 -28.71
N VAL B 703 -4.80 -20.88 -28.94
CA VAL B 703 -4.08 -20.29 -30.10
C VAL B 703 -2.99 -19.34 -29.60
N ARG B 704 -2.04 -19.04 -30.47
CA ARG B 704 -0.84 -18.24 -30.13
C ARG B 704 -0.66 -17.12 -31.15
N ARG B 705 -0.39 -15.93 -30.64
CA ARG B 705 -0.42 -14.62 -31.34
C ARG B 705 0.94 -14.38 -32.00
N SER B 706 0.93 -13.90 -33.23
CA SER B 706 2.12 -13.27 -33.88
C SER B 706 1.70 -12.09 -34.76
N ARG B 707 2.63 -11.18 -35.00
CA ARG B 707 2.37 -9.91 -35.71
C ARG B 707 3.47 -9.65 -36.75
N SER B 708 3.50 -10.41 -37.84
CA SER B 708 4.44 -10.17 -38.96
C SER B 708 3.93 -9.00 -39.81
N ALA B 709 4.84 -8.20 -40.35
CA ALA B 709 4.58 -7.19 -41.41
C ALA B 709 4.10 -7.88 -42.70
C1 NAG C . 17.15 33.88 12.23
C2 NAG C . 16.76 33.95 10.77
C3 NAG C . 16.65 35.37 10.31
C4 NAG C . 15.80 36.21 11.23
C5 NAG C . 16.22 36.05 12.68
C6 NAG C . 15.28 36.67 13.69
C7 NAG C . 17.46 32.62 8.84
C8 NAG C . 18.59 31.92 8.13
N2 NAG C . 17.75 33.27 9.95
O3 NAG C . 16.05 35.34 9.03
O4 NAG C . 15.95 37.57 10.79
O5 NAG C . 16.27 34.68 13.03
O6 NAG C . 13.99 36.12 13.52
O7 NAG C . 16.33 32.55 8.42
C1 NAG C . 14.68 38.24 10.75
C2 NAG C . 14.80 39.65 11.31
C3 NAG C . 13.39 40.12 11.59
C4 NAG C . 12.70 40.23 10.23
C5 NAG C . 12.79 38.90 9.45
C6 NAG C . 12.31 39.04 8.00
C7 NAG C . 16.93 40.26 12.33
C8 NAG C . 17.72 40.38 13.61
N2 NAG C . 15.68 39.78 12.46
O3 NAG C . 13.42 41.36 12.32
O4 NAG C . 11.33 40.64 10.43
O5 NAG C . 14.13 38.37 9.44
O6 NAG C . 12.73 37.91 7.22
O7 NAG C . 17.40 40.60 11.27
C1 GAL D . 6.08 10.94 11.72
C2 GAL D . 6.33 10.65 13.20
C3 GAL D . 7.48 9.66 13.39
C4 GAL D . 7.30 8.46 12.46
C5 GAL D . 7.16 8.93 11.03
C6 GAL D . 6.98 7.80 10.04
O1 GAL D . 4.93 11.72 11.55
O2 GAL D . 6.63 11.86 13.91
O3 GAL D . 7.48 9.26 14.77
O4 GAL D . 6.12 7.76 12.79
O5 GAL D . 5.97 9.73 10.96
O6 GAL D . 6.81 8.30 8.71
C1 GAL D . 8.74 9.07 15.37
C2 GAL D . 8.63 9.18 16.89
C3 GAL D . 9.80 8.53 17.65
C4 GAL D . 10.35 7.28 16.95
C5 GAL D . 10.54 7.56 15.48
C6 GAL D . 11.13 6.43 14.68
O2 GAL D . 8.53 10.55 17.27
O3 GAL D . 9.39 8.22 18.99
O4 GAL D . 9.44 6.19 17.10
O5 GAL D . 9.25 7.81 14.96
O6 GAL D . 12.43 6.10 15.15
C1 NAG E . 1.19 30.23 -25.51
C2 NAG E . 0.24 31.16 -26.29
C3 NAG E . 0.62 32.64 -26.16
C4 NAG E . 0.81 33.06 -24.70
C5 NAG E . 1.76 32.10 -23.99
C6 NAG E . 1.80 32.34 -22.49
C7 NAG E . -0.95 30.19 -28.22
C8 NAG E . -0.91 29.88 -29.68
N2 NAG E . 0.12 30.79 -27.70
O3 NAG E . -0.42 33.44 -26.74
O4 NAG E . 1.35 34.39 -24.65
O5 NAG E . 1.38 30.73 -24.19
O6 NAG E . 0.51 32.18 -21.89
O7 NAG E . -1.91 29.88 -27.56
C1 NAG E . 0.43 35.45 -24.27
C2 NAG E . 1.26 36.45 -23.47
C3 NAG E . 0.49 37.73 -23.23
C4 NAG E . -0.02 38.30 -24.55
C5 NAG E . -0.93 37.27 -25.21
C6 NAG E . -1.44 37.69 -26.59
C7 NAG E . 3.03 35.49 -22.01
C8 NAG E . 3.38 34.85 -20.69
N2 NAG E . 1.75 35.85 -22.22
O3 NAG E . 1.35 38.68 -22.59
O4 NAG E . -0.72 39.54 -24.36
O5 NAG E . -0.21 36.05 -25.41
O6 NAG E . -1.36 39.11 -26.78
O7 NAG E . 3.91 35.64 -22.83
C1 GAL F . -17.35 12.68 -21.64
C2 GAL F . -16.94 11.69 -20.57
C3 GAL F . -15.97 10.72 -21.20
C4 GAL F . -16.62 9.96 -22.35
C5 GAL F . -17.33 10.92 -23.33
C6 GAL F . -18.30 10.21 -24.24
O1 GAL F . -18.10 13.71 -21.07
O2 GAL F . -16.34 12.34 -19.45
O3 GAL F . -15.55 9.80 -20.19
O4 GAL F . -17.55 9.01 -21.83
O5 GAL F . -18.08 11.96 -22.65
O6 GAL F . -18.44 10.89 -25.48
C1 GAL F . -14.25 9.31 -20.39
C2 GAL F . -13.56 9.24 -19.03
C3 GAL F . -12.24 8.45 -19.09
C4 GAL F . -12.30 7.20 -19.96
C5 GAL F . -13.06 7.44 -21.28
C6 GAL F . -13.37 6.20 -22.08
O2 GAL F . -13.37 10.58 -18.56
O3 GAL F . -11.89 8.09 -17.75
O4 GAL F . -12.94 6.18 -19.21
O5 GAL F . -14.34 8.03 -21.01
O6 GAL F . -12.22 5.40 -22.38
C1 NAG G . -13.41 -10.55 25.07
C2 NAG G . -14.60 -10.86 24.15
C3 NAG G . -15.91 -11.02 24.95
C4 NAG G . -15.73 -11.88 26.21
C5 NAG G . -14.46 -11.45 26.96
C6 NAG G . -14.21 -12.24 28.26
C7 NAG G . -14.04 -9.68 22.01
C8 NAG G . -13.06 -10.72 21.58
N2 NAG G . -14.73 -9.80 23.16
O3 NAG G . -16.93 -11.62 24.14
O4 NAG G . -16.87 -11.69 27.05
O5 NAG G . -13.34 -11.55 26.09
O6 NAG G . -13.16 -13.22 28.07
O7 NAG G . -14.16 -8.71 21.30
C1 NAG H . -33.00 -4.96 -0.37
C2 NAG H . -34.48 -5.17 -0.70
C3 NAG H . -35.31 -4.78 0.53
C4 NAG H . -34.90 -5.72 1.68
C5 NAG H . -33.36 -5.72 1.86
C6 NAG H . -32.85 -6.79 2.80
C7 NAG H . -34.98 -3.26 -2.22
C8 NAG H . -35.37 -2.87 -3.63
N2 NAG H . -34.91 -4.57 -1.98
O3 NAG H . -36.70 -4.91 0.22
O4 NAG H . -35.60 -5.38 2.91
O5 NAG H . -32.65 -5.92 0.63
O6 NAG H . -31.42 -6.78 2.77
O7 NAG H . -34.74 -2.42 -1.37
#